data_5OR8
# 
_entry.id   5OR8 
# 
_audit_conform.dict_name       mmcif_pdbx.dic 
_audit_conform.dict_version    5.383 
_audit_conform.dict_location   http://mmcif.pdb.org/dictionaries/ascii/mmcif_pdbx.dic 
# 
loop_
_database_2.database_id 
_database_2.database_code 
_database_2.pdbx_database_accession 
_database_2.pdbx_DOI 
PDB   5OR8         pdb_00005or8 10.2210/pdb5or8/pdb 
WWPDB D_1200006204 ?            ?                   
# 
loop_
_pdbx_audit_revision_history.ordinal 
_pdbx_audit_revision_history.data_content_type 
_pdbx_audit_revision_history.major_revision 
_pdbx_audit_revision_history.minor_revision 
_pdbx_audit_revision_history.revision_date 
1 'Structure model' 1 0 2017-09-13 
2 'Structure model' 1 1 2017-11-01 
3 'Structure model' 1 2 2024-01-17 
# 
_pdbx_audit_revision_details.ordinal             1 
_pdbx_audit_revision_details.revision_ordinal    1 
_pdbx_audit_revision_details.data_content_type   'Structure model' 
_pdbx_audit_revision_details.provider            repository 
_pdbx_audit_revision_details.type                'Initial release' 
_pdbx_audit_revision_details.description         ? 
_pdbx_audit_revision_details.details             ? 
# 
loop_
_pdbx_audit_revision_group.ordinal 
_pdbx_audit_revision_group.revision_ordinal 
_pdbx_audit_revision_group.data_content_type 
_pdbx_audit_revision_group.group 
1 2 'Structure model' 'Database references'    
2 3 'Structure model' 'Data collection'        
3 3 'Structure model' 'Database references'    
4 3 'Structure model' 'Refinement description' 
# 
loop_
_pdbx_audit_revision_category.ordinal 
_pdbx_audit_revision_category.revision_ordinal 
_pdbx_audit_revision_category.data_content_type 
_pdbx_audit_revision_category.category 
1 2 'Structure model' citation                      
2 2 'Structure model' citation_author               
3 3 'Structure model' chem_comp_atom                
4 3 'Structure model' chem_comp_bond                
5 3 'Structure model' database_2                    
6 3 'Structure model' pdbx_initial_refinement_model 
# 
loop_
_pdbx_audit_revision_item.ordinal 
_pdbx_audit_revision_item.revision_ordinal 
_pdbx_audit_revision_item.data_content_type 
_pdbx_audit_revision_item.item 
1 2 'Structure model' '_citation.journal_volume'            
2 2 'Structure model' '_citation.page_first'                
3 2 'Structure model' '_citation.page_last'                 
4 2 'Structure model' '_citation_author.name'               
5 3 'Structure model' '_database_2.pdbx_DOI'                
6 3 'Structure model' '_database_2.pdbx_database_accession' 
# 
_pdbx_database_status.status_code                     REL 
_pdbx_database_status.status_code_sf                  REL 
_pdbx_database_status.status_code_mr                  ? 
_pdbx_database_status.entry_id                        5OR8 
_pdbx_database_status.recvd_initial_deposition_date   2017-08-15 
_pdbx_database_status.SG_entry                        N 
_pdbx_database_status.deposit_site                    PDBE 
_pdbx_database_status.process_site                    PDBE 
_pdbx_database_status.status_code_cs                  ? 
_pdbx_database_status.methods_development_category    ? 
_pdbx_database_status.pdb_format_compatible           Y 
_pdbx_database_status.status_code_nmr_data            ? 
# 
loop_
_audit_author.name 
_audit_author.pdbx_ordinal 
_audit_author.identifier_ORCID 
'Lolli, G.'        1 ? 
'Dalle Vedove, A.' 2 ? 
'Marchand, J.-R.'  3 ? 
'Caflisch, A.'     4 ? 
# 
_citation.abstract                  ? 
_citation.abstract_id_CAS           ? 
_citation.book_id_ISBN              ? 
_citation.book_publisher            ? 
_citation.book_publisher_city       ? 
_citation.book_title                ? 
_citation.coordinate_linkage        ? 
_citation.country                   US 
_citation.database_id_Medline       ? 
_citation.details                   ? 
_citation.id                        primary 
_citation.journal_abbrev            'J Chem Inf Model' 
_citation.journal_id_ASTM           ? 
_citation.journal_id_CSD            ? 
_citation.journal_id_ISSN           1549-960X 
_citation.journal_full              ? 
_citation.journal_issue             ? 
_citation.journal_volume            57 
_citation.language                  ? 
_citation.page_first                2584 
_citation.page_last                 2597 
_citation.title                     'Discovery of Inhibitors of Four Bromodomains by Fragment-Anchored Ligand Docking.' 
_citation.year                      2017 
_citation.database_id_CSD           ? 
_citation.pdbx_database_id_DOI      10.1021/acs.jcim.7b00336 
_citation.pdbx_database_id_PubMed   28862840 
_citation.unpublished_flag          ? 
# 
loop_
_citation_author.citation_id 
_citation_author.name 
_citation_author.ordinal 
_citation_author.identifier_ORCID 
primary 'Marchand, J.R.'   1 ? 
primary 'Dalle Vedove, A.' 2 ? 
primary 'Lolli, G.'        3 ? 
primary 'Caflisch, A.'     4 ? 
# 
loop_
_entity.id 
_entity.type 
_entity.src_method 
_entity.pdbx_description 
_entity.formula_weight 
_entity.pdbx_number_of_molecules 
_entity.pdbx_ec 
_entity.pdbx_mutation 
_entity.pdbx_fragment 
_entity.details 
1 polymer     man 'Bromodomain adjacent to zinc finger domain protein 2A'                                     12509.048 1  ? 
'First two residues SM derive from the expression tag' 'Bromodomain, UNP residues 1796-1899' 
'First two residues SM derive from the expression tag' 
2 non-polymer syn '~{N}-[(4-fluorophenyl)methyl]-1,3,6-trimethyl-2-oxidanylidene-benzimidazole-5-sulfonamide' 363.407   1  ? ? ? ? 
3 water       nat water                                                                                       18.015    49 ? ? ? ? 
# 
_entity_name_com.entity_id   1 
_entity_name_com.name        'Transcription termination factor I-interacting protein 5,Tip5,hWALp3' 
# 
_entity_poly.entity_id                      1 
_entity_poly.type                           'polypeptide(L)' 
_entity_poly.nstd_linkage                   no 
_entity_poly.nstd_monomer                   no 
_entity_poly.pdbx_seq_one_letter_code       
;SMHSDLTFCEIILMEMESHDAAWPFLEPVNPRLVSGYRRIIKNPMDFSTMRERLLRGGYTSSEEFAADALLVFDNCQTFN
EDDSEVGKAGHIMRRFFESRWEEFYQ
;
_entity_poly.pdbx_seq_one_letter_code_can   
;SMHSDLTFCEIILMEMESHDAAWPFLEPVNPRLVSGYRRIIKNPMDFSTMRERLLRGGYTSSEEFAADALLVFDNCQTFN
EDDSEVGKAGHIMRRFFESRWEEFYQ
;
_entity_poly.pdbx_strand_id                 A 
_entity_poly.pdbx_target_identifier         ? 
# 
loop_
_pdbx_entity_nonpoly.entity_id 
_pdbx_entity_nonpoly.name 
_pdbx_entity_nonpoly.comp_id 
2 '~{N}-[(4-fluorophenyl)methyl]-1,3,6-trimethyl-2-oxidanylidene-benzimidazole-5-sulfonamide' JR4 
3 water                                                                                       HOH 
# 
loop_
_entity_poly_seq.entity_id 
_entity_poly_seq.num 
_entity_poly_seq.mon_id 
_entity_poly_seq.hetero 
1 1   SER n 
1 2   MET n 
1 3   HIS n 
1 4   SER n 
1 5   ASP n 
1 6   LEU n 
1 7   THR n 
1 8   PHE n 
1 9   CYS n 
1 10  GLU n 
1 11  ILE n 
1 12  ILE n 
1 13  LEU n 
1 14  MET n 
1 15  GLU n 
1 16  MET n 
1 17  GLU n 
1 18  SER n 
1 19  HIS n 
1 20  ASP n 
1 21  ALA n 
1 22  ALA n 
1 23  TRP n 
1 24  PRO n 
1 25  PHE n 
1 26  LEU n 
1 27  GLU n 
1 28  PRO n 
1 29  VAL n 
1 30  ASN n 
1 31  PRO n 
1 32  ARG n 
1 33  LEU n 
1 34  VAL n 
1 35  SER n 
1 36  GLY n 
1 37  TYR n 
1 38  ARG n 
1 39  ARG n 
1 40  ILE n 
1 41  ILE n 
1 42  LYS n 
1 43  ASN n 
1 44  PRO n 
1 45  MET n 
1 46  ASP n 
1 47  PHE n 
1 48  SER n 
1 49  THR n 
1 50  MET n 
1 51  ARG n 
1 52  GLU n 
1 53  ARG n 
1 54  LEU n 
1 55  LEU n 
1 56  ARG n 
1 57  GLY n 
1 58  GLY n 
1 59  TYR n 
1 60  THR n 
1 61  SER n 
1 62  SER n 
1 63  GLU n 
1 64  GLU n 
1 65  PHE n 
1 66  ALA n 
1 67  ALA n 
1 68  ASP n 
1 69  ALA n 
1 70  LEU n 
1 71  LEU n 
1 72  VAL n 
1 73  PHE n 
1 74  ASP n 
1 75  ASN n 
1 76  CYS n 
1 77  GLN n 
1 78  THR n 
1 79  PHE n 
1 80  ASN n 
1 81  GLU n 
1 82  ASP n 
1 83  ASP n 
1 84  SER n 
1 85  GLU n 
1 86  VAL n 
1 87  GLY n 
1 88  LYS n 
1 89  ALA n 
1 90  GLY n 
1 91  HIS n 
1 92  ILE n 
1 93  MET n 
1 94  ARG n 
1 95  ARG n 
1 96  PHE n 
1 97  PHE n 
1 98  GLU n 
1 99  SER n 
1 100 ARG n 
1 101 TRP n 
1 102 GLU n 
1 103 GLU n 
1 104 PHE n 
1 105 TYR n 
1 106 GLN n 
# 
_entity_src_gen.entity_id                          1 
_entity_src_gen.pdbx_src_id                        1 
_entity_src_gen.pdbx_alt_source_flag               sample 
_entity_src_gen.pdbx_seq_type                      'Biological sequence' 
_entity_src_gen.pdbx_beg_seq_num                   1 
_entity_src_gen.pdbx_end_seq_num                   106 
_entity_src_gen.gene_src_common_name               Human 
_entity_src_gen.gene_src_genus                     ? 
_entity_src_gen.pdbx_gene_src_gene                 'BAZ2A, KIAA0314, TIP5' 
_entity_src_gen.gene_src_species                   ? 
_entity_src_gen.gene_src_strain                    ? 
_entity_src_gen.gene_src_tissue                    ? 
_entity_src_gen.gene_src_tissue_fraction           ? 
_entity_src_gen.gene_src_details                   ? 
_entity_src_gen.pdbx_gene_src_fragment             ? 
_entity_src_gen.pdbx_gene_src_scientific_name      'Homo sapiens' 
_entity_src_gen.pdbx_gene_src_ncbi_taxonomy_id     9606 
_entity_src_gen.pdbx_gene_src_variant              ? 
_entity_src_gen.pdbx_gene_src_cell_line            ? 
_entity_src_gen.pdbx_gene_src_atcc                 ? 
_entity_src_gen.pdbx_gene_src_organ                ? 
_entity_src_gen.pdbx_gene_src_organelle            ? 
_entity_src_gen.pdbx_gene_src_cell                 ? 
_entity_src_gen.pdbx_gene_src_cellular_location    ? 
_entity_src_gen.host_org_common_name               ? 
_entity_src_gen.pdbx_host_org_scientific_name      'Escherichia coli' 
_entity_src_gen.pdbx_host_org_ncbi_taxonomy_id     562 
_entity_src_gen.host_org_genus                     ? 
_entity_src_gen.pdbx_host_org_gene                 ? 
_entity_src_gen.pdbx_host_org_organ                ? 
_entity_src_gen.host_org_species                   ? 
_entity_src_gen.pdbx_host_org_tissue               ? 
_entity_src_gen.pdbx_host_org_tissue_fraction      ? 
_entity_src_gen.pdbx_host_org_strain               ? 
_entity_src_gen.pdbx_host_org_variant              ? 
_entity_src_gen.pdbx_host_org_cell_line            ? 
_entity_src_gen.pdbx_host_org_atcc                 ? 
_entity_src_gen.pdbx_host_org_culture_collection   ? 
_entity_src_gen.pdbx_host_org_cell                 ? 
_entity_src_gen.pdbx_host_org_organelle            ? 
_entity_src_gen.pdbx_host_org_cellular_location    ? 
_entity_src_gen.pdbx_host_org_vector_type          ? 
_entity_src_gen.pdbx_host_org_vector               ? 
_entity_src_gen.host_org_details                   ? 
_entity_src_gen.expression_system_id               ? 
_entity_src_gen.plasmid_name                       ? 
_entity_src_gen.plasmid_details                    ? 
_entity_src_gen.pdbx_description                   ? 
# 
loop_
_chem_comp.id 
_chem_comp.type 
_chem_comp.mon_nstd_flag 
_chem_comp.name 
_chem_comp.pdbx_synonyms 
_chem_comp.formula 
_chem_comp.formula_weight 
ALA 'L-peptide linking' y ALANINE                                                                                     ? 
'C3 H7 N O2'        89.093  
ARG 'L-peptide linking' y ARGININE                                                                                    ? 
'C6 H15 N4 O2 1'    175.209 
ASN 'L-peptide linking' y ASPARAGINE                                                                                  ? 
'C4 H8 N2 O3'       132.118 
ASP 'L-peptide linking' y 'ASPARTIC ACID'                                                                             ? 
'C4 H7 N O4'        133.103 
CYS 'L-peptide linking' y CYSTEINE                                                                                    ? 
'C3 H7 N O2 S'      121.158 
GLN 'L-peptide linking' y GLUTAMINE                                                                                   ? 
'C5 H10 N2 O3'      146.144 
GLU 'L-peptide linking' y 'GLUTAMIC ACID'                                                                             ? 
'C5 H9 N O4'        147.129 
GLY 'peptide linking'   y GLYCINE                                                                                     ? 
'C2 H5 N O2'        75.067  
HIS 'L-peptide linking' y HISTIDINE                                                                                   ? 
'C6 H10 N3 O2 1'    156.162 
HOH non-polymer         . WATER                                                                                       ? 'H2 O' 
18.015  
ILE 'L-peptide linking' y ISOLEUCINE                                                                                  ? 
'C6 H13 N O2'       131.173 
JR4 non-polymer         . '~{N}-[(4-fluorophenyl)methyl]-1,3,6-trimethyl-2-oxidanylidene-benzimidazole-5-sulfonamide' ? 
'C17 H18 F N3 O3 S' 363.407 
LEU 'L-peptide linking' y LEUCINE                                                                                     ? 
'C6 H13 N O2'       131.173 
LYS 'L-peptide linking' y LYSINE                                                                                      ? 
'C6 H15 N2 O2 1'    147.195 
MET 'L-peptide linking' y METHIONINE                                                                                  ? 
'C5 H11 N O2 S'     149.211 
PHE 'L-peptide linking' y PHENYLALANINE                                                                               ? 
'C9 H11 N O2'       165.189 
PRO 'L-peptide linking' y PROLINE                                                                                     ? 
'C5 H9 N O2'        115.130 
SER 'L-peptide linking' y SERINE                                                                                      ? 
'C3 H7 N O3'        105.093 
THR 'L-peptide linking' y THREONINE                                                                                   ? 
'C4 H9 N O3'        119.119 
TRP 'L-peptide linking' y TRYPTOPHAN                                                                                  ? 
'C11 H12 N2 O2'     204.225 
TYR 'L-peptide linking' y TYROSINE                                                                                    ? 
'C9 H11 N O3'       181.189 
VAL 'L-peptide linking' y VALINE                                                                                      ? 
'C5 H11 N O2'       117.146 
# 
loop_
_pdbx_poly_seq_scheme.asym_id 
_pdbx_poly_seq_scheme.entity_id 
_pdbx_poly_seq_scheme.seq_id 
_pdbx_poly_seq_scheme.mon_id 
_pdbx_poly_seq_scheme.ndb_seq_num 
_pdbx_poly_seq_scheme.pdb_seq_num 
_pdbx_poly_seq_scheme.auth_seq_num 
_pdbx_poly_seq_scheme.pdb_mon_id 
_pdbx_poly_seq_scheme.auth_mon_id 
_pdbx_poly_seq_scheme.pdb_strand_id 
_pdbx_poly_seq_scheme.pdb_ins_code 
_pdbx_poly_seq_scheme.hetero 
A 1 1   SER 1   1794 ?    ?   ?   A . n 
A 1 2   MET 2   1795 ?    ?   ?   A . n 
A 1 3   HIS 3   1796 1796 HIS HIS A . n 
A 1 4   SER 4   1797 1797 SER SER A . n 
A 1 5   ASP 5   1798 1798 ASP ASP A . n 
A 1 6   LEU 6   1799 1799 LEU LEU A . n 
A 1 7   THR 7   1800 1800 THR THR A . n 
A 1 8   PHE 8   1801 1801 PHE PHE A . n 
A 1 9   CYS 9   1802 1802 CYS CYS A . n 
A 1 10  GLU 10  1803 1803 GLU GLU A . n 
A 1 11  ILE 11  1804 1804 ILE ILE A . n 
A 1 12  ILE 12  1805 1805 ILE ILE A . n 
A 1 13  LEU 13  1806 1806 LEU LEU A . n 
A 1 14  MET 14  1807 1807 MET MET A . n 
A 1 15  GLU 15  1808 1808 GLU GLU A . n 
A 1 16  MET 16  1809 1809 MET MET A . n 
A 1 17  GLU 17  1810 1810 GLU GLU A . n 
A 1 18  SER 18  1811 1811 SER SER A . n 
A 1 19  HIS 19  1812 1812 HIS HIS A . n 
A 1 20  ASP 20  1813 1813 ASP ASP A . n 
A 1 21  ALA 21  1814 1814 ALA ALA A . n 
A 1 22  ALA 22  1815 1815 ALA ALA A . n 
A 1 23  TRP 23  1816 1816 TRP TRP A . n 
A 1 24  PRO 24  1817 1817 PRO PRO A . n 
A 1 25  PHE 25  1818 1818 PHE PHE A . n 
A 1 26  LEU 26  1819 1819 LEU LEU A . n 
A 1 27  GLU 27  1820 1820 GLU GLU A . n 
A 1 28  PRO 28  1821 1821 PRO PRO A . n 
A 1 29  VAL 29  1822 1822 VAL VAL A . n 
A 1 30  ASN 30  1823 1823 ASN ASN A . n 
A 1 31  PRO 31  1824 1824 PRO PRO A . n 
A 1 32  ARG 32  1825 1825 ARG ARG A . n 
A 1 33  LEU 33  1826 1826 LEU LEU A . n 
A 1 34  VAL 34  1827 1827 VAL VAL A . n 
A 1 35  SER 35  1828 1828 SER SER A . n 
A 1 36  GLY 36  1829 1829 GLY GLY A . n 
A 1 37  TYR 37  1830 1830 TYR TYR A . n 
A 1 38  ARG 38  1831 1831 ARG ARG A . n 
A 1 39  ARG 39  1832 1832 ARG ARG A . n 
A 1 40  ILE 40  1833 1833 ILE ILE A . n 
A 1 41  ILE 41  1834 1834 ILE ILE A . n 
A 1 42  LYS 42  1835 1835 LYS LYS A . n 
A 1 43  ASN 43  1836 1836 ASN ASN A . n 
A 1 44  PRO 44  1837 1837 PRO PRO A . n 
A 1 45  MET 45  1838 1838 MET MET A . n 
A 1 46  ASP 46  1839 1839 ASP ASP A . n 
A 1 47  PHE 47  1840 1840 PHE PHE A . n 
A 1 48  SER 48  1841 1841 SER SER A . n 
A 1 49  THR 49  1842 1842 THR THR A . n 
A 1 50  MET 50  1843 1843 MET MET A . n 
A 1 51  ARG 51  1844 1844 ARG ARG A . n 
A 1 52  GLU 52  1845 1845 GLU GLU A . n 
A 1 53  ARG 53  1846 1846 ARG ARG A . n 
A 1 54  LEU 54  1847 1847 LEU LEU A . n 
A 1 55  LEU 55  1848 1848 LEU LEU A . n 
A 1 56  ARG 56  1849 1849 ARG ARG A . n 
A 1 57  GLY 57  1850 1850 GLY GLY A . n 
A 1 58  GLY 58  1851 1851 GLY GLY A . n 
A 1 59  TYR 59  1852 1852 TYR TYR A . n 
A 1 60  THR 60  1853 1853 THR THR A . n 
A 1 61  SER 61  1854 1854 SER SER A . n 
A 1 62  SER 62  1855 1855 SER SER A . n 
A 1 63  GLU 63  1856 1856 GLU GLU A . n 
A 1 64  GLU 64  1857 1857 GLU GLU A . n 
A 1 65  PHE 65  1858 1858 PHE PHE A . n 
A 1 66  ALA 66  1859 1859 ALA ALA A . n 
A 1 67  ALA 67  1860 1860 ALA ALA A . n 
A 1 68  ASP 68  1861 1861 ASP ASP A . n 
A 1 69  ALA 69  1862 1862 ALA ALA A . n 
A 1 70  LEU 70  1863 1863 LEU LEU A . n 
A 1 71  LEU 71  1864 1864 LEU LEU A . n 
A 1 72  VAL 72  1865 1865 VAL VAL A . n 
A 1 73  PHE 73  1866 1866 PHE PHE A . n 
A 1 74  ASP 74  1867 1867 ASP ASP A . n 
A 1 75  ASN 75  1868 1868 ASN ASN A . n 
A 1 76  CYS 76  1869 1869 CYS CYS A . n 
A 1 77  GLN 77  1870 1870 GLN GLN A . n 
A 1 78  THR 78  1871 1871 THR THR A . n 
A 1 79  PHE 79  1872 1872 PHE PHE A . n 
A 1 80  ASN 80  1873 1873 ASN ASN A . n 
A 1 81  GLU 81  1874 1874 GLU GLU A . n 
A 1 82  ASP 82  1875 1875 ASP ASP A . n 
A 1 83  ASP 83  1876 1876 ASP ASP A . n 
A 1 84  SER 84  1877 1877 SER SER A . n 
A 1 85  GLU 85  1878 1878 GLU GLU A . n 
A 1 86  VAL 86  1879 1879 VAL VAL A . n 
A 1 87  GLY 87  1880 1880 GLY GLY A . n 
A 1 88  LYS 88  1881 1881 LYS LYS A . n 
A 1 89  ALA 89  1882 1882 ALA ALA A . n 
A 1 90  GLY 90  1883 1883 GLY GLY A . n 
A 1 91  HIS 91  1884 1884 HIS HIS A . n 
A 1 92  ILE 92  1885 1885 ILE ILE A . n 
A 1 93  MET 93  1886 1886 MET MET A . n 
A 1 94  ARG 94  1887 1887 ARG ARG A . n 
A 1 95  ARG 95  1888 1888 ARG ARG A . n 
A 1 96  PHE 96  1889 1889 PHE PHE A . n 
A 1 97  PHE 97  1890 1890 PHE PHE A . n 
A 1 98  GLU 98  1891 1891 GLU GLU A . n 
A 1 99  SER 99  1892 1892 SER SER A . n 
A 1 100 ARG 100 1893 1893 ARG ARG A . n 
A 1 101 TRP 101 1894 1894 TRP TRP A . n 
A 1 102 GLU 102 1895 1895 GLU GLU A . n 
A 1 103 GLU 103 1896 1896 GLU GLU A . n 
A 1 104 PHE 104 1897 1897 PHE PHE A . n 
A 1 105 TYR 105 1898 1898 TYR TYR A . n 
A 1 106 GLN 106 1899 ?    ?   ?   A . n 
# 
loop_
_pdbx_nonpoly_scheme.asym_id 
_pdbx_nonpoly_scheme.entity_id 
_pdbx_nonpoly_scheme.mon_id 
_pdbx_nonpoly_scheme.ndb_seq_num 
_pdbx_nonpoly_scheme.pdb_seq_num 
_pdbx_nonpoly_scheme.auth_seq_num 
_pdbx_nonpoly_scheme.pdb_mon_id 
_pdbx_nonpoly_scheme.auth_mon_id 
_pdbx_nonpoly_scheme.pdb_strand_id 
_pdbx_nonpoly_scheme.pdb_ins_code 
B 2 JR4 1  1901 1  JR4 JR4 A . 
C 3 HOH 1  2001 6  HOH HOH A . 
C 3 HOH 2  2002 41 HOH HOH A . 
C 3 HOH 3  2003 52 HOH HOH A . 
C 3 HOH 4  2004 8  HOH HOH A . 
C 3 HOH 5  2005 11 HOH HOH A . 
C 3 HOH 6  2006 17 HOH HOH A . 
C 3 HOH 7  2007 46 HOH HOH A . 
C 3 HOH 8  2008 9  HOH HOH A . 
C 3 HOH 9  2009 37 HOH HOH A . 
C 3 HOH 10 2010 39 HOH HOH A . 
C 3 HOH 11 2011 4  HOH HOH A . 
C 3 HOH 12 2012 34 HOH HOH A . 
C 3 HOH 13 2013 7  HOH HOH A . 
C 3 HOH 14 2014 14 HOH HOH A . 
C 3 HOH 15 2015 38 HOH HOH A . 
C 3 HOH 16 2016 22 HOH HOH A . 
C 3 HOH 17 2017 16 HOH HOH A . 
C 3 HOH 18 2018 23 HOH HOH A . 
C 3 HOH 19 2019 43 HOH HOH A . 
C 3 HOH 20 2020 30 HOH HOH A . 
C 3 HOH 21 2021 19 HOH HOH A . 
C 3 HOH 22 2022 10 HOH HOH A . 
C 3 HOH 23 2023 40 HOH HOH A . 
C 3 HOH 24 2024 25 HOH HOH A . 
C 3 HOH 25 2025 3  HOH HOH A . 
C 3 HOH 26 2026 2  HOH HOH A . 
C 3 HOH 27 2027 13 HOH HOH A . 
C 3 HOH 28 2028 35 HOH HOH A . 
C 3 HOH 29 2029 18 HOH HOH A . 
C 3 HOH 30 2030 32 HOH HOH A . 
C 3 HOH 31 2031 5  HOH HOH A . 
C 3 HOH 32 2032 1  HOH HOH A . 
C 3 HOH 33 2033 21 HOH HOH A . 
C 3 HOH 34 2034 45 HOH HOH A . 
C 3 HOH 35 2035 33 HOH HOH A . 
C 3 HOH 36 2036 26 HOH HOH A . 
C 3 HOH 37 2037 20 HOH HOH A . 
C 3 HOH 38 2038 15 HOH HOH A . 
C 3 HOH 39 2039 24 HOH HOH A . 
C 3 HOH 40 2040 28 HOH HOH A . 
C 3 HOH 41 2041 50 HOH HOH A . 
C 3 HOH 42 2042 36 HOH HOH A . 
C 3 HOH 43 2043 12 HOH HOH A . 
C 3 HOH 44 2044 51 HOH HOH A . 
C 3 HOH 45 2045 49 HOH HOH A . 
C 3 HOH 46 2046 31 HOH HOH A . 
C 3 HOH 47 2047 29 HOH HOH A . 
C 3 HOH 48 2048 48 HOH HOH A . 
C 3 HOH 49 2049 47 HOH HOH A . 
# 
loop_
_software.citation_id 
_software.classification 
_software.compiler_name 
_software.compiler_version 
_software.contact_author 
_software.contact_author_email 
_software.date 
_software.description 
_software.dependencies 
_software.hardware 
_software.language 
_software.location 
_software.mods 
_software.name 
_software.os 
_software.os_version 
_software.type 
_software.version 
_software.pdbx_ordinal 
? 'data reduction'  ? ? ? ? ? ? ? ? ? ? ? XDS         ? ? ? 0.5.32 1 
? phasing           ? ? ? ? ? ? ? ? ? ? ? PHASER      ? ? ? .      2 
? refinement        ? ? ? ? ? ? ? ? ? ? ? PHENIX      ? ? ? .      3 
? 'data extraction' ? ? ? ? ? ? ? ? ? ? ? PDB_EXTRACT ? ? ? 3.22   4 
? 'data scaling'    ? ? ? ? ? ? ? ? ? ? ? Aimless     ? ? ? .      5 
# 
_cell.angle_alpha                  90.000 
_cell.angle_alpha_esd              ? 
_cell.angle_beta                   90.000 
_cell.angle_beta_esd               ? 
_cell.angle_gamma                  120.000 
_cell.angle_gamma_esd              ? 
_cell.entry_id                     5OR8 
_cell.details                      ? 
_cell.formula_units_Z              ? 
_cell.length_a                     95.136 
_cell.length_a_esd                 ? 
_cell.length_b                     95.136 
_cell.length_b_esd                 ? 
_cell.length_c                     32.653 
_cell.length_c_esd                 ? 
_cell.volume                       ? 
_cell.volume_esd                   ? 
_cell.Z_PDB                        6 
_cell.reciprocal_angle_alpha       ? 
_cell.reciprocal_angle_beta        ? 
_cell.reciprocal_angle_gamma       ? 
_cell.reciprocal_angle_alpha_esd   ? 
_cell.reciprocal_angle_beta_esd    ? 
_cell.reciprocal_angle_gamma_esd   ? 
_cell.reciprocal_length_a          ? 
_cell.reciprocal_length_b          ? 
_cell.reciprocal_length_c          ? 
_cell.reciprocal_length_a_esd      ? 
_cell.reciprocal_length_b_esd      ? 
_cell.reciprocal_length_c_esd      ? 
_cell.pdbx_unique_axis             ? 
# 
_symmetry.entry_id                         5OR8 
_symmetry.cell_setting                     ? 
_symmetry.Int_Tables_number                152 
_symmetry.space_group_name_Hall            ? 
_symmetry.space_group_name_H-M             'P 31 2 1' 
_symmetry.pdbx_full_space_group_name_H-M   ? 
# 
_exptl.absorpt_coefficient_mu     ? 
_exptl.absorpt_correction_T_max   ? 
_exptl.absorpt_correction_T_min   ? 
_exptl.absorpt_correction_type    ? 
_exptl.absorpt_process_details    ? 
_exptl.entry_id                   5OR8 
_exptl.crystals_number            1 
_exptl.details                    ? 
_exptl.method                     'X-RAY DIFFRACTION' 
_exptl.method_details             ? 
# 
_exptl_crystal.colour                      ? 
_exptl_crystal.density_diffrn              ? 
_exptl_crystal.density_Matthews            3.51 
_exptl_crystal.density_method              ? 
_exptl_crystal.density_percent_sol         64.93 
_exptl_crystal.description                 ? 
_exptl_crystal.F_000                       ? 
_exptl_crystal.id                          1 
_exptl_crystal.preparation                 ? 
_exptl_crystal.size_max                    ? 
_exptl_crystal.size_mid                    ? 
_exptl_crystal.size_min                    ? 
_exptl_crystal.size_rad                    ? 
_exptl_crystal.colour_lustre               ? 
_exptl_crystal.colour_modifier             ? 
_exptl_crystal.colour_primary              ? 
_exptl_crystal.density_meas                ? 
_exptl_crystal.density_meas_esd            ? 
_exptl_crystal.density_meas_gt             ? 
_exptl_crystal.density_meas_lt             ? 
_exptl_crystal.density_meas_temp           ? 
_exptl_crystal.density_meas_temp_esd       ? 
_exptl_crystal.density_meas_temp_gt        ? 
_exptl_crystal.density_meas_temp_lt        ? 
_exptl_crystal.pdbx_crystal_image_url      ? 
_exptl_crystal.pdbx_crystal_image_format   ? 
_exptl_crystal.pdbx_mosaicity              0.200 
_exptl_crystal.pdbx_mosaicity_esd          ? 
# 
_exptl_crystal_grow.apparatus       ? 
_exptl_crystal_grow.atmosphere      ? 
_exptl_crystal_grow.crystal_id      1 
_exptl_crystal_grow.details         ? 
_exptl_crystal_grow.method          'VAPOR DIFFUSION, SITTING DROP' 
_exptl_crystal_grow.method_ref      ? 
_exptl_crystal_grow.pH              7.5 
_exptl_crystal_grow.pressure        ? 
_exptl_crystal_grow.pressure_esd    ? 
_exptl_crystal_grow.seeding         ? 
_exptl_crystal_grow.seeding_ref     ? 
_exptl_crystal_grow.temp            277 
_exptl_crystal_grow.temp_details    ? 
_exptl_crystal_grow.temp_esd        ? 
_exptl_crystal_grow.time            ? 
_exptl_crystal_grow.pdbx_details    '20% PEG3350, 0.2 M MgCl2' 
_exptl_crystal_grow.pdbx_pH_range   ? 
# 
_diffrn.ambient_environment    ? 
_diffrn.ambient_temp           100 
_diffrn.ambient_temp_details   ? 
_diffrn.ambient_temp_esd       ? 
_diffrn.crystal_id             1 
_diffrn.crystal_support        ? 
_diffrn.crystal_treatment      ? 
_diffrn.details                ? 
_diffrn.id                     1 
_diffrn.ambient_pressure       ? 
_diffrn.ambient_pressure_esd   ? 
_diffrn.ambient_pressure_gt    ? 
_diffrn.ambient_pressure_lt    ? 
_diffrn.ambient_temp_gt        ? 
_diffrn.ambient_temp_lt        ? 
# 
_diffrn_detector.details                      ? 
_diffrn_detector.detector                     PIXEL 
_diffrn_detector.diffrn_id                    1 
_diffrn_detector.type                         'DECTRIS PILATUS 2M' 
_diffrn_detector.area_resol_mean              ? 
_diffrn_detector.dtime                        ? 
_diffrn_detector.pdbx_frames_total            ? 
_diffrn_detector.pdbx_collection_time_total   ? 
_diffrn_detector.pdbx_collection_date         2017-07-05 
# 
_diffrn_radiation.collimation                      ? 
_diffrn_radiation.diffrn_id                        1 
_diffrn_radiation.filter_edge                      ? 
_diffrn_radiation.inhomogeneity                    ? 
_diffrn_radiation.monochromator                    ? 
_diffrn_radiation.polarisn_norm                    ? 
_diffrn_radiation.polarisn_ratio                   ? 
_diffrn_radiation.probe                            ? 
_diffrn_radiation.type                             ? 
_diffrn_radiation.xray_symbol                      ? 
_diffrn_radiation.wavelength_id                    1 
_diffrn_radiation.pdbx_monochromatic_or_laue_m_l   M 
_diffrn_radiation.pdbx_wavelength_list             ? 
_diffrn_radiation.pdbx_wavelength                  ? 
_diffrn_radiation.pdbx_diffrn_protocol             'SINGLE WAVELENGTH' 
_diffrn_radiation.pdbx_analyzer                    ? 
_diffrn_radiation.pdbx_scattering_type             x-ray 
# 
_diffrn_radiation_wavelength.id           1 
_diffrn_radiation_wavelength.wavelength   1.00 
_diffrn_radiation_wavelength.wt           1.0 
# 
_diffrn_source.current                     ? 
_diffrn_source.details                     ? 
_diffrn_source.diffrn_id                   1 
_diffrn_source.power                       ? 
_diffrn_source.size                        ? 
_diffrn_source.source                      SYNCHROTRON 
_diffrn_source.target                      ? 
_diffrn_source.type                        'ELETTRA BEAMLINE 5.2R' 
_diffrn_source.voltage                     ? 
_diffrn_source.take-off_angle              ? 
_diffrn_source.pdbx_wavelength_list        1.00 
_diffrn_source.pdbx_wavelength             ? 
_diffrn_source.pdbx_synchrotron_beamline   5.2R 
_diffrn_source.pdbx_synchrotron_site       ELETTRA 
# 
_reflns.B_iso_Wilson_estimate            ? 
_reflns.entry_id                         5OR8 
_reflns.data_reduction_details           ? 
_reflns.data_reduction_method            ? 
_reflns.d_resolution_high                2.400 
_reflns.d_resolution_low                 47.570 
_reflns.details                          ? 
_reflns.limit_h_max                      ? 
_reflns.limit_h_min                      ? 
_reflns.limit_k_max                      ? 
_reflns.limit_k_min                      ? 
_reflns.limit_l_max                      ? 
_reflns.limit_l_min                      ? 
_reflns.number_all                       ? 
_reflns.number_obs                       6827 
_reflns.observed_criterion               ? 
_reflns.observed_criterion_F_max         ? 
_reflns.observed_criterion_F_min         ? 
_reflns.observed_criterion_I_max         ? 
_reflns.observed_criterion_I_min         ? 
_reflns.observed_criterion_sigma_F       ? 
_reflns.observed_criterion_sigma_I       ? 
_reflns.percent_possible_obs             99.900 
_reflns.R_free_details                   ? 
_reflns.Rmerge_F_all                     ? 
_reflns.Rmerge_F_obs                     ? 
_reflns.Friedel_coverage                 ? 
_reflns.number_gt                        ? 
_reflns.threshold_expression             ? 
_reflns.pdbx_redundancy                  9.900 
_reflns.pdbx_Rmerge_I_obs                0.258 
_reflns.pdbx_Rmerge_I_all                ? 
_reflns.pdbx_Rsym_value                  ? 
_reflns.pdbx_netI_over_av_sigmaI         ? 
_reflns.pdbx_netI_over_sigmaI            8.300 
_reflns.pdbx_res_netI_over_av_sigmaI_2   ? 
_reflns.pdbx_res_netI_over_sigmaI_2      ? 
_reflns.pdbx_chi_squared                 ? 
_reflns.pdbx_scaling_rejects             ? 
_reflns.pdbx_d_res_high_opt              ? 
_reflns.pdbx_d_res_low_opt               ? 
_reflns.pdbx_d_res_opt_method            ? 
_reflns.phase_calculation_details        ? 
_reflns.pdbx_Rrim_I_all                  0.272 
_reflns.pdbx_Rpim_I_all                  0.086 
_reflns.pdbx_d_opt                       ? 
_reflns.pdbx_number_measured_all         ? 
_reflns.pdbx_diffrn_id                   1 
_reflns.pdbx_ordinal                     1 
_reflns.pdbx_CC_half                     0.991 
_reflns.pdbx_R_split                     ? 
# 
loop_
_reflns_shell.d_res_high 
_reflns_shell.d_res_low 
_reflns_shell.meanI_over_sigI_all 
_reflns_shell.meanI_over_sigI_obs 
_reflns_shell.number_measured_all 
_reflns_shell.number_measured_obs 
_reflns_shell.number_possible 
_reflns_shell.number_unique_all 
_reflns_shell.number_unique_obs 
_reflns_shell.percent_possible_all 
_reflns_shell.percent_possible_obs 
_reflns_shell.Rmerge_F_all 
_reflns_shell.Rmerge_F_obs 
_reflns_shell.Rmerge_I_all 
_reflns_shell.Rmerge_I_obs 
_reflns_shell.meanI_over_sigI_gt 
_reflns_shell.meanI_over_uI_all 
_reflns_shell.meanI_over_uI_gt 
_reflns_shell.number_measured_gt 
_reflns_shell.number_unique_gt 
_reflns_shell.percent_possible_gt 
_reflns_shell.Rmerge_F_gt 
_reflns_shell.Rmerge_I_gt 
_reflns_shell.pdbx_redundancy 
_reflns_shell.pdbx_Rsym_value 
_reflns_shell.pdbx_chi_squared 
_reflns_shell.pdbx_netI_over_sigmaI_all 
_reflns_shell.pdbx_netI_over_sigmaI_obs 
_reflns_shell.pdbx_Rrim_I_all 
_reflns_shell.pdbx_Rpim_I_all 
_reflns_shell.pdbx_rejects 
_reflns_shell.pdbx_ordinal 
_reflns_shell.pdbx_diffrn_id 
_reflns_shell.pdbx_CC_half 
_reflns_shell.pdbx_R_split 
2.400 2.490  ? ? ? ? ? ? 710 99.900 ? ? ? ? 1.407 ? ? ? ? ? ? ? ? 10.200 ? ? ? ? 1.480 0.457 ? 1 1 0.723 ? 
8.980 47.570 ? ? ? ? ? ? 151 99.500 ? ? ? ? 0.085 ? ? ? ? ? ? ? ? 9.400  ? ? ? ? 0.091 0.030 ? 2 1 0.993 ? 
# 
_refine.aniso_B[1][1]                            ? 
_refine.aniso_B[1][2]                            ? 
_refine.aniso_B[1][3]                            ? 
_refine.aniso_B[2][2]                            ? 
_refine.aniso_B[2][3]                            ? 
_refine.aniso_B[3][3]                            ? 
_refine.B_iso_max                                92.060 
_refine.B_iso_mean                               40.2230 
_refine.B_iso_min                                19.020 
_refine.correlation_coeff_Fo_to_Fc               ? 
_refine.correlation_coeff_Fo_to_Fc_free          ? 
_refine.details                                  ? 
_refine.diff_density_max                         ? 
_refine.diff_density_max_esd                     ? 
_refine.diff_density_min                         ? 
_refine.diff_density_min_esd                     ? 
_refine.diff_density_rms                         ? 
_refine.diff_density_rms_esd                     ? 
_refine.entry_id                                 5OR8 
_refine.pdbx_refine_id                           'X-RAY DIFFRACTION' 
_refine.ls_abs_structure_details                 ? 
_refine.ls_abs_structure_Flack                   ? 
_refine.ls_abs_structure_Flack_esd               ? 
_refine.ls_abs_structure_Rogers                  ? 
_refine.ls_abs_structure_Rogers_esd              ? 
_refine.ls_d_res_high                            2.4000 
_refine.ls_d_res_low                             41.1950 
_refine.ls_extinction_coef                       ? 
_refine.ls_extinction_coef_esd                   ? 
_refine.ls_extinction_expression                 ? 
_refine.ls_extinction_method                     ? 
_refine.ls_goodness_of_fit_all                   ? 
_refine.ls_goodness_of_fit_all_esd               ? 
_refine.ls_goodness_of_fit_obs                   ? 
_refine.ls_goodness_of_fit_obs_esd               ? 
_refine.ls_hydrogen_treatment                    ? 
_refine.ls_matrix_type                           ? 
_refine.ls_number_constraints                    ? 
_refine.ls_number_parameters                     ? 
_refine.ls_number_reflns_all                     ? 
_refine.ls_number_reflns_obs                     6816 
_refine.ls_number_reflns_R_free                  326 
_refine.ls_number_reflns_R_work                  ? 
_refine.ls_number_restraints                     ? 
_refine.ls_percent_reflns_obs                    99.8000 
_refine.ls_percent_reflns_R_free                 4.7800 
_refine.ls_R_factor_all                          ? 
_refine.ls_R_factor_obs                          0.2070 
_refine.ls_R_factor_R_free                       0.2427 
_refine.ls_R_factor_R_free_error                 ? 
_refine.ls_R_factor_R_free_error_details         ? 
_refine.ls_R_factor_R_work                       0.2053 
_refine.ls_R_Fsqd_factor_obs                     ? 
_refine.ls_R_I_factor_obs                        ? 
_refine.ls_redundancy_reflns_all                 ? 
_refine.ls_redundancy_reflns_obs                 ? 
_refine.ls_restrained_S_all                      ? 
_refine.ls_restrained_S_obs                      ? 
_refine.ls_shift_over_esd_max                    ? 
_refine.ls_shift_over_esd_mean                   ? 
_refine.ls_structure_factor_coef                 ? 
_refine.ls_weighting_details                     ? 
_refine.ls_weighting_scheme                      ? 
_refine.ls_wR_factor_all                         ? 
_refine.ls_wR_factor_obs                         ? 
_refine.ls_wR_factor_R_free                      ? 
_refine.ls_wR_factor_R_work                      ? 
_refine.occupancy_max                            ? 
_refine.occupancy_min                            ? 
_refine.solvent_model_details                    ? 
_refine.solvent_model_param_bsol                 ? 
_refine.solvent_model_param_ksol                 ? 
_refine.ls_R_factor_gt                           ? 
_refine.ls_goodness_of_fit_gt                    ? 
_refine.ls_goodness_of_fit_ref                   ? 
_refine.ls_shift_over_su_max                     ? 
_refine.ls_shift_over_su_max_lt                  ? 
_refine.ls_shift_over_su_mean                    ? 
_refine.ls_shift_over_su_mean_lt                 ? 
_refine.pdbx_ls_sigma_I                          ? 
_refine.pdbx_ls_sigma_F                          1.340 
_refine.pdbx_ls_sigma_Fsqd                       ? 
_refine.pdbx_data_cutoff_high_absF               ? 
_refine.pdbx_data_cutoff_high_rms_absF           ? 
_refine.pdbx_data_cutoff_low_absF                ? 
_refine.pdbx_isotropic_thermal_model             ? 
_refine.pdbx_ls_cross_valid_method               'FREE R-VALUE' 
_refine.pdbx_method_to_determine_struct          'MOLECULAR REPLACEMENT' 
_refine.pdbx_starting_model                      5MGJ 
_refine.pdbx_stereochemistry_target_values       ? 
_refine.pdbx_R_Free_selection_details            ? 
_refine.pdbx_stereochem_target_val_spec_case     ? 
_refine.pdbx_overall_ESU_R                       ? 
_refine.pdbx_overall_ESU_R_Free                  ? 
_refine.pdbx_solvent_vdw_probe_radii             1.1100 
_refine.pdbx_solvent_ion_probe_radii             ? 
_refine.pdbx_solvent_shrinkage_radii             0.9000 
_refine.pdbx_real_space_R                        ? 
_refine.pdbx_density_correlation                 ? 
_refine.pdbx_pd_number_of_powder_patterns        ? 
_refine.pdbx_pd_number_of_points                 ? 
_refine.pdbx_pd_meas_number_of_points            ? 
_refine.pdbx_pd_proc_ls_prof_R_factor            ? 
_refine.pdbx_pd_proc_ls_prof_wR_factor           ? 
_refine.pdbx_pd_Marquardt_correlation_coeff      ? 
_refine.pdbx_pd_Fsqrd_R_factor                   ? 
_refine.pdbx_pd_ls_matrix_band_width             ? 
_refine.pdbx_overall_phase_error                 23.1700 
_refine.pdbx_overall_SU_R_free_Cruickshank_DPI   ? 
_refine.pdbx_overall_SU_R_free_Blow_DPI          ? 
_refine.pdbx_overall_SU_R_Blow_DPI               ? 
_refine.pdbx_TLS_residual_ADP_flag               ? 
_refine.pdbx_diffrn_id                           1 
_refine.overall_SU_B                             ? 
_refine.overall_SU_ML                            0.2400 
_refine.overall_SU_R_Cruickshank_DPI             ? 
_refine.overall_SU_R_free                        ? 
_refine.overall_FOM_free_R_set                   ? 
_refine.overall_FOM_work_R_set                   ? 
_refine.pdbx_average_fsc_overall                 ? 
_refine.pdbx_average_fsc_work                    ? 
_refine.pdbx_average_fsc_free                    ? 
# 
_refine_hist.cycle_id                         final 
_refine_hist.pdbx_refine_id                   'X-RAY DIFFRACTION' 
_refine_hist.d_res_high                       2.4000 
_refine_hist.d_res_low                        41.1950 
_refine_hist.pdbx_number_atoms_ligand         25 
_refine_hist.number_atoms_solvent             49 
_refine_hist.number_atoms_total               927 
_refine_hist.pdbx_number_residues_total       103 
_refine_hist.pdbx_B_iso_mean_ligand           44.86 
_refine_hist.pdbx_B_iso_mean_solvent          36.73 
_refine_hist.pdbx_number_atoms_protein        853 
_refine_hist.pdbx_number_atoms_nucleic_acid   0 
# 
loop_
_refine_ls_restr.pdbx_refine_id 
_refine_ls_restr.criterion 
_refine_ls_restr.dev_ideal 
_refine_ls_restr.dev_ideal_target 
_refine_ls_restr.number 
_refine_ls_restr.rejects 
_refine_ls_restr.type 
_refine_ls_restr.weight 
_refine_ls_restr.pdbx_restraint_function 
'X-RAY DIFFRACTION' ? 0.008 ? 902  ? f_bond_d           ? ? 
'X-RAY DIFFRACTION' ? 0.873 ? 1220 ? f_angle_d          ? ? 
'X-RAY DIFFRACTION' ? 0.044 ? 119  ? f_chiral_restr     ? ? 
'X-RAY DIFFRACTION' ? 0.005 ? 158  ? f_plane_restr      ? ? 
'X-RAY DIFFRACTION' ? 7.376 ? 524  ? f_dihedral_angle_d ? ? 
# 
loop_
_refine_ls_shell.pdbx_refine_id 
_refine_ls_shell.d_res_high 
_refine_ls_shell.d_res_low 
_refine_ls_shell.number_reflns_all 
_refine_ls_shell.number_reflns_obs 
_refine_ls_shell.number_reflns_R_free 
_refine_ls_shell.number_reflns_R_work 
_refine_ls_shell.percent_reflns_obs 
_refine_ls_shell.percent_reflns_R_free 
_refine_ls_shell.R_factor_all 
_refine_ls_shell.R_factor_obs 
_refine_ls_shell.R_factor_R_free 
_refine_ls_shell.R_factor_R_free_error 
_refine_ls_shell.R_factor_R_work 
_refine_ls_shell.redundancy_reflns_all 
_refine_ls_shell.redundancy_reflns_obs 
_refine_ls_shell.wR_factor_all 
_refine_ls_shell.wR_factor_obs 
_refine_ls_shell.wR_factor_R_free 
_refine_ls_shell.wR_factor_R_work 
_refine_ls_shell.pdbx_total_number_of_bins_used 
_refine_ls_shell.pdbx_phase_error 
_refine_ls_shell.pdbx_fsc_work 
_refine_ls_shell.pdbx_fsc_free 
'X-RAY DIFFRACTION' 2.4003 3.0240  3351 . 174 3177 100.0000 . . . 0.2920 0.0000 0.2484 . . . . . . 2 . . . 
'X-RAY DIFFRACTION' 3.0240 41.2011 3465 . 152 3313 100.0000 . . . 0.2204 0.0000 0.1889 . . . . . . 2 . . . 
# 
_struct.entry_id                     5OR8 
_struct.title                        
'Crystal Structure of BAZ2A bromodomain in complex with 1,3-dimethyl-benzimidazolone compound 1' 
_struct.pdbx_model_details           ? 
_struct.pdbx_formula_weight          ? 
_struct.pdbx_formula_weight_method   ? 
_struct.pdbx_model_type_details      ? 
_struct.pdbx_CASP_flag               N 
# 
_struct_keywords.entry_id        5OR8 
_struct_keywords.text            'four helical bundle, transcription' 
_struct_keywords.pdbx_keywords   TRANSCRIPTION 
# 
loop_
_struct_asym.id 
_struct_asym.pdbx_blank_PDB_chainid_flag 
_struct_asym.pdbx_modified 
_struct_asym.entity_id 
_struct_asym.details 
A N N 1 ? 
B N N 2 ? 
C N N 3 ? 
# 
_struct_ref.id                         1 
_struct_ref.db_name                    UNP 
_struct_ref.db_code                    BAZ2A_HUMAN 
_struct_ref.pdbx_db_accession          Q9UIF9 
_struct_ref.pdbx_db_isoform            ? 
_struct_ref.entity_id                  1 
_struct_ref.pdbx_seq_one_letter_code   
;HSDLTFCEIILMEMESHDAAWPFLEPVNPRLVSGYRRIIKNPMDFSTMRERLLRGGYTSSEEFAADALLVFDNCQTFNED
DSEVGKAGHIMRRFFESRWEEFYQ
;
_struct_ref.pdbx_align_begin           1796 
# 
_struct_ref_seq.align_id                      1 
_struct_ref_seq.ref_id                        1 
_struct_ref_seq.pdbx_PDB_id_code              5OR8 
_struct_ref_seq.pdbx_strand_id                A 
_struct_ref_seq.seq_align_beg                 3 
_struct_ref_seq.pdbx_seq_align_beg_ins_code   ? 
_struct_ref_seq.seq_align_end                 106 
_struct_ref_seq.pdbx_seq_align_end_ins_code   ? 
_struct_ref_seq.pdbx_db_accession             Q9UIF9 
_struct_ref_seq.db_align_beg                  1796 
_struct_ref_seq.pdbx_db_align_beg_ins_code    ? 
_struct_ref_seq.db_align_end                  1899 
_struct_ref_seq.pdbx_db_align_end_ins_code    ? 
_struct_ref_seq.pdbx_auth_seq_align_beg       1796 
_struct_ref_seq.pdbx_auth_seq_align_end       1899 
# 
loop_
_struct_ref_seq_dif.align_id 
_struct_ref_seq_dif.pdbx_pdb_id_code 
_struct_ref_seq_dif.mon_id 
_struct_ref_seq_dif.pdbx_pdb_strand_id 
_struct_ref_seq_dif.seq_num 
_struct_ref_seq_dif.pdbx_pdb_ins_code 
_struct_ref_seq_dif.pdbx_seq_db_name 
_struct_ref_seq_dif.pdbx_seq_db_accession_code 
_struct_ref_seq_dif.db_mon_id 
_struct_ref_seq_dif.pdbx_seq_db_seq_num 
_struct_ref_seq_dif.details 
_struct_ref_seq_dif.pdbx_auth_seq_num 
_struct_ref_seq_dif.pdbx_ordinal 
1 5OR8 SER A 1 ? UNP Q9UIF9 ? ? 'expression tag' 1794 1 
1 5OR8 MET A 2 ? UNP Q9UIF9 ? ? 'expression tag' 1795 2 
# 
_pdbx_struct_assembly.id                   1 
_pdbx_struct_assembly.details              author_and_software_defined_assembly 
_pdbx_struct_assembly.method_details       PISA 
_pdbx_struct_assembly.oligomeric_details   monomeric 
_pdbx_struct_assembly.oligomeric_count     1 
# 
loop_
_pdbx_struct_assembly_prop.biol_id 
_pdbx_struct_assembly_prop.type 
_pdbx_struct_assembly_prop.value 
_pdbx_struct_assembly_prop.details 
1 'ABSA (A^2)' 0    ? 
1 MORE         0    ? 
1 'SSA (A^2)'  6380 ? 
# 
_pdbx_struct_assembly_gen.assembly_id       1 
_pdbx_struct_assembly_gen.oper_expression   1 
_pdbx_struct_assembly_gen.asym_id_list      A,B,C 
# 
_pdbx_struct_assembly_auth_evidence.id                     1 
_pdbx_struct_assembly_auth_evidence.assembly_id            1 
_pdbx_struct_assembly_auth_evidence.experimental_support   none 
_pdbx_struct_assembly_auth_evidence.details                ? 
# 
_pdbx_struct_oper_list.id                   1 
_pdbx_struct_oper_list.type                 'identity operation' 
_pdbx_struct_oper_list.name                 1_555 
_pdbx_struct_oper_list.symmetry_operation   x,y,z 
_pdbx_struct_oper_list.matrix[1][1]         1.0000000000 
_pdbx_struct_oper_list.matrix[1][2]         0.0000000000 
_pdbx_struct_oper_list.matrix[1][3]         0.0000000000 
_pdbx_struct_oper_list.vector[1]            0.0000000000 
_pdbx_struct_oper_list.matrix[2][1]         0.0000000000 
_pdbx_struct_oper_list.matrix[2][2]         1.0000000000 
_pdbx_struct_oper_list.matrix[2][3]         0.0000000000 
_pdbx_struct_oper_list.vector[2]            0.0000000000 
_pdbx_struct_oper_list.matrix[3][1]         0.0000000000 
_pdbx_struct_oper_list.matrix[3][2]         0.0000000000 
_pdbx_struct_oper_list.matrix[3][3]         1.0000000000 
_pdbx_struct_oper_list.vector[3]            0.0000000000 
# 
loop_
_struct_conf.conf_type_id 
_struct_conf.id 
_struct_conf.pdbx_PDB_helix_id 
_struct_conf.beg_label_comp_id 
_struct_conf.beg_label_asym_id 
_struct_conf.beg_label_seq_id 
_struct_conf.pdbx_beg_PDB_ins_code 
_struct_conf.end_label_comp_id 
_struct_conf.end_label_asym_id 
_struct_conf.end_label_seq_id 
_struct_conf.pdbx_end_PDB_ins_code 
_struct_conf.beg_auth_comp_id 
_struct_conf.beg_auth_asym_id 
_struct_conf.beg_auth_seq_id 
_struct_conf.end_auth_comp_id 
_struct_conf.end_auth_asym_id 
_struct_conf.end_auth_seq_id 
_struct_conf.pdbx_PDB_helix_class 
_struct_conf.details 
_struct_conf.pdbx_PDB_helix_length 
HELX_P HELX_P1 AA1 HIS A 3  ? SER A 18  ? HIS A 1796 SER A 1811 1 ? 16 
HELX_P HELX_P2 AA2 HIS A 19 ? LEU A 26  ? HIS A 1812 LEU A 1819 5 ? 8  
HELX_P HELX_P3 AA3 GLY A 36 ? ILE A 41  ? GLY A 1829 ILE A 1834 1 ? 6  
HELX_P HELX_P4 AA4 ASP A 46 ? ARG A 56  ? ASP A 1839 ARG A 1849 1 ? 11 
HELX_P HELX_P5 AA5 SER A 61 ? ASN A 80  ? SER A 1854 ASN A 1873 1 ? 20 
HELX_P HELX_P6 AA6 SER A 84 ? GLU A 103 ? SER A 1877 GLU A 1896 1 ? 20 
# 
_struct_conf_type.id          HELX_P 
_struct_conf_type.criteria    ? 
_struct_conf_type.reference   ? 
# 
_struct_site.id                   AC1 
_struct_site.pdbx_evidence_code   Software 
_struct_site.pdbx_auth_asym_id    A 
_struct_site.pdbx_auth_comp_id    JR4 
_struct_site.pdbx_auth_seq_id     1901 
_struct_site.pdbx_auth_ins_code   ? 
_struct_site.pdbx_num_residues    11 
_struct_site.details              'binding site for residue JR4 A 1901' 
# 
loop_
_struct_site_gen.id 
_struct_site_gen.site_id 
_struct_site_gen.pdbx_num_res 
_struct_site_gen.label_comp_id 
_struct_site_gen.label_asym_id 
_struct_site_gen.label_seq_id 
_struct_site_gen.pdbx_auth_ins_code 
_struct_site_gen.auth_comp_id 
_struct_site_gen.auth_asym_id 
_struct_site_gen.auth_seq_id 
_struct_site_gen.label_atom_id 
_struct_site_gen.label_alt_id 
_struct_site_gen.symmetry 
_struct_site_gen.details 
1  AC1 11 THR A 7  ? THR A 1800 . ? 2_544 ? 
2  AC1 11 ILE A 11 ? ILE A 1804 . ? 2_544 ? 
3  AC1 11 PRO A 24 ? PRO A 1817 . ? 1_555 ? 
4  AC1 11 VAL A 29 ? VAL A 1822 . ? 1_555 ? 
5  AC1 11 LEU A 33 ? LEU A 1826 . ? 1_555 ? 
6  AC1 11 VAL A 34 ? VAL A 1827 . ? 1_555 ? 
7  AC1 11 TYR A 37 ? TYR A 1830 . ? 1_555 ? 
8  AC1 11 ARG A 56 ? ARG A 1849 . ? 2_545 ? 
9  AC1 11 PHE A 79 ? PHE A 1872 . ? 1_555 ? 
10 AC1 11 ASN A 80 ? ASN A 1873 . ? 1_555 ? 
11 AC1 11 HOH C .  ? HOH A 2005 . ? 1_555 ? 
# 
_phasing.method   MR 
# 
loop_
_pdbx_unobs_or_zero_occ_residues.id 
_pdbx_unobs_or_zero_occ_residues.PDB_model_num 
_pdbx_unobs_or_zero_occ_residues.polymer_flag 
_pdbx_unobs_or_zero_occ_residues.occupancy_flag 
_pdbx_unobs_or_zero_occ_residues.auth_asym_id 
_pdbx_unobs_or_zero_occ_residues.auth_comp_id 
_pdbx_unobs_or_zero_occ_residues.auth_seq_id 
_pdbx_unobs_or_zero_occ_residues.PDB_ins_code 
_pdbx_unobs_or_zero_occ_residues.label_asym_id 
_pdbx_unobs_or_zero_occ_residues.label_comp_id 
_pdbx_unobs_or_zero_occ_residues.label_seq_id 
1 1 Y 1 A SER 1794 ? A SER 1   
2 1 Y 1 A MET 1795 ? A MET 2   
3 1 Y 1 A GLN 1899 ? A GLN 106 
# 
loop_
_chem_comp_atom.comp_id 
_chem_comp_atom.atom_id 
_chem_comp_atom.type_symbol 
_chem_comp_atom.pdbx_aromatic_flag 
_chem_comp_atom.pdbx_stereo_config 
_chem_comp_atom.pdbx_ordinal 
ALA N    N N N 1   
ALA CA   C N S 2   
ALA C    C N N 3   
ALA O    O N N 4   
ALA CB   C N N 5   
ALA OXT  O N N 6   
ALA H    H N N 7   
ALA H2   H N N 8   
ALA HA   H N N 9   
ALA HB1  H N N 10  
ALA HB2  H N N 11  
ALA HB3  H N N 12  
ALA HXT  H N N 13  
ARG N    N N N 14  
ARG CA   C N S 15  
ARG C    C N N 16  
ARG O    O N N 17  
ARG CB   C N N 18  
ARG CG   C N N 19  
ARG CD   C N N 20  
ARG NE   N N N 21  
ARG CZ   C N N 22  
ARG NH1  N N N 23  
ARG NH2  N N N 24  
ARG OXT  O N N 25  
ARG H    H N N 26  
ARG H2   H N N 27  
ARG HA   H N N 28  
ARG HB2  H N N 29  
ARG HB3  H N N 30  
ARG HG2  H N N 31  
ARG HG3  H N N 32  
ARG HD2  H N N 33  
ARG HD3  H N N 34  
ARG HE   H N N 35  
ARG HH11 H N N 36  
ARG HH12 H N N 37  
ARG HH21 H N N 38  
ARG HH22 H N N 39  
ARG HXT  H N N 40  
ASN N    N N N 41  
ASN CA   C N S 42  
ASN C    C N N 43  
ASN O    O N N 44  
ASN CB   C N N 45  
ASN CG   C N N 46  
ASN OD1  O N N 47  
ASN ND2  N N N 48  
ASN OXT  O N N 49  
ASN H    H N N 50  
ASN H2   H N N 51  
ASN HA   H N N 52  
ASN HB2  H N N 53  
ASN HB3  H N N 54  
ASN HD21 H N N 55  
ASN HD22 H N N 56  
ASN HXT  H N N 57  
ASP N    N N N 58  
ASP CA   C N S 59  
ASP C    C N N 60  
ASP O    O N N 61  
ASP CB   C N N 62  
ASP CG   C N N 63  
ASP OD1  O N N 64  
ASP OD2  O N N 65  
ASP OXT  O N N 66  
ASP H    H N N 67  
ASP H2   H N N 68  
ASP HA   H N N 69  
ASP HB2  H N N 70  
ASP HB3  H N N 71  
ASP HD2  H N N 72  
ASP HXT  H N N 73  
CYS N    N N N 74  
CYS CA   C N R 75  
CYS C    C N N 76  
CYS O    O N N 77  
CYS CB   C N N 78  
CYS SG   S N N 79  
CYS OXT  O N N 80  
CYS H    H N N 81  
CYS H2   H N N 82  
CYS HA   H N N 83  
CYS HB2  H N N 84  
CYS HB3  H N N 85  
CYS HG   H N N 86  
CYS HXT  H N N 87  
GLN N    N N N 88  
GLN CA   C N S 89  
GLN C    C N N 90  
GLN O    O N N 91  
GLN CB   C N N 92  
GLN CG   C N N 93  
GLN CD   C N N 94  
GLN OE1  O N N 95  
GLN NE2  N N N 96  
GLN OXT  O N N 97  
GLN H    H N N 98  
GLN H2   H N N 99  
GLN HA   H N N 100 
GLN HB2  H N N 101 
GLN HB3  H N N 102 
GLN HG2  H N N 103 
GLN HG3  H N N 104 
GLN HE21 H N N 105 
GLN HE22 H N N 106 
GLN HXT  H N N 107 
GLU N    N N N 108 
GLU CA   C N S 109 
GLU C    C N N 110 
GLU O    O N N 111 
GLU CB   C N N 112 
GLU CG   C N N 113 
GLU CD   C N N 114 
GLU OE1  O N N 115 
GLU OE2  O N N 116 
GLU OXT  O N N 117 
GLU H    H N N 118 
GLU H2   H N N 119 
GLU HA   H N N 120 
GLU HB2  H N N 121 
GLU HB3  H N N 122 
GLU HG2  H N N 123 
GLU HG3  H N N 124 
GLU HE2  H N N 125 
GLU HXT  H N N 126 
GLY N    N N N 127 
GLY CA   C N N 128 
GLY C    C N N 129 
GLY O    O N N 130 
GLY OXT  O N N 131 
GLY H    H N N 132 
GLY H2   H N N 133 
GLY HA2  H N N 134 
GLY HA3  H N N 135 
GLY HXT  H N N 136 
HIS N    N N N 137 
HIS CA   C N S 138 
HIS C    C N N 139 
HIS O    O N N 140 
HIS CB   C N N 141 
HIS CG   C Y N 142 
HIS ND1  N Y N 143 
HIS CD2  C Y N 144 
HIS CE1  C Y N 145 
HIS NE2  N Y N 146 
HIS OXT  O N N 147 
HIS H    H N N 148 
HIS H2   H N N 149 
HIS HA   H N N 150 
HIS HB2  H N N 151 
HIS HB3  H N N 152 
HIS HD1  H N N 153 
HIS HD2  H N N 154 
HIS HE1  H N N 155 
HIS HE2  H N N 156 
HIS HXT  H N N 157 
HOH O    O N N 158 
HOH H1   H N N 159 
HOH H2   H N N 160 
ILE N    N N N 161 
ILE CA   C N S 162 
ILE C    C N N 163 
ILE O    O N N 164 
ILE CB   C N S 165 
ILE CG1  C N N 166 
ILE CG2  C N N 167 
ILE CD1  C N N 168 
ILE OXT  O N N 169 
ILE H    H N N 170 
ILE H2   H N N 171 
ILE HA   H N N 172 
ILE HB   H N N 173 
ILE HG12 H N N 174 
ILE HG13 H N N 175 
ILE HG21 H N N 176 
ILE HG22 H N N 177 
ILE HG23 H N N 178 
ILE HD11 H N N 179 
ILE HD12 H N N 180 
ILE HD13 H N N 181 
ILE HXT  H N N 182 
JR4 C01  C N N 183 
JR4 C03  C N N 184 
JR4 C06  C N N 185 
JR4 C07  C Y N 186 
JR4 C08  C Y N 187 
JR4 C09  C Y N 188 
JR4 C10  C Y N 189 
JR4 C11  C N N 190 
JR4 C12  C Y N 191 
JR4 C13  C Y N 192 
JR4 C18  C N N 193 
JR4 C19  C Y N 194 
JR4 C20  C Y N 195 
JR4 C21  C Y N 196 
JR4 C22  C Y N 197 
JR4 C24  C Y N 198 
JR4 C25  C Y N 199 
JR4 F23  F N N 200 
JR4 N02  N N N 201 
JR4 N05  N N N 202 
JR4 N17  N N N 203 
JR4 O04  O N N 204 
JR4 O15  O N N 205 
JR4 O16  O N N 206 
JR4 S14  S N N 207 
JR4 H1   H N N 208 
JR4 H2   H N N 209 
JR4 H3   H N N 210 
JR4 H4   H N N 211 
JR4 H5   H N N 212 
JR4 H6   H N N 213 
JR4 H7   H N N 214 
JR4 H8   H N N 215 
JR4 H9   H N N 216 
JR4 H10  H N N 217 
JR4 H11  H N N 218 
JR4 H12  H N N 219 
JR4 H13  H N N 220 
JR4 H14  H N N 221 
JR4 H15  H N N 222 
JR4 H16  H N N 223 
JR4 H17  H N N 224 
JR4 H18  H N N 225 
LEU N    N N N 226 
LEU CA   C N S 227 
LEU C    C N N 228 
LEU O    O N N 229 
LEU CB   C N N 230 
LEU CG   C N N 231 
LEU CD1  C N N 232 
LEU CD2  C N N 233 
LEU OXT  O N N 234 
LEU H    H N N 235 
LEU H2   H N N 236 
LEU HA   H N N 237 
LEU HB2  H N N 238 
LEU HB3  H N N 239 
LEU HG   H N N 240 
LEU HD11 H N N 241 
LEU HD12 H N N 242 
LEU HD13 H N N 243 
LEU HD21 H N N 244 
LEU HD22 H N N 245 
LEU HD23 H N N 246 
LEU HXT  H N N 247 
LYS N    N N N 248 
LYS CA   C N S 249 
LYS C    C N N 250 
LYS O    O N N 251 
LYS CB   C N N 252 
LYS CG   C N N 253 
LYS CD   C N N 254 
LYS CE   C N N 255 
LYS NZ   N N N 256 
LYS OXT  O N N 257 
LYS H    H N N 258 
LYS H2   H N N 259 
LYS HA   H N N 260 
LYS HB2  H N N 261 
LYS HB3  H N N 262 
LYS HG2  H N N 263 
LYS HG3  H N N 264 
LYS HD2  H N N 265 
LYS HD3  H N N 266 
LYS HE2  H N N 267 
LYS HE3  H N N 268 
LYS HZ1  H N N 269 
LYS HZ2  H N N 270 
LYS HZ3  H N N 271 
LYS HXT  H N N 272 
MET N    N N N 273 
MET CA   C N S 274 
MET C    C N N 275 
MET O    O N N 276 
MET CB   C N N 277 
MET CG   C N N 278 
MET SD   S N N 279 
MET CE   C N N 280 
MET OXT  O N N 281 
MET H    H N N 282 
MET H2   H N N 283 
MET HA   H N N 284 
MET HB2  H N N 285 
MET HB3  H N N 286 
MET HG2  H N N 287 
MET HG3  H N N 288 
MET HE1  H N N 289 
MET HE2  H N N 290 
MET HE3  H N N 291 
MET HXT  H N N 292 
PHE N    N N N 293 
PHE CA   C N S 294 
PHE C    C N N 295 
PHE O    O N N 296 
PHE CB   C N N 297 
PHE CG   C Y N 298 
PHE CD1  C Y N 299 
PHE CD2  C Y N 300 
PHE CE1  C Y N 301 
PHE CE2  C Y N 302 
PHE CZ   C Y N 303 
PHE OXT  O N N 304 
PHE H    H N N 305 
PHE H2   H N N 306 
PHE HA   H N N 307 
PHE HB2  H N N 308 
PHE HB3  H N N 309 
PHE HD1  H N N 310 
PHE HD2  H N N 311 
PHE HE1  H N N 312 
PHE HE2  H N N 313 
PHE HZ   H N N 314 
PHE HXT  H N N 315 
PRO N    N N N 316 
PRO CA   C N S 317 
PRO C    C N N 318 
PRO O    O N N 319 
PRO CB   C N N 320 
PRO CG   C N N 321 
PRO CD   C N N 322 
PRO OXT  O N N 323 
PRO H    H N N 324 
PRO HA   H N N 325 
PRO HB2  H N N 326 
PRO HB3  H N N 327 
PRO HG2  H N N 328 
PRO HG3  H N N 329 
PRO HD2  H N N 330 
PRO HD3  H N N 331 
PRO HXT  H N N 332 
SER N    N N N 333 
SER CA   C N S 334 
SER C    C N N 335 
SER O    O N N 336 
SER CB   C N N 337 
SER OG   O N N 338 
SER OXT  O N N 339 
SER H    H N N 340 
SER H2   H N N 341 
SER HA   H N N 342 
SER HB2  H N N 343 
SER HB3  H N N 344 
SER HG   H N N 345 
SER HXT  H N N 346 
THR N    N N N 347 
THR CA   C N S 348 
THR C    C N N 349 
THR O    O N N 350 
THR CB   C N R 351 
THR OG1  O N N 352 
THR CG2  C N N 353 
THR OXT  O N N 354 
THR H    H N N 355 
THR H2   H N N 356 
THR HA   H N N 357 
THR HB   H N N 358 
THR HG1  H N N 359 
THR HG21 H N N 360 
THR HG22 H N N 361 
THR HG23 H N N 362 
THR HXT  H N N 363 
TRP N    N N N 364 
TRP CA   C N S 365 
TRP C    C N N 366 
TRP O    O N N 367 
TRP CB   C N N 368 
TRP CG   C Y N 369 
TRP CD1  C Y N 370 
TRP CD2  C Y N 371 
TRP NE1  N Y N 372 
TRP CE2  C Y N 373 
TRP CE3  C Y N 374 
TRP CZ2  C Y N 375 
TRP CZ3  C Y N 376 
TRP CH2  C Y N 377 
TRP OXT  O N N 378 
TRP H    H N N 379 
TRP H2   H N N 380 
TRP HA   H N N 381 
TRP HB2  H N N 382 
TRP HB3  H N N 383 
TRP HD1  H N N 384 
TRP HE1  H N N 385 
TRP HE3  H N N 386 
TRP HZ2  H N N 387 
TRP HZ3  H N N 388 
TRP HH2  H N N 389 
TRP HXT  H N N 390 
TYR N    N N N 391 
TYR CA   C N S 392 
TYR C    C N N 393 
TYR O    O N N 394 
TYR CB   C N N 395 
TYR CG   C Y N 396 
TYR CD1  C Y N 397 
TYR CD2  C Y N 398 
TYR CE1  C Y N 399 
TYR CE2  C Y N 400 
TYR CZ   C Y N 401 
TYR OH   O N N 402 
TYR OXT  O N N 403 
TYR H    H N N 404 
TYR H2   H N N 405 
TYR HA   H N N 406 
TYR HB2  H N N 407 
TYR HB3  H N N 408 
TYR HD1  H N N 409 
TYR HD2  H N N 410 
TYR HE1  H N N 411 
TYR HE2  H N N 412 
TYR HH   H N N 413 
TYR HXT  H N N 414 
VAL N    N N N 415 
VAL CA   C N S 416 
VAL C    C N N 417 
VAL O    O N N 418 
VAL CB   C N N 419 
VAL CG1  C N N 420 
VAL CG2  C N N 421 
VAL OXT  O N N 422 
VAL H    H N N 423 
VAL H2   H N N 424 
VAL HA   H N N 425 
VAL HB   H N N 426 
VAL HG11 H N N 427 
VAL HG12 H N N 428 
VAL HG13 H N N 429 
VAL HG21 H N N 430 
VAL HG22 H N N 431 
VAL HG23 H N N 432 
VAL HXT  H N N 433 
# 
loop_
_chem_comp_bond.comp_id 
_chem_comp_bond.atom_id_1 
_chem_comp_bond.atom_id_2 
_chem_comp_bond.value_order 
_chem_comp_bond.pdbx_aromatic_flag 
_chem_comp_bond.pdbx_stereo_config 
_chem_comp_bond.pdbx_ordinal 
ALA N   CA   sing N N 1   
ALA N   H    sing N N 2   
ALA N   H2   sing N N 3   
ALA CA  C    sing N N 4   
ALA CA  CB   sing N N 5   
ALA CA  HA   sing N N 6   
ALA C   O    doub N N 7   
ALA C   OXT  sing N N 8   
ALA CB  HB1  sing N N 9   
ALA CB  HB2  sing N N 10  
ALA CB  HB3  sing N N 11  
ALA OXT HXT  sing N N 12  
ARG N   CA   sing N N 13  
ARG N   H    sing N N 14  
ARG N   H2   sing N N 15  
ARG CA  C    sing N N 16  
ARG CA  CB   sing N N 17  
ARG CA  HA   sing N N 18  
ARG C   O    doub N N 19  
ARG C   OXT  sing N N 20  
ARG CB  CG   sing N N 21  
ARG CB  HB2  sing N N 22  
ARG CB  HB3  sing N N 23  
ARG CG  CD   sing N N 24  
ARG CG  HG2  sing N N 25  
ARG CG  HG3  sing N N 26  
ARG CD  NE   sing N N 27  
ARG CD  HD2  sing N N 28  
ARG CD  HD3  sing N N 29  
ARG NE  CZ   sing N N 30  
ARG NE  HE   sing N N 31  
ARG CZ  NH1  sing N N 32  
ARG CZ  NH2  doub N N 33  
ARG NH1 HH11 sing N N 34  
ARG NH1 HH12 sing N N 35  
ARG NH2 HH21 sing N N 36  
ARG NH2 HH22 sing N N 37  
ARG OXT HXT  sing N N 38  
ASN N   CA   sing N N 39  
ASN N   H    sing N N 40  
ASN N   H2   sing N N 41  
ASN CA  C    sing N N 42  
ASN CA  CB   sing N N 43  
ASN CA  HA   sing N N 44  
ASN C   O    doub N N 45  
ASN C   OXT  sing N N 46  
ASN CB  CG   sing N N 47  
ASN CB  HB2  sing N N 48  
ASN CB  HB3  sing N N 49  
ASN CG  OD1  doub N N 50  
ASN CG  ND2  sing N N 51  
ASN ND2 HD21 sing N N 52  
ASN ND2 HD22 sing N N 53  
ASN OXT HXT  sing N N 54  
ASP N   CA   sing N N 55  
ASP N   H    sing N N 56  
ASP N   H2   sing N N 57  
ASP CA  C    sing N N 58  
ASP CA  CB   sing N N 59  
ASP CA  HA   sing N N 60  
ASP C   O    doub N N 61  
ASP C   OXT  sing N N 62  
ASP CB  CG   sing N N 63  
ASP CB  HB2  sing N N 64  
ASP CB  HB3  sing N N 65  
ASP CG  OD1  doub N N 66  
ASP CG  OD2  sing N N 67  
ASP OD2 HD2  sing N N 68  
ASP OXT HXT  sing N N 69  
CYS N   CA   sing N N 70  
CYS N   H    sing N N 71  
CYS N   H2   sing N N 72  
CYS CA  C    sing N N 73  
CYS CA  CB   sing N N 74  
CYS CA  HA   sing N N 75  
CYS C   O    doub N N 76  
CYS C   OXT  sing N N 77  
CYS CB  SG   sing N N 78  
CYS CB  HB2  sing N N 79  
CYS CB  HB3  sing N N 80  
CYS SG  HG   sing N N 81  
CYS OXT HXT  sing N N 82  
GLN N   CA   sing N N 83  
GLN N   H    sing N N 84  
GLN N   H2   sing N N 85  
GLN CA  C    sing N N 86  
GLN CA  CB   sing N N 87  
GLN CA  HA   sing N N 88  
GLN C   O    doub N N 89  
GLN C   OXT  sing N N 90  
GLN CB  CG   sing N N 91  
GLN CB  HB2  sing N N 92  
GLN CB  HB3  sing N N 93  
GLN CG  CD   sing N N 94  
GLN CG  HG2  sing N N 95  
GLN CG  HG3  sing N N 96  
GLN CD  OE1  doub N N 97  
GLN CD  NE2  sing N N 98  
GLN NE2 HE21 sing N N 99  
GLN NE2 HE22 sing N N 100 
GLN OXT HXT  sing N N 101 
GLU N   CA   sing N N 102 
GLU N   H    sing N N 103 
GLU N   H2   sing N N 104 
GLU CA  C    sing N N 105 
GLU CA  CB   sing N N 106 
GLU CA  HA   sing N N 107 
GLU C   O    doub N N 108 
GLU C   OXT  sing N N 109 
GLU CB  CG   sing N N 110 
GLU CB  HB2  sing N N 111 
GLU CB  HB3  sing N N 112 
GLU CG  CD   sing N N 113 
GLU CG  HG2  sing N N 114 
GLU CG  HG3  sing N N 115 
GLU CD  OE1  doub N N 116 
GLU CD  OE2  sing N N 117 
GLU OE2 HE2  sing N N 118 
GLU OXT HXT  sing N N 119 
GLY N   CA   sing N N 120 
GLY N   H    sing N N 121 
GLY N   H2   sing N N 122 
GLY CA  C    sing N N 123 
GLY CA  HA2  sing N N 124 
GLY CA  HA3  sing N N 125 
GLY C   O    doub N N 126 
GLY C   OXT  sing N N 127 
GLY OXT HXT  sing N N 128 
HIS N   CA   sing N N 129 
HIS N   H    sing N N 130 
HIS N   H2   sing N N 131 
HIS CA  C    sing N N 132 
HIS CA  CB   sing N N 133 
HIS CA  HA   sing N N 134 
HIS C   O    doub N N 135 
HIS C   OXT  sing N N 136 
HIS CB  CG   sing N N 137 
HIS CB  HB2  sing N N 138 
HIS CB  HB3  sing N N 139 
HIS CG  ND1  sing Y N 140 
HIS CG  CD2  doub Y N 141 
HIS ND1 CE1  doub Y N 142 
HIS ND1 HD1  sing N N 143 
HIS CD2 NE2  sing Y N 144 
HIS CD2 HD2  sing N N 145 
HIS CE1 NE2  sing Y N 146 
HIS CE1 HE1  sing N N 147 
HIS NE2 HE2  sing N N 148 
HIS OXT HXT  sing N N 149 
HOH O   H1   sing N N 150 
HOH O   H2   sing N N 151 
ILE N   CA   sing N N 152 
ILE N   H    sing N N 153 
ILE N   H2   sing N N 154 
ILE CA  C    sing N N 155 
ILE CA  CB   sing N N 156 
ILE CA  HA   sing N N 157 
ILE C   O    doub N N 158 
ILE C   OXT  sing N N 159 
ILE CB  CG1  sing N N 160 
ILE CB  CG2  sing N N 161 
ILE CB  HB   sing N N 162 
ILE CG1 CD1  sing N N 163 
ILE CG1 HG12 sing N N 164 
ILE CG1 HG13 sing N N 165 
ILE CG2 HG21 sing N N 166 
ILE CG2 HG22 sing N N 167 
ILE CG2 HG23 sing N N 168 
ILE CD1 HD11 sing N N 169 
ILE CD1 HD12 sing N N 170 
ILE CD1 HD13 sing N N 171 
ILE OXT HXT  sing N N 172 
JR4 C21 C20  doub Y N 173 
JR4 C21 C22  sing Y N 174 
JR4 F23 C22  sing N N 175 
JR4 C20 C19  sing Y N 176 
JR4 C22 C24  doub Y N 177 
JR4 C19 C25  doub Y N 178 
JR4 C19 C18  sing N N 179 
JR4 C24 C25  sing Y N 180 
JR4 C18 N17  sing N N 181 
JR4 C06 N05  sing N N 182 
JR4 N17 S14  sing N N 183 
JR4 N05 C03  sing N N 184 
JR4 N05 C07  sing N N 185 
JR4 O04 C03  doub N N 186 
JR4 O16 S14  doub N N 187 
JR4 C03 N02  sing N N 188 
JR4 C08 C07  doub Y N 189 
JR4 C08 C09  sing Y N 190 
JR4 C07 C13  sing Y N 191 
JR4 S14 C09  sing N N 192 
JR4 S14 O15  doub N N 193 
JR4 C09 C10  doub Y N 194 
JR4 N02 C13  sing N N 195 
JR4 N02 C01  sing N N 196 
JR4 C13 C12  doub Y N 197 
JR4 C10 C12  sing Y N 198 
JR4 C10 C11  sing N N 199 
JR4 C01 H1   sing N N 200 
JR4 C01 H2   sing N N 201 
JR4 C01 H3   sing N N 202 
JR4 C06 H4   sing N N 203 
JR4 C06 H5   sing N N 204 
JR4 C06 H6   sing N N 205 
JR4 C08 H7   sing N N 206 
JR4 C11 H8   sing N N 207 
JR4 C11 H9   sing N N 208 
JR4 C11 H10  sing N N 209 
JR4 C12 H11  sing N N 210 
JR4 C18 H12  sing N N 211 
JR4 C18 H13  sing N N 212 
JR4 C20 H14  sing N N 213 
JR4 C21 H15  sing N N 214 
JR4 C24 H16  sing N N 215 
JR4 C25 H17  sing N N 216 
JR4 N17 H18  sing N N 217 
LEU N   CA   sing N N 218 
LEU N   H    sing N N 219 
LEU N   H2   sing N N 220 
LEU CA  C    sing N N 221 
LEU CA  CB   sing N N 222 
LEU CA  HA   sing N N 223 
LEU C   O    doub N N 224 
LEU C   OXT  sing N N 225 
LEU CB  CG   sing N N 226 
LEU CB  HB2  sing N N 227 
LEU CB  HB3  sing N N 228 
LEU CG  CD1  sing N N 229 
LEU CG  CD2  sing N N 230 
LEU CG  HG   sing N N 231 
LEU CD1 HD11 sing N N 232 
LEU CD1 HD12 sing N N 233 
LEU CD1 HD13 sing N N 234 
LEU CD2 HD21 sing N N 235 
LEU CD2 HD22 sing N N 236 
LEU CD2 HD23 sing N N 237 
LEU OXT HXT  sing N N 238 
LYS N   CA   sing N N 239 
LYS N   H    sing N N 240 
LYS N   H2   sing N N 241 
LYS CA  C    sing N N 242 
LYS CA  CB   sing N N 243 
LYS CA  HA   sing N N 244 
LYS C   O    doub N N 245 
LYS C   OXT  sing N N 246 
LYS CB  CG   sing N N 247 
LYS CB  HB2  sing N N 248 
LYS CB  HB3  sing N N 249 
LYS CG  CD   sing N N 250 
LYS CG  HG2  sing N N 251 
LYS CG  HG3  sing N N 252 
LYS CD  CE   sing N N 253 
LYS CD  HD2  sing N N 254 
LYS CD  HD3  sing N N 255 
LYS CE  NZ   sing N N 256 
LYS CE  HE2  sing N N 257 
LYS CE  HE3  sing N N 258 
LYS NZ  HZ1  sing N N 259 
LYS NZ  HZ2  sing N N 260 
LYS NZ  HZ3  sing N N 261 
LYS OXT HXT  sing N N 262 
MET N   CA   sing N N 263 
MET N   H    sing N N 264 
MET N   H2   sing N N 265 
MET CA  C    sing N N 266 
MET CA  CB   sing N N 267 
MET CA  HA   sing N N 268 
MET C   O    doub N N 269 
MET C   OXT  sing N N 270 
MET CB  CG   sing N N 271 
MET CB  HB2  sing N N 272 
MET CB  HB3  sing N N 273 
MET CG  SD   sing N N 274 
MET CG  HG2  sing N N 275 
MET CG  HG3  sing N N 276 
MET SD  CE   sing N N 277 
MET CE  HE1  sing N N 278 
MET CE  HE2  sing N N 279 
MET CE  HE3  sing N N 280 
MET OXT HXT  sing N N 281 
PHE N   CA   sing N N 282 
PHE N   H    sing N N 283 
PHE N   H2   sing N N 284 
PHE CA  C    sing N N 285 
PHE CA  CB   sing N N 286 
PHE CA  HA   sing N N 287 
PHE C   O    doub N N 288 
PHE C   OXT  sing N N 289 
PHE CB  CG   sing N N 290 
PHE CB  HB2  sing N N 291 
PHE CB  HB3  sing N N 292 
PHE CG  CD1  doub Y N 293 
PHE CG  CD2  sing Y N 294 
PHE CD1 CE1  sing Y N 295 
PHE CD1 HD1  sing N N 296 
PHE CD2 CE2  doub Y N 297 
PHE CD2 HD2  sing N N 298 
PHE CE1 CZ   doub Y N 299 
PHE CE1 HE1  sing N N 300 
PHE CE2 CZ   sing Y N 301 
PHE CE2 HE2  sing N N 302 
PHE CZ  HZ   sing N N 303 
PHE OXT HXT  sing N N 304 
PRO N   CA   sing N N 305 
PRO N   CD   sing N N 306 
PRO N   H    sing N N 307 
PRO CA  C    sing N N 308 
PRO CA  CB   sing N N 309 
PRO CA  HA   sing N N 310 
PRO C   O    doub N N 311 
PRO C   OXT  sing N N 312 
PRO CB  CG   sing N N 313 
PRO CB  HB2  sing N N 314 
PRO CB  HB3  sing N N 315 
PRO CG  CD   sing N N 316 
PRO CG  HG2  sing N N 317 
PRO CG  HG3  sing N N 318 
PRO CD  HD2  sing N N 319 
PRO CD  HD3  sing N N 320 
PRO OXT HXT  sing N N 321 
SER N   CA   sing N N 322 
SER N   H    sing N N 323 
SER N   H2   sing N N 324 
SER CA  C    sing N N 325 
SER CA  CB   sing N N 326 
SER CA  HA   sing N N 327 
SER C   O    doub N N 328 
SER C   OXT  sing N N 329 
SER CB  OG   sing N N 330 
SER CB  HB2  sing N N 331 
SER CB  HB3  sing N N 332 
SER OG  HG   sing N N 333 
SER OXT HXT  sing N N 334 
THR N   CA   sing N N 335 
THR N   H    sing N N 336 
THR N   H2   sing N N 337 
THR CA  C    sing N N 338 
THR CA  CB   sing N N 339 
THR CA  HA   sing N N 340 
THR C   O    doub N N 341 
THR C   OXT  sing N N 342 
THR CB  OG1  sing N N 343 
THR CB  CG2  sing N N 344 
THR CB  HB   sing N N 345 
THR OG1 HG1  sing N N 346 
THR CG2 HG21 sing N N 347 
THR CG2 HG22 sing N N 348 
THR CG2 HG23 sing N N 349 
THR OXT HXT  sing N N 350 
TRP N   CA   sing N N 351 
TRP N   H    sing N N 352 
TRP N   H2   sing N N 353 
TRP CA  C    sing N N 354 
TRP CA  CB   sing N N 355 
TRP CA  HA   sing N N 356 
TRP C   O    doub N N 357 
TRP C   OXT  sing N N 358 
TRP CB  CG   sing N N 359 
TRP CB  HB2  sing N N 360 
TRP CB  HB3  sing N N 361 
TRP CG  CD1  doub Y N 362 
TRP CG  CD2  sing Y N 363 
TRP CD1 NE1  sing Y N 364 
TRP CD1 HD1  sing N N 365 
TRP CD2 CE2  doub Y N 366 
TRP CD2 CE3  sing Y N 367 
TRP NE1 CE2  sing Y N 368 
TRP NE1 HE1  sing N N 369 
TRP CE2 CZ2  sing Y N 370 
TRP CE3 CZ3  doub Y N 371 
TRP CE3 HE3  sing N N 372 
TRP CZ2 CH2  doub Y N 373 
TRP CZ2 HZ2  sing N N 374 
TRP CZ3 CH2  sing Y N 375 
TRP CZ3 HZ3  sing N N 376 
TRP CH2 HH2  sing N N 377 
TRP OXT HXT  sing N N 378 
TYR N   CA   sing N N 379 
TYR N   H    sing N N 380 
TYR N   H2   sing N N 381 
TYR CA  C    sing N N 382 
TYR CA  CB   sing N N 383 
TYR CA  HA   sing N N 384 
TYR C   O    doub N N 385 
TYR C   OXT  sing N N 386 
TYR CB  CG   sing N N 387 
TYR CB  HB2  sing N N 388 
TYR CB  HB3  sing N N 389 
TYR CG  CD1  doub Y N 390 
TYR CG  CD2  sing Y N 391 
TYR CD1 CE1  sing Y N 392 
TYR CD1 HD1  sing N N 393 
TYR CD2 CE2  doub Y N 394 
TYR CD2 HD2  sing N N 395 
TYR CE1 CZ   doub Y N 396 
TYR CE1 HE1  sing N N 397 
TYR CE2 CZ   sing Y N 398 
TYR CE2 HE2  sing N N 399 
TYR CZ  OH   sing N N 400 
TYR OH  HH   sing N N 401 
TYR OXT HXT  sing N N 402 
VAL N   CA   sing N N 403 
VAL N   H    sing N N 404 
VAL N   H2   sing N N 405 
VAL CA  C    sing N N 406 
VAL CA  CB   sing N N 407 
VAL CA  HA   sing N N 408 
VAL C   O    doub N N 409 
VAL C   OXT  sing N N 410 
VAL CB  CG1  sing N N 411 
VAL CB  CG2  sing N N 412 
VAL CB  HB   sing N N 413 
VAL CG1 HG11 sing N N 414 
VAL CG1 HG12 sing N N 415 
VAL CG1 HG13 sing N N 416 
VAL CG2 HG21 sing N N 417 
VAL CG2 HG22 sing N N 418 
VAL CG2 HG23 sing N N 419 
VAL OXT HXT  sing N N 420 
# 
_pdbx_audit_support.funding_organization   'Swiss Cancer Society (Krebsliga Schweiz)' 
_pdbx_audit_support.country                Switzerland 
_pdbx_audit_support.grant_number           'KLS-3098- 02-2013' 
_pdbx_audit_support.ordinal                1 
# 
_pdbx_initial_refinement_model.id               1 
_pdbx_initial_refinement_model.entity_id_list   ? 
_pdbx_initial_refinement_model.type             'experimental model' 
_pdbx_initial_refinement_model.source_name      PDB 
_pdbx_initial_refinement_model.accession_code   5MGJ 
_pdbx_initial_refinement_model.details          ? 
# 
_atom_sites.entry_id                    5OR8 
_atom_sites.fract_transf_matrix[1][1]   0.01088156 
_atom_sites.fract_transf_matrix[1][2]   0.00494562 
_atom_sites.fract_transf_matrix[1][3]   0.00210866 
_atom_sites.fract_transf_matrix[2][1]   0.00115557 
_atom_sites.fract_transf_matrix[2][2]   0.00883985 
_atom_sites.fract_transf_matrix[2][3]   0.00823581 
_atom_sites.fract_transf_matrix[3][1]   0.00530316 
_atom_sites.fract_transf_matrix[3][2]   -0.02092888 
_atom_sites.fract_transf_matrix[3][3]   0.02171979 
_atom_sites.fract_transf_vector[1]      0.143125 
_atom_sites.fract_transf_vector[2]      -0.370712 
_atom_sites.fract_transf_vector[3]      1.008197 
# 
loop_
_atom_type.symbol 
C 
F 
N 
O 
S 
# 
loop_
_atom_site.group_PDB 
_atom_site.id 
_atom_site.type_symbol 
_atom_site.label_atom_id 
_atom_site.label_alt_id 
_atom_site.label_comp_id 
_atom_site.label_asym_id 
_atom_site.label_entity_id 
_atom_site.label_seq_id 
_atom_site.pdbx_PDB_ins_code 
_atom_site.Cartn_x 
_atom_site.Cartn_y 
_atom_site.Cartn_z 
_atom_site.occupancy 
_atom_site.B_iso_or_equiv 
_atom_site.pdbx_formal_charge 
_atom_site.auth_seq_id 
_atom_site.auth_comp_id 
_atom_site.auth_asym_id 
_atom_site.auth_atom_id 
_atom_site.pdbx_PDB_model_num 
ATOM   1   N N   . HIS A 1 3   ? -0.689  10.909  19.419  1.00 82.70 ? 1796 HIS A N   1 
ATOM   2   C CA  . HIS A 1 3   ? 0.663   10.650  18.920  1.00 82.85 ? 1796 HIS A CA  1 
ATOM   3   C C   . HIS A 1 3   ? 0.841   9.162   18.614  1.00 80.72 ? 1796 HIS A C   1 
ATOM   4   O O   . HIS A 1 3   ? 1.529   8.812   17.644  1.00 75.69 ? 1796 HIS A O   1 
ATOM   5   C CB  . HIS A 1 3   ? 1.723   11.081  19.948  1.00 85.90 ? 1796 HIS A CB  1 
ATOM   6   C CG  . HIS A 1 3   ? 3.141   10.773  19.545  1.00 88.38 ? 1796 HIS A CG  1 
ATOM   7   N ND1 . HIS A 1 3   ? 3.712   11.295  18.404  1.00 89.00 ? 1796 HIS A ND1 1 
ATOM   8   C CD2 . HIS A 1 3   ? 4.102   10.014  20.133  1.00 84.13 ? 1796 HIS A CD2 1 
ATOM   9   C CE1 . HIS A 1 3   ? 4.956   10.861  18.298  1.00 85.20 ? 1796 HIS A CE1 1 
ATOM   10  N NE2 . HIS A 1 3   ? 5.219   10.083  19.335  1.00 83.06 ? 1796 HIS A NE2 1 
ATOM   11  N N   . SER A 1 4   ? 0.257   8.296   19.462  1.00 83.20 ? 1797 SER A N   1 
ATOM   12  C CA  . SER A 1 4   ? 0.437   6.858   19.302  1.00 82.16 ? 1797 SER A CA  1 
ATOM   13  C C   . SER A 1 4   ? -0.162  6.362   17.989  1.00 78.84 ? 1797 SER A C   1 
ATOM   14  O O   . SER A 1 4   ? 0.322   5.372   17.423  1.00 71.53 ? 1797 SER A O   1 
ATOM   15  C CB  . SER A 1 4   ? -0.159  6.131   20.514  1.00 76.71 ? 1797 SER A CB  1 
ATOM   16  O OG  . SER A 1 4   ? -1.555  6.368   20.688  1.00 80.37 ? 1797 SER A OG  1 
ATOM   17  N N   . ASP A 1 5   ? -1.177  7.063   17.469  1.00 77.45 ? 1798 ASP A N   1 
ATOM   18  C CA  . ASP A 1 5   ? -1.807  6.660   16.215  1.00 75.05 ? 1798 ASP A CA  1 
ATOM   19  C C   . ASP A 1 5   ? -0.793  6.636   15.071  1.00 71.42 ? 1798 ASP A C   1 
ATOM   20  O O   . ASP A 1 5   ? -0.558  5.590   14.436  1.00 66.53 ? 1798 ASP A O   1 
ATOM   21  C CB  . ASP A 1 5   ? -2.976  7.603   15.897  1.00 74.36 ? 1798 ASP A CB  1 
ATOM   22  C CG  . ASP A 1 5   ? -4.297  7.162   16.553  1.00 74.42 ? 1798 ASP A CG  1 
ATOM   23  O OD1 . ASP A 1 5   ? -4.290  6.273   17.443  1.00 72.92 ? 1798 ASP A OD1 1 
ATOM   24  O OD2 . ASP A 1 5   ? -5.351  7.713   16.160  1.00 70.55 ? 1798 ASP A OD2 1 
ATOM   25  N N   . LEU A 1 6   ? -0.157  7.781   14.808  1.00 64.79 ? 1799 LEU A N   1 
ATOM   26  C CA  . LEU A 1 6   ? 0.788   7.838   13.700  1.00 61.08 ? 1799 LEU A CA  1 
ATOM   27  C C   . LEU A 1 6   ? 2.065   7.056   14.015  1.00 59.13 ? 1799 LEU A C   1 
ATOM   28  O O   . LEU A 1 6   ? 2.789   6.652   13.095  1.00 52.95 ? 1799 LEU A O   1 
ATOM   29  C CB  . LEU A 1 6   ? 1.108   9.293   13.365  1.00 62.20 ? 1799 LEU A CB  1 
ATOM   30  C CG  . LEU A 1 6   ? -0.080  10.192  13.000  1.00 61.08 ? 1799 LEU A CG  1 
ATOM   31  C CD1 . LEU A 1 6   ? 0.375   11.637  12.780  1.00 63.81 ? 1799 LEU A CD1 1 
ATOM   32  C CD2 . LEU A 1 6   ? -0.839  9.693   11.781  1.00 54.99 ? 1799 LEU A CD2 1 
ATOM   33  N N   . THR A 1 7   ? 2.357   6.829   15.302  1.00 56.40 ? 1800 THR A N   1 
ATOM   34  C CA  . THR A 1 7   ? 3.477   5.962   15.647  1.00 57.78 ? 1800 THR A CA  1 
ATOM   35  C C   . THR A 1 7   ? 3.221   4.547   15.143  1.00 54.77 ? 1800 THR A C   1 
ATOM   36  O O   . THR A 1 7   ? 4.069   3.948   14.462  1.00 46.20 ? 1800 THR A O   1 
ATOM   37  C CB  . THR A 1 7   ? 3.728   5.960   17.161  1.00 63.22 ? 1800 THR A CB  1 
ATOM   38  O OG1 . THR A 1 7   ? 4.101   7.272   17.597  1.00 64.31 ? 1800 THR A OG1 1 
ATOM   39  C CG2 . THR A 1 7   ? 4.862   4.988   17.504  1.00 55.84 ? 1800 THR A CG2 1 
ATOM   40  N N   . PHE A 1 8   ? 2.031   4.008   15.440  1.00 54.96 ? 1801 PHE A N   1 
ATOM   41  C CA  . PHE A 1 8   ? 1.676   2.692   14.922  1.00 53.64 ? 1801 PHE A CA  1 
ATOM   42  C C   . PHE A 1 8   ? 1.637   2.688   13.404  1.00 50.27 ? 1801 PHE A C   1 
ATOM   43  O O   . PHE A 1 8   ? 1.936   1.661   12.777  1.00 50.59 ? 1801 PHE A O   1 
ATOM   44  C CB  . PHE A 1 8   ? 0.334   2.236   15.486  1.00 63.26 ? 1801 PHE A CB  1 
ATOM   45  C CG  . PHE A 1 8   ? 0.324   2.111   16.976  1.00 77.03 ? 1801 PHE A CG  1 
ATOM   46  C CD1 . PHE A 1 8   ? 1.481   1.754   17.664  1.00 76.56 ? 1801 PHE A CD1 1 
ATOM   47  C CD2 . PHE A 1 8   ? -0.834  2.356   17.698  1.00 80.09 ? 1801 PHE A CD2 1 
ATOM   48  C CE1 . PHE A 1 8   ? 1.480   1.642   19.045  1.00 76.54 ? 1801 PHE A CE1 1 
ATOM   49  C CE2 . PHE A 1 8   ? -0.843  2.246   19.079  1.00 77.37 ? 1801 PHE A CE2 1 
ATOM   50  C CZ  . PHE A 1 8   ? 0.315   1.888   19.753  1.00 79.65 ? 1801 PHE A CZ  1 
ATOM   51  N N   . CYS A 1 9   ? 1.282   3.814   12.787  1.00 46.77 ? 1802 CYS A N   1 
ATOM   52  C CA  . CYS A 1 9   ? 1.356   3.862   11.332  1.00 46.09 ? 1802 CYS A CA  1 
ATOM   53  C C   . CYS A 1 9   ? 2.795   3.718   10.857  1.00 40.72 ? 1802 CYS A C   1 
ATOM   54  O O   . CYS A 1 9   ? 3.065   3.030   9.868   1.00 38.89 ? 1802 CYS A O   1 
ATOM   55  C CB  . CYS A 1 9   ? 0.729   5.153   10.799  1.00 44.98 ? 1802 CYS A CB  1 
ATOM   56  S SG  . CYS A 1 9   ? -1.055  5.205   11.012  1.00 46.87 ? 1802 CYS A SG  1 
ATOM   57  N N   . GLU A 1 10  ? 3.735   4.356   11.553  1.00 40.81 ? 1803 GLU A N   1 
ATOM   58  C CA  . GLU A 1 10  ? 5.139   4.188   11.196  1.00 38.59 ? 1803 GLU A CA  1 
ATOM   59  C C   . GLU A 1 10  ? 5.559   2.727   11.332  1.00 36.98 ? 1803 GLU A C   1 
ATOM   60  O O   . GLU A 1 10  ? 6.247   2.182   10.457  1.00 33.75 ? 1803 GLU A O   1 
ATOM   61  C CB  . GLU A 1 10  ? 6.008   5.108   12.060  1.00 39.37 ? 1803 GLU A CB  1 
ATOM   62  C CG  . GLU A 1 10  ? 7.493   4.842   11.927  1.00 35.20 ? 1803 GLU A CG  1 
ATOM   63  C CD  . GLU A 1 10  ? 8.024   5.071   10.522  1.00 39.41 ? 1803 GLU A CD  1 
ATOM   64  O OE1 . GLU A 1 10  ? 7.738   6.155   9.940   1.00 32.54 ? 1803 GLU A OE1 1 
ATOM   65  O OE2 . GLU A 1 10  ? 8.738   4.160   10.017  1.00 35.43 ? 1803 GLU A OE2 1 
ATOM   66  N N   . ILE A 1 11  ? 5.138   2.063   12.414  1.00 38.22 ? 1804 ILE A N   1 
ATOM   67  C CA  . ILE A 1 11  ? 5.526   0.669   12.622  1.00 36.89 ? 1804 ILE A CA  1 
ATOM   68  C C   . ILE A 1 11  ? 4.986   -0.206  11.496  1.00 35.44 ? 1804 ILE A C   1 
ATOM   69  O O   . ILE A 1 11  ? 5.698   -1.059  10.940  1.00 33.81 ? 1804 ILE A O   1 
ATOM   70  C CB  . ILE A 1 11  ? 5.043   0.165   13.992  1.00 39.59 ? 1804 ILE A CB  1 
ATOM   71  C CG1 . ILE A 1 11  ? 5.643   1.004   15.120  1.00 40.68 ? 1804 ILE A CG1 1 
ATOM   72  C CG2 . ILE A 1 11  ? 5.399   -1.316  14.163  1.00 33.56 ? 1804 ILE A CG2 1 
ATOM   73  C CD1 . ILE A 1 11  ? 5.020   0.719   16.464  1.00 46.38 ? 1804 ILE A CD1 1 
ATOM   74  N N   . ILE A 1 12  ? 3.714   -0.009  11.149  1.00 34.63 ? 1805 ILE A N   1 
ATOM   75  C CA  . ILE A 1 12  ? 3.096   -0.839  10.123  1.00 36.81 ? 1805 ILE A CA  1 
ATOM   76  C C   . ILE A 1 12  ? 3.729   -0.570  8.758   1.00 36.97 ? 1805 ILE A C   1 
ATOM   77  O O   . ILE A 1 12  ? 4.057   -1.512  8.020   1.00 31.25 ? 1805 ILE A O   1 
ATOM   78  C CB  . ILE A 1 12  ? 1.576   -0.606  10.113  1.00 39.55 ? 1805 ILE A CB  1 
ATOM   79  C CG1 . ILE A 1 12  ? 0.929   -1.420  11.231  1.00 47.76 ? 1805 ILE A CG1 1 
ATOM   80  C CG2 . ILE A 1 12  ? 0.968   -1.007  8.779   1.00 39.85 ? 1805 ILE A CG2 1 
ATOM   81  C CD1 . ILE A 1 12  ? -0.555  -1.140  11.403  1.00 51.04 ? 1805 ILE A CD1 1 
ATOM   82  N N   . LEU A 1 13  ? 3.938   0.717   8.413   1.00 35.27 ? 1806 LEU A N   1 
ATOM   83  C CA  . LEU A 1 13  ? 4.516   1.061   7.114   1.00 31.90 ? 1806 LEU A CA  1 
ATOM   84  C C   . LEU A 1 13  ? 5.942   0.544   6.995   1.00 29.38 ? 1806 LEU A C   1 
ATOM   85  O O   . LEU A 1 13  ? 6.343   0.078   5.927   1.00 27.29 ? 1806 LEU A O   1 
ATOM   86  C CB  . LEU A 1 13  ? 4.465   2.579   6.867   1.00 33.30 ? 1806 LEU A CB  1 
ATOM   87  C CG  . LEU A 1 13  ? 5.067   3.086   5.530   1.00 33.29 ? 1806 LEU A CG  1 
ATOM   88  C CD1 . LEU A 1 13  ? 4.526   2.315   4.325   1.00 30.04 ? 1806 LEU A CD1 1 
ATOM   89  C CD2 . LEU A 1 13  ? 4.841   4.585   5.320   1.00 29.31 ? 1806 LEU A CD2 1 
ATOM   90  N N   . MET A 1 14  ? 6.721   0.598   8.081   1.00 33.97 ? 1807 MET A N   1 
ATOM   91  C CA  . MET A 1 14  ? 8.072   0.035   8.046   1.00 34.16 ? 1807 MET A CA  1 
ATOM   92  C C   . MET A 1 14  ? 8.031   -1.480  7.870   1.00 31.12 ? 1807 MET A C   1 
ATOM   93  O O   . MET A 1 14  ? 8.823   -2.055  7.108   1.00 33.51 ? 1807 MET A O   1 
ATOM   94  C CB  . MET A 1 14  ? 8.840   0.412   9.316   1.00 38.61 ? 1807 MET A CB  1 
ATOM   95  C CG  . MET A 1 14  ? 9.941   -0.596  9.695   1.00 45.61 ? 1807 MET A CG  1 
ATOM   96  S SD  . MET A 1 14  ? 10.559  -0.421  11.391  1.00 59.52 ? 1807 MET A SD  1 
ATOM   97  C CE  . MET A 1 14  ? 9.060   -0.050  12.296  1.00 33.63 ? 1807 MET A CE  1 
ATOM   98  N N   . GLU A 1 15  ? 7.106   -2.154  8.550   1.00 31.11 ? 1808 GLU A N   1 
ATOM   99  C CA  . GLU A 1 15  ? 7.054   -3.600  8.362   1.00 33.92 ? 1808 GLU A CA  1 
ATOM   100 C C   . GLU A 1 15  ? 6.564   -3.963  6.964   1.00 36.05 ? 1808 GLU A C   1 
ATOM   101 O O   . GLU A 1 15  ? 6.973   -4.996  6.413   1.00 37.10 ? 1808 GLU A O   1 
ATOM   102 C CB  . GLU A 1 15  ? 6.190   -4.243  9.441   1.00 34.79 ? 1808 GLU A CB  1 
ATOM   103 C CG  . GLU A 1 15  ? 6.826   -4.218  10.834  1.00 30.29 ? 1808 GLU A CG  1 
ATOM   104 C CD  . GLU A 1 15  ? 5.830   -4.607  11.919  1.00 41.20 ? 1808 GLU A CD  1 
ATOM   105 O OE1 . GLU A 1 15  ? 4.636   -4.706  11.576  1.00 41.17 ? 1808 GLU A OE1 1 
ATOM   106 O OE2 . GLU A 1 15  ? 6.226   -4.804  13.100  1.00 42.27 ? 1808 GLU A OE2 1 
ATOM   107 N N   . MET A 1 16  ? 5.720   -3.125  6.355   1.00 31.89 ? 1809 MET A N   1 
ATOM   108 C CA  . MET A 1 16  ? 5.319   -3.387  4.979   1.00 27.94 ? 1809 MET A CA  1 
ATOM   109 C C   . MET A 1 16  ? 6.472   -3.126  4.021   1.00 29.34 ? 1809 MET A C   1 
ATOM   110 O O   . MET A 1 16  ? 6.750   -3.935  3.126   1.00 28.84 ? 1809 MET A O   1 
ATOM   111 C CB  . MET A 1 16  ? 4.096   -2.543  4.612   1.00 28.96 ? 1809 MET A CB  1 
ATOM   112 C CG  . MET A 1 16  ? 2.866   -2.886  5.417   1.00 30.61 ? 1809 MET A CG  1 
ATOM   113 S SD  . MET A 1 16  ? 1.344   -2.482  4.540   1.00 31.63 ? 1809 MET A SD  1 
ATOM   114 C CE  . MET A 1 16  ? 1.344   -0.693  4.715   1.00 29.44 ? 1809 MET A CE  1 
ATOM   115 N N   . GLU A 1 17  ? 7.156   -1.991  4.185   1.00 30.79 ? 1810 GLU A N   1 
ATOM   116 C CA  . GLU A 1 17  ? 8.295   -1.664  3.328   1.00 33.55 ? 1810 GLU A CA  1 
ATOM   117 C C   . GLU A 1 17  ? 9.356   -2.772  3.302   1.00 31.75 ? 1810 GLU A C   1 
ATOM   118 O O   . GLU A 1 17  ? 9.994   -3.005  2.261   1.00 25.10 ? 1810 GLU A O   1 
ATOM   119 C CB  . GLU A 1 17  ? 8.909   -0.337  3.786   1.00 32.57 ? 1810 GLU A CB  1 
ATOM   120 C CG  . GLU A 1 17  ? 8.088   0.898   3.411   1.00 32.84 ? 1810 GLU A CG  1 
ATOM   121 C CD  . GLU A 1 17  ? 8.568   2.162   4.145   1.00 36.11 ? 1810 GLU A CD  1 
ATOM   122 O OE1 . GLU A 1 17  ? 8.923   2.058   5.340   1.00 35.69 ? 1810 GLU A OE1 1 
ATOM   123 O OE2 . GLU A 1 17  ? 8.562   3.260   3.544   1.00 34.75 ? 1810 GLU A OE2 1 
ATOM   124 N N   . SER A 1 18  ? 9.542   -3.487  4.415   1.00 30.91 ? 1811 SER A N   1 
ATOM   125 C CA  . SER A 1 18  ? 10.575  -4.515  4.491   1.00 35.06 ? 1811 SER A CA  1 
ATOM   126 C C   . SER A 1 18  ? 10.050  -5.944  4.307   1.00 31.35 ? 1811 SER A C   1 
ATOM   127 O O   . SER A 1 18  ? 10.822  -6.899  4.463   1.00 29.74 ? 1811 SER A O   1 
ATOM   128 C CB  . SER A 1 18  ? 11.322  -4.390  5.824   1.00 31.21 ? 1811 SER A CB  1 
ATOM   129 O OG  . SER A 1 18  ? 10.438  -4.650  6.901   1.00 41.46 ? 1811 SER A OG  1 
ATOM   130 N N   . HIS A 1 19  ? 8.775   -6.115  3.956   1.00 27.61 ? 1812 HIS A N   1 
ATOM   131 C CA  . HIS A 1 19  ? 8.184   -7.438  3.776   1.00 27.63 ? 1812 HIS A CA  1 
ATOM   132 C C   . HIS A 1 19  ? 8.688   -8.104  2.492   1.00 27.69 ? 1812 HIS A C   1 
ATOM   133 O O   . HIS A 1 19  ? 8.976   -7.434  1.493   1.00 27.93 ? 1812 HIS A O   1 
ATOM   134 C CB  . HIS A 1 19  ? 6.661   -7.297  3.747   1.00 30.54 ? 1812 HIS A CB  1 
ATOM   135 C CG  . HIS A 1 19  ? 5.913   -8.566  3.982   1.00 26.43 ? 1812 HIS A CG  1 
ATOM   136 N ND1 . HIS A 1 19  ? 5.898   -9.603  3.073   1.00 27.30 ? 1812 HIS A ND1 1 
ATOM   137 C CD2 . HIS A 1 19  ? 5.126   -8.956  5.012   1.00 28.09 ? 1812 HIS A CD2 1 
ATOM   138 C CE1 . HIS A 1 19  ? 5.147   -10.586 3.540   1.00 25.77 ? 1812 HIS A CE1 1 
ATOM   139 N NE2 . HIS A 1 19  ? 4.661   -10.214 4.711   1.00 31.59 ? 1812 HIS A NE2 1 
ATOM   140 N N   . ASP A 1 20  ? 8.793   -9.436  2.520   1.00 22.42 ? 1813 ASP A N   1 
ATOM   141 C CA  . ASP A 1 20  ? 9.263   -10.164 1.338   1.00 30.16 ? 1813 ASP A CA  1 
ATOM   142 C C   . ASP A 1 20  ? 8.354   -9.938  0.130   1.00 28.01 ? 1813 ASP A C   1 
ATOM   143 O O   . ASP A 1 20  ? 8.812   -9.968  -1.015  1.00 31.65 ? 1813 ASP A O   1 
ATOM   144 C CB  . ASP A 1 20  ? 9.351   -11.677 1.611   1.00 32.84 ? 1813 ASP A CB  1 
ATOM   145 C CG  . ASP A 1 20  ? 10.431  -12.057 2.631   1.00 33.55 ? 1813 ASP A CG  1 
ATOM   146 O OD1 . ASP A 1 20  ? 11.119  -11.166 3.174   1.00 35.68 ? 1813 ASP A OD1 1 
ATOM   147 O OD2 . ASP A 1 20  ? 10.596  -13.270 2.879   1.00 34.67 ? 1813 ASP A OD2 1 
ATOM   148 N N   . ALA A 1 21  ? 7.057   -9.766  0.361   1.00 28.03 ? 1814 ALA A N   1 
ATOM   149 C CA  . ALA A 1 21  ? 6.078   -9.610  -0.705  1.00 26.83 ? 1814 ALA A CA  1 
ATOM   150 C C   . ALA A 1 21  ? 5.893   -8.159  -1.139  1.00 27.26 ? 1814 ALA A C   1 
ATOM   151 O O   . ALA A 1 21  ? 4.968   -7.874  -1.906  1.00 27.62 ? 1814 ALA A O   1 
ATOM   152 C CB  . ALA A 1 21  ? 4.724   -10.178 -0.264  1.00 23.02 ? 1814 ALA A CB  1 
ATOM   153 N N   . ALA A 1 22  ? 6.739   -7.237  -0.665  1.00 26.49 ? 1815 ALA A N   1 
ATOM   154 C CA  . ALA A 1 22  ? 6.504   -5.816  -0.885  1.00 26.41 ? 1815 ALA A CA  1 
ATOM   155 C C   . ALA A 1 22  ? 7.038   -5.314  -2.217  1.00 31.37 ? 1815 ALA A C   1 
ATOM   156 O O   . ALA A 1 22  ? 6.721   -4.178  -2.586  1.00 29.78 ? 1815 ALA A O   1 
ATOM   157 C CB  . ALA A 1 22  ? 7.128   -4.982  0.236   1.00 27.03 ? 1815 ALA A CB  1 
ATOM   158 N N   . TRP A 1 23  ? 7.804   -6.129  -2.959  1.00 29.22 ? 1816 TRP A N   1 
ATOM   159 C CA  . TRP A 1 23  ? 8.464   -5.611  -4.158  1.00 30.64 ? 1816 TRP A CA  1 
ATOM   160 C C   . TRP A 1 23  ? 7.521   -4.895  -5.126  1.00 32.62 ? 1816 TRP A C   1 
ATOM   161 O O   . TRP A 1 23  ? 7.955   -3.880  -5.701  1.00 33.61 ? 1816 TRP A O   1 
ATOM   162 C CB  . TRP A 1 23  ? 9.230   -6.727  -4.884  1.00 25.60 ? 1816 TRP A CB  1 
ATOM   163 C CG  . TRP A 1 23  ? 8.397   -7.903  -5.236  1.00 34.14 ? 1816 TRP A CG  1 
ATOM   164 C CD1 . TRP A 1 23  ? 8.137   -8.981  -4.450  1.00 29.95 ? 1816 TRP A CD1 1 
ATOM   165 C CD2 . TRP A 1 23  ? 7.689   -8.112  -6.468  1.00 35.77 ? 1816 TRP A CD2 1 
ATOM   166 N NE1 . TRP A 1 23  ? 7.302   -9.849  -5.111  1.00 32.22 ? 1816 TRP A NE1 1 
ATOM   167 C CE2 . TRP A 1 23  ? 7.014   -9.342  -6.353  1.00 35.06 ? 1816 TRP A CE2 1 
ATOM   168 C CE3 . TRP A 1 23  ? 7.551   -7.368  -7.647  1.00 34.36 ? 1816 TRP A CE3 1 
ATOM   169 C CZ2 . TRP A 1 23  ? 6.221   -9.861  -7.384  1.00 36.36 ? 1816 TRP A CZ2 1 
ATOM   170 C CZ3 . TRP A 1 23  ? 6.761   -7.873  -8.666  1.00 36.65 ? 1816 TRP A CZ3 1 
ATOM   171 C CH2 . TRP A 1 23  ? 6.104   -9.111  -8.530  1.00 43.45 ? 1816 TRP A CH2 1 
ATOM   172 N N   . PRO A 1 24  ? 6.259   -5.301  -5.341  1.00 34.08 ? 1817 PRO A N   1 
ATOM   173 C CA  . PRO A 1 24  ? 5.443   -4.576  -6.339  1.00 30.92 ? 1817 PRO A CA  1 
ATOM   174 C C   . PRO A 1 24  ? 5.120   -3.182  -5.870  1.00 28.97 ? 1817 PRO A C   1 
ATOM   175 O O   . PRO A 1 24  ? 4.932   -2.298  -6.714  1.00 33.57 ? 1817 PRO A O   1 
ATOM   176 C CB  . PRO A 1 24  ? 4.214   -5.478  -6.544  1.00 30.41 ? 1817 PRO A CB  1 
ATOM   177 C CG  . PRO A 1 24  ? 4.535   -6.790  -5.807  1.00 34.22 ? 1817 PRO A CG  1 
ATOM   178 C CD  . PRO A 1 24  ? 5.481   -6.404  -4.728  1.00 28.33 ? 1817 PRO A CD  1 
ATOM   179 N N   . PHE A 1 25  ? 5.044   -2.945  -4.558  1.00 29.18 ? 1818 PHE A N   1 
ATOM   180 C CA  . PHE A 1 25  ? 4.491   -1.694  -4.044  1.00 29.84 ? 1818 PHE A CA  1 
ATOM   181 C C   . PHE A 1 25  ? 5.477   -0.673  -3.493  1.00 29.67 ? 1818 PHE A C   1 
ATOM   182 O O   . PHE A 1 25  ? 5.045   0.331   -2.902  1.00 29.49 ? 1818 PHE A O   1 
ATOM   183 C CB  . PHE A 1 25  ? 3.485   -2.094  -2.961  1.00 26.83 ? 1818 PHE A CB  1 
ATOM   184 C CG  . PHE A 1 25  ? 2.600   -3.225  -3.380  1.00 27.80 ? 1818 PHE A CG  1 
ATOM   185 C CD1 . PHE A 1 25  ? 1.595   -3.018  -4.318  1.00 26.28 ? 1818 PHE A CD1 1 
ATOM   186 C CD2 . PHE A 1 25  ? 2.819   -4.524  -2.890  1.00 27.41 ? 1818 PHE A CD2 1 
ATOM   187 C CE1 . PHE A 1 25  ? 0.786   -4.074  -4.740  1.00 28.30 ? 1818 PHE A CE1 1 
ATOM   188 C CE2 . PHE A 1 25  ? 2.018   -5.590  -3.295  1.00 26.64 ? 1818 PHE A CE2 1 
ATOM   189 C CZ  . PHE A 1 25  ? 0.999   -5.364  -4.231  1.00 31.06 ? 1818 PHE A CZ  1 
ATOM   190 N N   . LEU A 1 26  ? 6.785   -0.879  -3.683  1.00 33.69 ? 1819 LEU A N   1 
ATOM   191 C CA  . LEU A 1 26  ? 7.759   0.044   -3.101  1.00 34.28 ? 1819 LEU A CA  1 
ATOM   192 C C   . LEU A 1 26  ? 7.805   1.386   -3.827  1.00 36.33 ? 1819 LEU A C   1 
ATOM   193 O O   . LEU A 1 26  ? 8.069   2.411   -3.186  1.00 34.95 ? 1819 LEU A O   1 
ATOM   194 C CB  . LEU A 1 26  ? 9.138   -0.605  -3.085  1.00 33.14 ? 1819 LEU A CB  1 
ATOM   195 C CG  . LEU A 1 26  ? 9.211   -1.863  -2.202  1.00 35.95 ? 1819 LEU A CG  1 
ATOM   196 C CD1 . LEU A 1 26  ? 10.561  -2.588  -2.357  1.00 24.41 ? 1819 LEU A CD1 1 
ATOM   197 C CD2 . LEU A 1 26  ? 8.907   -1.513  -0.736  1.00 25.96 ? 1819 LEU A CD2 1 
ATOM   198 N N   . GLU A 1 27  ? 7.533   1.409   -5.132  1.00 34.00 ? 1820 GLU A N   1 
ATOM   199 C CA  . GLU A 1 27  ? 7.610   2.621   -5.943  1.00 37.51 ? 1820 GLU A CA  1 
ATOM   200 C C   . GLU A 1 27  ? 6.355   2.750   -6.792  1.00 36.28 ? 1820 GLU A C   1 
ATOM   201 O O   . GLU A 1 27  ? 5.687   1.741   -7.075  1.00 33.80 ? 1820 GLU A O   1 
ATOM   202 C CB  . GLU A 1 27  ? 8.852   2.607   -6.860  1.00 40.17 ? 1820 GLU A CB  1 
ATOM   203 C CG  . GLU A 1 27  ? 10.216  2.459   -6.154  1.00 45.77 ? 1820 GLU A CG  1 
ATOM   204 C CD  . GLU A 1 27  ? 10.479  3.555   -5.128  1.00 49.92 ? 1820 GLU A CD  1 
ATOM   205 O OE1 . GLU A 1 27  ? 10.135  4.728   -5.412  1.00 55.56 ? 1820 GLU A OE1 1 
ATOM   206 O OE2 . GLU A 1 27  ? 11.023  3.254   -4.037  1.00 51.39 ? 1820 GLU A OE2 1 
ATOM   207 N N   . PRO A 1 28  ? 6.002   3.972   -7.222  1.00 31.41 ? 1821 PRO A N   1 
ATOM   208 C CA  . PRO A 1 28  ? 4.868   4.137   -8.141  1.00 32.00 ? 1821 PRO A CA  1 
ATOM   209 C C   . PRO A 1 28  ? 4.983   3.220   -9.349  1.00 33.64 ? 1821 PRO A C   1 
ATOM   210 O O   . PRO A 1 28  ? 6.070   2.997   -9.892  1.00 38.84 ? 1821 PRO A O   1 
ATOM   211 C CB  . PRO A 1 28  ? 4.949   5.609   -8.564  1.00 26.31 ? 1821 PRO A CB  1 
ATOM   212 C CG  . PRO A 1 28  ? 5.573   6.294   -7.377  1.00 32.41 ? 1821 PRO A CG  1 
ATOM   213 C CD  . PRO A 1 28  ? 6.580   5.275   -6.834  1.00 38.70 ? 1821 PRO A CD  1 
ATOM   214 N N   . VAL A 1 29  ? 3.846   2.677   -9.766  1.00 30.40 ? 1822 VAL A N   1 
ATOM   215 C CA  . VAL A 1 29  ? 3.827   1.909   -10.996 1.00 31.80 ? 1822 VAL A CA  1 
ATOM   216 C C   . VAL A 1 29  ? 4.229   2.822   -12.142 1.00 30.62 ? 1822 VAL A C   1 
ATOM   217 O O   . VAL A 1 29  ? 3.730   3.947   -12.269 1.00 31.40 ? 1822 VAL A O   1 
ATOM   218 C CB  . VAL A 1 29  ? 2.440   1.291   -11.223 1.00 31.14 ? 1822 VAL A CB  1 
ATOM   219 C CG1 . VAL A 1 29  ? 2.297   0.796   -12.660 1.00 28.04 ? 1822 VAL A CG1 1 
ATOM   220 C CG2 . VAL A 1 29  ? 2.210   0.153   -10.235 1.00 30.22 ? 1822 VAL A CG2 1 
ATOM   221 N N   . ASN A 1 30  ? 5.155   2.363   -12.952 1.00 34.67 ? 1823 ASN A N   1 
ATOM   222 C CA  . ASN A 1 30  ? 5.557   3.130   -14.119 1.00 35.73 ? 1823 ASN A CA  1 
ATOM   223 C C   . ASN A 1 30  ? 4.586   2.876   -15.263 1.00 31.10 ? 1823 ASN A C   1 
ATOM   224 O O   . ASN A 1 30  ? 4.700   1.847   -15.945 1.00 32.13 ? 1823 ASN A O   1 
ATOM   225 C CB  . ASN A 1 30  ? 6.978   2.760   -14.539 1.00 32.84 ? 1823 ASN A CB  1 
ATOM   226 C CG  . ASN A 1 30  ? 7.526   3.676   -15.624 1.00 37.84 ? 1823 ASN A CG  1 
ATOM   227 O OD1 . ASN A 1 30  ? 6.767   4.342   -16.351 1.00 36.57 ? 1823 ASN A OD1 1 
ATOM   228 N ND2 . ASN A 1 30  ? 8.851   3.718   -15.741 1.00 33.79 ? 1823 ASN A ND2 1 
ATOM   229 N N   . PRO A 1 31  ? 3.658   3.802   -15.535 1.00 29.35 ? 1824 PRO A N   1 
ATOM   230 C CA  . PRO A 1 31  ? 2.679   3.563   -16.612 1.00 32.73 ? 1824 PRO A CA  1 
ATOM   231 C C   . PRO A 1 31  ? 3.307   3.394   -17.985 1.00 31.61 ? 1824 PRO A C   1 
ATOM   232 O O   . PRO A 1 31  ? 2.686   2.759   -18.843 1.00 33.65 ? 1824 PRO A O   1 
ATOM   233 C CB  . PRO A 1 31  ? 1.780   4.812   -16.566 1.00 34.07 ? 1824 PRO A CB  1 
ATOM   234 C CG  . PRO A 1 31  ? 2.647   5.890   -15.992 1.00 30.54 ? 1824 PRO A CG  1 
ATOM   235 C CD  . PRO A 1 31  ? 3.571   5.177   -15.001 1.00 30.13 ? 1824 PRO A CD  1 
ATOM   236 N N   . ARG A 1 32  ? 4.509   3.935   -18.232 1.00 34.13 ? 1825 ARG A N   1 
ATOM   237 C CA  . ARG A 1 32  ? 5.152   3.707   -19.525 1.00 33.93 ? 1825 ARG A CA  1 
ATOM   238 C C   . ARG A 1 32  ? 5.471   2.237   -19.722 1.00 35.19 ? 1825 ARG A C   1 
ATOM   239 O O   . ARG A 1 32  ? 5.626   1.781   -20.862 1.00 34.97 ? 1825 ARG A O   1 
ATOM   240 C CB  . ARG A 1 32  ? 6.446   4.518   -19.661 1.00 33.85 ? 1825 ARG A CB  1 
ATOM   241 C CG  . ARG A 1 32  ? 6.301   6.043   -19.844 1.00 29.61 ? 1825 ARG A CG  1 
ATOM   242 C CD  . ARG A 1 32  ? 7.600   6.732   -19.415 1.00 30.09 ? 1825 ARG A CD  1 
ATOM   243 N NE  . ARG A 1 32  ? 7.505   8.186   -19.439 1.00 35.14 ? 1825 ARG A NE  1 
ATOM   244 C CZ  . ARG A 1 32  ? 8.526   9.017   -19.225 1.00 33.69 ? 1825 ARG A CZ  1 
ATOM   245 N NH1 . ARG A 1 32  ? 9.740   8.545   -18.957 1.00 31.06 ? 1825 ARG A NH1 1 
ATOM   246 N NH2 . ARG A 1 32  ? 8.332   10.330  -19.267 1.00 30.83 ? 1825 ARG A NH2 1 
ATOM   247 N N   . LEU A 1 33  ? 5.581   1.481   -18.626 1.00 35.23 ? 1826 LEU A N   1 
ATOM   248 C CA  . LEU A 1 33  ? 6.013   0.091   -18.683 1.00 36.58 ? 1826 LEU A CA  1 
ATOM   249 C C   . LEU A 1 33  ? 4.875   -0.898  -18.496 1.00 39.35 ? 1826 LEU A C   1 
ATOM   250 O O   . LEU A 1 33  ? 5.055   -2.095  -18.755 1.00 38.62 ? 1826 LEU A O   1 
ATOM   251 C CB  . LEU A 1 33  ? 7.073   -0.174  -17.612 1.00 39.85 ? 1826 LEU A CB  1 
ATOM   252 C CG  . LEU A 1 33  ? 8.347   0.648   -17.785 1.00 37.37 ? 1826 LEU A CG  1 
ATOM   253 C CD1 . LEU A 1 33  ? 9.191   0.551   -16.521 1.00 38.48 ? 1826 LEU A CD1 1 
ATOM   254 C CD2 . LEU A 1 33  ? 9.106   0.168   -19.009 1.00 35.85 ? 1826 LEU A CD2 1 
ATOM   255 N N   . VAL A 1 34  ? 3.723   -0.433  -18.037 1.00 40.69 ? 1827 VAL A N   1 
ATOM   256 C CA  . VAL A 1 34  ? 2.589   -1.294  -17.746 1.00 38.78 ? 1827 VAL A CA  1 
ATOM   257 C C   . VAL A 1 34  ? 1.457   -0.806  -18.632 1.00 38.59 ? 1827 VAL A C   1 
ATOM   258 O O   . VAL A 1 34  ? 0.832   0.229   -18.357 1.00 40.38 ? 1827 VAL A O   1 
ATOM   259 C CB  . VAL A 1 34  ? 2.203   -1.264  -16.266 1.00 36.60 ? 1827 VAL A CB  1 
ATOM   260 C CG1 . VAL A 1 34  ? 1.026   -2.189  -16.017 1.00 32.04 ? 1827 VAL A CG1 1 
ATOM   261 C CG2 . VAL A 1 34  ? 3.408   -1.651  -15.406 1.00 35.12 ? 1827 VAL A CG2 1 
ATOM   262 N N   . SER A 1 35  ? 1.204   -1.529  -19.711 1.00 39.16 ? 1828 SER A N   1 
ATOM   263 C CA  . SER A 1 35  ? 0.158   -1.112  -20.629 1.00 42.58 ? 1828 SER A CA  1 
ATOM   264 C C   . SER A 1 35  ? -1.207  -1.129  -19.941 1.00 38.99 ? 1828 SER A C   1 
ATOM   265 O O   . SER A 1 35  ? -1.557  -2.089  -19.239 1.00 35.72 ? 1828 SER A O   1 
ATOM   266 C CB  . SER A 1 35  ? 0.165   -2.021  -21.851 1.00 45.55 ? 1828 SER A CB  1 
ATOM   267 O OG  . SER A 1 35  ? -0.966  -1.750  -22.651 1.00 56.29 ? 1828 SER A OG  1 
ATOM   268 N N   . GLY A 1 36  ? -1.976  -0.056  -20.144 1.00 40.57 ? 1829 GLY A N   1 
ATOM   269 C CA  . GLY A 1 36  ? -3.317  0.070   -19.605 1.00 31.99 ? 1829 GLY A CA  1 
ATOM   270 C C   . GLY A 1 36  ? -3.406  0.648   -18.205 1.00 36.03 ? 1829 GLY A C   1 
ATOM   271 O O   . GLY A 1 36  ? -4.512  0.988   -17.762 1.00 33.71 ? 1829 GLY A O   1 
ATOM   272 N N   . TYR A 1 37  ? -2.281  0.778   -17.489 1.00 37.82 ? 1830 TYR A N   1 
ATOM   273 C CA  . TYR A 1 37  ? -2.362  1.114   -16.069 1.00 35.09 ? 1830 TYR A CA  1 
ATOM   274 C C   . TYR A 1 37  ? -2.925  2.512   -15.866 1.00 33.16 ? 1830 TYR A C   1 
ATOM   275 O O   . TYR A 1 37  ? -3.770  2.727   -14.990 1.00 31.84 ? 1830 TYR A O   1 
ATOM   276 C CB  . TYR A 1 37  ? -0.988  0.983   -15.388 1.00 32.58 ? 1830 TYR A CB  1 
ATOM   277 C CG  . TYR A 1 37  ? -1.109  0.929   -13.875 1.00 32.23 ? 1830 TYR A CG  1 
ATOM   278 C CD1 . TYR A 1 37  ? -1.374  -0.288  -13.215 1.00 27.73 ? 1830 TYR A CD1 1 
ATOM   279 C CD2 . TYR A 1 37  ? -0.989  2.093   -13.103 1.00 23.95 ? 1830 TYR A CD2 1 
ATOM   280 C CE1 . TYR A 1 37  ? -1.506  -0.338  -11.826 1.00 25.68 ? 1830 TYR A CE1 1 
ATOM   281 C CE2 . TYR A 1 37  ? -1.130  2.061   -11.721 1.00 24.49 ? 1830 TYR A CE2 1 
ATOM   282 C CZ  . TYR A 1 37  ? -1.397  0.838   -11.081 1.00 29.68 ? 1830 TYR A CZ  1 
ATOM   283 O OH  . TYR A 1 37  ? -1.539  0.794   -9.701  1.00 25.10 ? 1830 TYR A OH  1 
ATOM   284 N N   . ARG A 1 38  ? -2.447  3.475   -16.655 1.00 37.80 ? 1831 ARG A N   1 
ATOM   285 C CA  . ARG A 1 38  ? -2.972  4.835   -16.609 1.00 38.98 ? 1831 ARG A CA  1 
ATOM   286 C C   . ARG A 1 38  ? -4.490  4.854   -16.789 1.00 36.13 ? 1831 ARG A C   1 
ATOM   287 O O   . ARG A 1 38  ? -5.205  5.480   -15.994 1.00 33.76 ? 1831 ARG A O   1 
ATOM   288 C CB  . ARG A 1 38  ? -2.276  5.661   -17.692 1.00 44.23 ? 1831 ARG A CB  1 
ATOM   289 C CG  . ARG A 1 38  ? -2.499  7.155   -17.630 1.00 50.70 ? 1831 ARG A CG  1 
ATOM   290 C CD  . ARG A 1 38  ? -2.089  7.852   -18.945 1.00 55.28 ? 1831 ARG A CD  1 
ATOM   291 N NE  . ARG A 1 38  ? -0.683  7.658   -19.297 1.00 58.06 ? 1831 ARG A NE  1 
ATOM   292 C CZ  . ARG A 1 38  ? 0.335   8.298   -18.724 1.00 61.14 ? 1831 ARG A CZ  1 
ATOM   293 N NH1 . ARG A 1 38  ? 0.113   9.170   -17.750 1.00 60.97 ? 1831 ARG A NH1 1 
ATOM   294 N NH2 . ARG A 1 38  ? 1.584   8.056   -19.114 1.00 62.46 ? 1831 ARG A NH2 1 
ATOM   295 N N   . ARG A 1 39  ? -4.996  4.136   -17.807 1.00 30.67 ? 1832 ARG A N   1 
ATOM   296 C CA  . ARG A 1 39  ? -6.428  4.115   -18.108 1.00 31.30 ? 1832 ARG A CA  1 
ATOM   297 C C   . ARG A 1 39  ? -7.257  3.416   -17.018 1.00 35.53 ? 1832 ARG A C   1 
ATOM   298 O O   . ARG A 1 39  ? -8.384  3.848   -16.733 1.00 28.30 ? 1832 ARG A O   1 
ATOM   299 C CB  . ARG A 1 39  ? -6.641  3.453   -19.485 1.00 29.79 ? 1832 ARG A CB  1 
ATOM   300 C CG  . ARG A 1 39  ? -8.072  2.947   -19.767 1.00 35.62 ? 1832 ARG A CG  1 
ATOM   301 C CD  . ARG A 1 39  ? -8.277  2.316   -21.174 1.00 34.34 ? 1832 ARG A CD  1 
ATOM   302 N NE  . ARG A 1 39  ? -7.377  1.187   -21.447 1.00 45.49 ? 1832 ARG A NE  1 
ATOM   303 C CZ  . ARG A 1 39  ? -7.564  -0.075  -21.016 1.00 50.59 ? 1832 ARG A CZ  1 
ATOM   304 N NH1 . ARG A 1 39  ? -8.632  -0.408  -20.272 1.00 42.20 ? 1832 ARG A NH1 1 
ATOM   305 N NH2 . ARG A 1 39  ? -6.670  -1.021  -21.319 1.00 43.50 ? 1832 ARG A NH2 1 
ATOM   306 N N   . ILE A 1 40  ? -6.735  2.357   -16.390 1.00 32.01 ? 1833 ILE A N   1 
ATOM   307 C CA  . ILE A 1 40  ? -7.558  1.552   -15.478 1.00 34.23 ? 1833 ILE A CA  1 
ATOM   308 C C   . ILE A 1 40  ? -7.545  2.093   -14.050 1.00 31.67 ? 1833 ILE A C   1 
ATOM   309 O O   . ILE A 1 40  ? -8.563  2.017   -13.353 1.00 36.39 ? 1833 ILE A O   1 
ATOM   310 C CB  . ILE A 1 40  ? -7.122  0.069   -15.512 1.00 33.01 ? 1833 ILE A CB  1 
ATOM   311 C CG1 . ILE A 1 40  ? -7.637  -0.622  -16.772 1.00 30.34 ? 1833 ILE A CG1 1 
ATOM   312 C CG2 . ILE A 1 40  ? -7.643  -0.686  -14.280 1.00 31.78 ? 1833 ILE A CG2 1 
ATOM   313 C CD1 . ILE A 1 40  ? -6.910  -1.913  -17.071 1.00 30.73 ? 1833 ILE A CD1 1 
ATOM   314 N N   . ILE A 1 41  ? -6.415  2.611   -13.568 1.00 29.55 ? 1834 ILE A N   1 
ATOM   315 C CA  . ILE A 1 41  ? -6.254  2.968   -12.159 1.00 31.73 ? 1834 ILE A CA  1 
ATOM   316 C C   . ILE A 1 41  ? -6.378  4.482   -12.035 1.00 32.89 ? 1834 ILE A C   1 
ATOM   317 O O   . ILE A 1 41  ? -5.505  5.221   -12.495 1.00 37.02 ? 1834 ILE A O   1 
ATOM   318 C CB  . ILE A 1 41  ? -4.911  2.468   -11.592 1.00 31.94 ? 1834 ILE A CB  1 
ATOM   319 C CG1 . ILE A 1 41  ? -4.911  0.936   -11.479 1.00 30.30 ? 1834 ILE A CG1 1 
ATOM   320 C CG2 . ILE A 1 41  ? -4.630  3.086   -10.206 1.00 25.69 ? 1834 ILE A CG2 1 
ATOM   321 C CD1 . ILE A 1 41  ? -6.040  0.407   -10.608 1.00 29.04 ? 1834 ILE A CD1 1 
ATOM   322 N N   . LYS A 1 42  ? -7.446  4.961   -11.389 1.00 33.82 ? 1835 LYS A N   1 
ATOM   323 C CA  . LYS A 1 42  ? -7.636  6.406   -11.292 1.00 39.16 ? 1835 LYS A CA  1 
ATOM   324 C C   . LYS A 1 42  ? -6.735  7.043   -10.240 1.00 35.92 ? 1835 LYS A C   1 
ATOM   325 O O   . LYS A 1 42  ? -6.209  8.138   -10.461 1.00 42.35 ? 1835 LYS A O   1 
ATOM   326 C CB  . LYS A 1 42  ? -9.099  6.755   -10.990 1.00 36.93 ? 1835 LYS A CB  1 
ATOM   327 C CG  . LYS A 1 42  ? -10.061 6.455   -12.113 1.00 43.98 ? 1835 LYS A CG  1 
ATOM   328 C CD  . LYS A 1 42  ? -9.598  7.060   -13.433 1.00 50.31 ? 1835 LYS A CD  1 
ATOM   329 C CE  . LYS A 1 42  ? -10.355 6.444   -14.613 1.00 52.17 ? 1835 LYS A CE  1 
ATOM   330 N NZ  . LYS A 1 42  ? -10.015 4.995   -14.788 1.00 52.88 ? 1835 LYS A NZ  1 
ATOM   331 N N   . ASN A 1 43  ? -6.553  6.402   -9.086  1.00 33.58 ? 1836 ASN A N   1 
ATOM   332 C CA  . ASN A 1 43  ? -5.841  7.012   -7.964  1.00 34.82 ? 1836 ASN A CA  1 
ATOM   333 C C   . ASN A 1 43  ? -4.687  6.123   -7.533  1.00 36.41 ? 1836 ASN A C   1 
ATOM   334 O O   . ASN A 1 43  ? -4.803  5.399   -6.527  1.00 32.44 ? 1836 ASN A O   1 
ATOM   335 C CB  . ASN A 1 43  ? -6.792  7.268   -6.800  1.00 33.42 ? 1836 ASN A CB  1 
ATOM   336 C CG  . ASN A 1 43  ? -7.923  8.199   -7.192  1.00 44.92 ? 1836 ASN A CG  1 
ATOM   337 O OD1 . ASN A 1 43  ? -9.093  7.912   -6.938  1.00 47.61 ? 1836 ASN A OD1 1 
ATOM   338 N ND2 . ASN A 1 43  ? -7.579  9.308   -7.847  1.00 41.91 ? 1836 ASN A ND2 1 
ATOM   339 N N   . PRO A 1 44  ? -3.559  6.153   -8.255  1.00 33.14 ? 1837 PRO A N   1 
ATOM   340 C CA  . PRO A 1 44  ? -2.432  5.283   -7.883  1.00 32.55 ? 1837 PRO A CA  1 
ATOM   341 C C   . PRO A 1 44  ? -1.952  5.559   -6.470  1.00 28.02 ? 1837 PRO A C   1 
ATOM   342 O O   . PRO A 1 44  ? -2.173  6.631   -5.900  1.00 33.46 ? 1837 PRO A O   1 
ATOM   343 C CB  . PRO A 1 44  ? -1.347  5.602   -8.927  1.00 30.64 ? 1837 PRO A CB  1 
ATOM   344 C CG  . PRO A 1 44  ? -1.863  6.700   -9.758  1.00 34.93 ? 1837 PRO A CG  1 
ATOM   345 C CD  . PRO A 1 44  ? -3.341  6.831   -9.546  1.00 28.48 ? 1837 PRO A CD  1 
ATOM   346 N N   . MET A 1 45  ? -1.346  4.545   -5.875  1.00 27.50 ? 1838 MET A N   1 
ATOM   347 C CA  . MET A 1 45  ? -0.822  4.705   -4.533  1.00 30.84 ? 1838 MET A CA  1 
ATOM   348 C C   . MET A 1 45  ? 0.232   3.637   -4.362  1.00 29.43 ? 1838 MET A C   1 
ATOM   349 O O   . MET A 1 45  ? 0.171   2.587   -5.006  1.00 30.25 ? 1838 MET A O   1 
ATOM   350 C CB  . MET A 1 45  ? -1.925  4.611   -3.466  1.00 30.20 ? 1838 MET A CB  1 
ATOM   351 C CG  . MET A 1 45  ? -1.470  4.876   -2.034  1.00 28.62 ? 1838 MET A CG  1 
ATOM   352 S SD  . MET A 1 45  ? -0.501  6.414   -1.834  1.00 29.45 ? 1838 MET A SD  1 
ATOM   353 C CE  . MET A 1 45  ? -1.628  7.692   -2.399  1.00 29.81 ? 1838 MET A CE  1 
ATOM   354 N N   . ASP A 1 46  ? 1.231   3.939   -3.540  1.00 29.01 ? 1839 ASP A N   1 
ATOM   355 C CA  . ASP A 1 46  ? 2.312   2.996   -3.313  1.00 31.24 ? 1839 ASP A CA  1 
ATOM   356 C C   . ASP A 1 46  ? 2.948   3.321   -1.965  1.00 30.94 ? 1839 ASP A C   1 
ATOM   357 O O   . ASP A 1 46  ? 2.582   4.302   -1.312  1.00 29.32 ? 1839 ASP A O   1 
ATOM   358 C CB  . ASP A 1 46  ? 3.309   3.017   -4.476  1.00 30.04 ? 1839 ASP A CB  1 
ATOM   359 C CG  . ASP A 1 46  ? 4.109   4.287   -4.527  1.00 35.27 ? 1839 ASP A CG  1 
ATOM   360 O OD1 . ASP A 1 46  ? 3.593   5.315   -5.043  1.00 35.02 ? 1839 ASP A OD1 1 
ATOM   361 O OD2 . ASP A 1 46  ? 5.255   4.250   -4.019  1.00 37.84 ? 1839 ASP A OD2 1 
ATOM   362 N N   . PHE A 1 47  ? 3.882   2.466   -1.524  1.00 30.12 ? 1840 PHE A N   1 
ATOM   363 C CA  . PHE A 1 47  ? 4.417   2.636   -0.173  1.00 32.40 ? 1840 PHE A CA  1 
ATOM   364 C C   . PHE A 1 47  ? 5.322   3.860   -0.071  1.00 34.84 ? 1840 PHE A C   1 
ATOM   365 O O   . PHE A 1 47  ? 5.370   4.498   0.988   1.00 32.14 ? 1840 PHE A O   1 
ATOM   366 C CB  . PHE A 1 47  ? 5.161   1.372   0.300   1.00 27.69 ? 1840 PHE A CB  1 
ATOM   367 C CG  . PHE A 1 47  ? 4.251   0.173   0.562   1.00 27.13 ? 1840 PHE A CG  1 
ATOM   368 C CD1 . PHE A 1 47  ? 2.873   0.334   0.708   1.00 28.94 ? 1840 PHE A CD1 1 
ATOM   369 C CD2 . PHE A 1 47  ? 4.778   -1.108  0.651   1.00 27.52 ? 1840 PHE A CD2 1 
ATOM   370 C CE1 . PHE A 1 47  ? 2.024   -0.771  0.932   1.00 28.84 ? 1840 PHE A CE1 1 
ATOM   371 C CE2 . PHE A 1 47  ? 3.948   -2.229  0.882   1.00 32.10 ? 1840 PHE A CE2 1 
ATOM   372 C CZ  . PHE A 1 47  ? 2.564   -2.060  1.022   1.00 24.92 ? 1840 PHE A CZ  1 
ATOM   373 N N   . SER A 1 48  ? 6.036   4.220   -1.148  1.00 36.06 ? 1841 SER A N   1 
ATOM   374 C CA  . SER A 1 48  ? 6.948   5.358   -1.036  1.00 38.30 ? 1841 SER A CA  1 
ATOM   375 C C   . SER A 1 48  ? 6.176   6.674   -0.976  1.00 36.62 ? 1841 SER A C   1 
ATOM   376 O O   . SER A 1 48  ? 6.554   7.583   -0.228  1.00 38.26 ? 1841 SER A O   1 
ATOM   377 C CB  . SER A 1 48  ? 7.966   5.358   -2.179  1.00 31.67 ? 1841 SER A CB  1 
ATOM   378 O OG  . SER A 1 48  ? 7.401   5.833   -3.388  1.00 44.05 ? 1841 SER A OG  1 
ATOM   379 N N   . THR A 1 49  ? 5.068   6.774   -1.722  1.00 34.04 ? 1842 THR A N   1 
ATOM   380 C CA  . THR A 1 49  ? 4.190   7.937   -1.606  1.00 32.00 ? 1842 THR A CA  1 
ATOM   381 C C   . THR A 1 49  ? 3.620   8.056   -0.199  1.00 32.80 ? 1842 THR A C   1 
ATOM   382 O O   . THR A 1 49  ? 3.522   9.163   0.349   1.00 37.99 ? 1842 THR A O   1 
ATOM   383 C CB  . THR A 1 49  ? 3.059   7.843   -2.636  1.00 33.98 ? 1842 THR A CB  1 
ATOM   384 O OG1 . THR A 1 49  ? 3.614   7.656   -3.944  1.00 35.46 ? 1842 THR A OG1 1 
ATOM   385 C CG2 . THR A 1 49  ? 2.172   9.108   -2.625  1.00 23.09 ? 1842 THR A CG2 1 
ATOM   386 N N   . MET A 1 50  ? 3.236   6.927   0.404   1.00 30.07 ? 1843 MET A N   1 
ATOM   387 C CA  . MET A 1 50  ? 2.725   6.957   1.772   1.00 31.61 ? 1843 MET A CA  1 
ATOM   388 C C   . MET A 1 50  ? 3.807   7.397   2.746   1.00 32.83 ? 1843 MET A C   1 
ATOM   389 O O   . MET A 1 50  ? 3.539   8.170   3.673   1.00 33.49 ? 1843 MET A O   1 
ATOM   390 C CB  . MET A 1 50  ? 2.170   5.580   2.165   1.00 32.16 ? 1843 MET A CB  1 
ATOM   391 C CG  . MET A 1 50  ? 0.978   5.145   1.328   1.00 32.01 ? 1843 MET A CG  1 
ATOM   392 S SD  . MET A 1 50  ? 0.485   3.425   1.513   1.00 31.76 ? 1843 MET A SD  1 
ATOM   393 C CE  . MET A 1 50  ? 0.050   3.280   3.249   1.00 30.14 ? 1843 MET A CE  1 
ATOM   394 N N   . ARG A 1 51  ? 5.034   6.901   2.547   1.00 35.98 ? 1844 ARG A N   1 
ATOM   395 C CA  . ARG A 1 51  ? 6.171   7.255   3.398   1.00 37.38 ? 1844 ARG A CA  1 
ATOM   396 C C   . ARG A 1 51  ? 6.496   8.742   3.284   1.00 42.97 ? 1844 ARG A C   1 
ATOM   397 O O   . ARG A 1 51  ? 6.680   9.433   4.295   1.00 43.47 ? 1844 ARG A O   1 
ATOM   398 C CB  . ARG A 1 51  ? 7.375   6.379   3.007   1.00 37.79 ? 1844 ARG A CB  1 
ATOM   399 C CG  . ARG A 1 51  ? 8.772   6.880   3.387   1.00 33.41 ? 1844 ARG A CG  1 
ATOM   400 C CD  . ARG A 1 51  ? 8.984   6.834   4.873   1.00 34.24 ? 1844 ARG A CD  1 
ATOM   401 N NE  . ARG A 1 51  ? 8.891   5.475   5.411   1.00 37.13 ? 1844 ARG A NE  1 
ATOM   402 C CZ  . ARG A 1 51  ? 8.593   5.206   6.679   1.00 34.82 ? 1844 ARG A CZ  1 
ATOM   403 N NH1 . ARG A 1 51  ? 8.341   6.196   7.524   1.00 32.89 ? 1844 ARG A NH1 1 
ATOM   404 N NH2 . ARG A 1 51  ? 8.515   3.951   7.101   1.00 37.35 ? 1844 ARG A NH2 1 
ATOM   405 N N   . GLU A 1 52  ? 6.542   9.258   2.055   1.00 43.26 ? 1845 GLU A N   1 
ATOM   406 C CA  . GLU A 1 52  ? 6.799   10.681  1.877   1.00 47.00 ? 1845 GLU A CA  1 
ATOM   407 C C   . GLU A 1 52  ? 5.723   11.505  2.568   1.00 42.12 ? 1845 GLU A C   1 
ATOM   408 O O   . GLU A 1 52  ? 6.026   12.473  3.270   1.00 47.67 ? 1845 GLU A O   1 
ATOM   409 C CB  . GLU A 1 52  ? 6.884   11.022  0.389   1.00 45.74 ? 1845 GLU A CB  1 
ATOM   410 C CG  . GLU A 1 52  ? 6.257   12.364  0.055   1.00 56.40 ? 1845 GLU A CG  1 
ATOM   411 C CD  . GLU A 1 52  ? 6.000   12.530  -1.428  1.00 70.51 ? 1845 GLU A CD  1 
ATOM   412 O OE1 . GLU A 1 52  ? 4.813   12.496  -1.840  1.00 70.14 ? 1845 GLU A OE1 1 
ATOM   413 O OE2 . GLU A 1 52  ? 6.988   12.708  -2.178  1.00 78.71 ? 1845 GLU A OE2 1 
ATOM   414 N N   . ARG A 1 53  ? 4.453   11.114  2.422   1.00 40.93 ? 1846 ARG A N   1 
ATOM   415 C CA  . ARG A 1 53  ? 3.379   11.864  3.078   1.00 41.69 ? 1846 ARG A CA  1 
ATOM   416 C C   . ARG A 1 53  ? 3.470   11.755  4.601   1.00 43.60 ? 1846 ARG A C   1 
ATOM   417 O O   . ARG A 1 53  ? 3.200   12.728  5.312   1.00 44.63 ? 1846 ARG A O   1 
ATOM   418 C CB  . ARG A 1 53  ? 2.013   11.395  2.561   1.00 35.62 ? 1846 ARG A CB  1 
ATOM   419 C CG  . ARG A 1 53  ? 0.809   12.013  3.286   1.00 43.44 ? 1846 ARG A CG  1 
ATOM   420 C CD  . ARG A 1 53  ? -0.543  11.703  2.582   1.00 48.29 ? 1846 ARG A CD  1 
ATOM   421 N NE  . ARG A 1 53  ? -1.665  12.350  3.271   1.00 50.39 ? 1846 ARG A NE  1 
ATOM   422 C CZ  . ARG A 1 53  ? -2.954  12.041  3.108   1.00 57.56 ? 1846 ARG A CZ  1 
ATOM   423 N NH1 . ARG A 1 53  ? -3.322  11.063  2.277   1.00 57.29 ? 1846 ARG A NH1 1 
ATOM   424 N NH2 . ARG A 1 53  ? -3.885  12.699  3.800   1.00 52.56 ? 1846 ARG A NH2 1 
ATOM   425 N N   . LEU A 1 54  ? 3.881   10.596  5.122   1.00 45.50 ? 1847 LEU A N   1 
ATOM   426 C CA  . LEU A 1 54  ? 3.887   10.406  6.573   1.00 41.90 ? 1847 LEU A CA  1 
ATOM   427 C C   . LEU A 1 54  ? 5.038   11.162  7.225   1.00 42.28 ? 1847 LEU A C   1 
ATOM   428 O O   . LEU A 1 54  ? 4.873   11.744  8.302   1.00 38.92 ? 1847 LEU A O   1 
ATOM   429 C CB  . LEU A 1 54  ? 3.963   8.916   6.902   1.00 40.58 ? 1847 LEU A CB  1 
ATOM   430 C CG  . LEU A 1 54  ? 3.972   8.446   8.364   1.00 38.97 ? 1847 LEU A CG  1 
ATOM   431 C CD1 . LEU A 1 54  ? 2.683   8.797   9.104   1.00 35.84 ? 1847 LEU A CD1 1 
ATOM   432 C CD2 . LEU A 1 54  ? 4.239   6.939   8.421   1.00 37.81 ? 1847 LEU A CD2 1 
ATOM   433 N N   . LEU A 1 55  ? 6.214   11.159  6.592   1.00 42.70 ? 1848 LEU A N   1 
ATOM   434 C CA  . LEU A 1 55  ? 7.350   11.902  7.138   1.00 47.50 ? 1848 LEU A CA  1 
ATOM   435 C C   . LEU A 1 55  ? 7.064   13.396  7.169   1.00 53.42 ? 1848 LEU A C   1 
ATOM   436 O O   . LEU A 1 55  ? 7.424   14.088  8.129   1.00 54.88 ? 1848 LEU A O   1 
ATOM   437 C CB  . LEU A 1 55  ? 8.611   11.640  6.318   1.00 39.40 ? 1848 LEU A CB  1 
ATOM   438 C CG  . LEU A 1 55  ? 9.230   10.256  6.441   1.00 42.98 ? 1848 LEU A CG  1 
ATOM   439 C CD1 . LEU A 1 55  ? 10.337  10.093  5.408   1.00 39.39 ? 1848 LEU A CD1 1 
ATOM   440 C CD2 . LEU A 1 55  ? 9.746   10.009  7.864   1.00 37.58 ? 1848 LEU A CD2 1 
ATOM   441 N N   . ARG A 1 56  ? 6.372   13.860  6.088   1.00 53.23 ? 1849 ARG A N   1 
ATOM   442 C CA  . ARG A 1 56  ? 6.017   15.267  5.954   1.00 47.72 ? 1849 ARG A CA  1 
ATOM   443 C C   . ARG A 1 56  ? 4.858   15.668  6.859   1.00 46.77 ? 1849 ARG A C   1 
ATOM   444 O O   . ARG A 1 56  ? 4.494   16.843  6.874   1.00 58.94 ? 1849 ARG A O   1 
ATOM   445 C CB  . ARG A 1 56  ? 5.689   15.572  4.487   1.00 50.23 ? 1849 ARG A CB  1 
ATOM   446 C CG  . ARG A 1 56  ? 5.782   17.028  4.113   1.00 51.45 ? 1849 ARG A CG  1 
ATOM   447 C CD  . ARG A 1 56  ? 5.269   17.309  2.702   1.00 55.69 ? 1849 ARG A CD  1 
ATOM   448 N NE  . ARG A 1 56  ? 4.302   18.407  2.710   1.00 66.75 ? 1849 ARG A NE  1 
ATOM   449 C CZ  . ARG A 1 56  ? 4.145   19.287  1.724   1.00 72.08 ? 1849 ARG A CZ  1 
ATOM   450 N NH1 . ARG A 1 56  ? 4.896   19.220  0.634   1.00 77.39 ? 1849 ARG A NH1 1 
ATOM   451 N NH2 . ARG A 1 56  ? 3.237   20.245  1.833   1.00 72.69 ? 1849 ARG A NH2 1 
ATOM   452 N N   . GLY A 1 57  ? 4.282   14.714  7.600   1.00 47.48 ? 1850 GLY A N   1 
ATOM   453 C CA  . GLY A 1 57  ? 3.224   14.999  8.557   1.00 51.67 ? 1850 GLY A CA  1 
ATOM   454 C C   . GLY A 1 57  ? 1.814   15.070  7.998   1.00 57.25 ? 1850 GLY A C   1 
ATOM   455 O O   . GLY A 1 57  ? 0.870   15.314  8.773   1.00 54.14 ? 1850 GLY A O   1 
ATOM   456 N N   . GLY A 1 58  ? 1.636   14.831  6.692   1.00 55.18 ? 1851 GLY A N   1 
ATOM   457 C CA  . GLY A 1 58  ? 0.378   15.009  5.992   1.00 49.79 ? 1851 GLY A CA  1 
ATOM   458 C C   . GLY A 1 58  ? -0.734  14.003  6.249   1.00 53.49 ? 1851 GLY A C   1 
ATOM   459 O O   . GLY A 1 58  ? -1.705  13.966  5.487   1.00 56.42 ? 1851 GLY A O   1 
ATOM   460 N N   . TYR A 1 59  ? -0.636  13.188  7.295   1.00 51.55 ? 1852 TYR A N   1 
ATOM   461 C CA  . TYR A 1 59  ? -1.750  12.345  7.712   1.00 56.16 ? 1852 TYR A CA  1 
ATOM   462 C C   . TYR A 1 59  ? -2.365  12.932  8.975   1.00 59.07 ? 1852 TYR A C   1 
ATOM   463 O O   . TYR A 1 59  ? -1.665  13.157  9.972   1.00 60.90 ? 1852 TYR A O   1 
ATOM   464 C CB  . TYR A 1 59  ? -1.319  10.891  7.949   1.00 48.51 ? 1852 TYR A CB  1 
ATOM   465 C CG  . TYR A 1 59  ? -1.085  10.126  6.667   1.00 46.60 ? 1852 TYR A CG  1 
ATOM   466 C CD1 . TYR A 1 59  ? -2.136  9.876   5.779   1.00 48.22 ? 1852 TYR A CD1 1 
ATOM   467 C CD2 . TYR A 1 59  ? 0.180   9.647   6.339   1.00 41.79 ? 1852 TYR A CD2 1 
ATOM   468 C CE1 . TYR A 1 59  ? -1.923  9.181   4.589   1.00 37.79 ? 1852 TYR A CE1 1 
ATOM   469 C CE2 . TYR A 1 59  ? 0.398   8.947   5.154   1.00 39.63 ? 1852 TYR A CE2 1 
ATOM   470 C CZ  . TYR A 1 59  ? -0.660  8.717   4.291   1.00 37.08 ? 1852 TYR A CZ  1 
ATOM   471 O OH  . TYR A 1 59  ? -0.448  8.036   3.117   1.00 37.58 ? 1852 TYR A OH  1 
ATOM   472 N N   . THR A 1 60  ? -3.672  13.187  8.925   1.00 55.78 ? 1853 THR A N   1 
ATOM   473 C CA  . THR A 1 60  ? -4.373  13.758  10.071  1.00 58.11 ? 1853 THR A CA  1 
ATOM   474 C C   . THR A 1 60  ? -4.744  12.691  11.093  1.00 59.96 ? 1853 THR A C   1 
ATOM   475 O O   . THR A 1 60  ? -4.617  12.915  12.305  1.00 59.00 ? 1853 THR A O   1 
ATOM   476 C CB  . THR A 1 60  ? -5.633  14.488  9.602   1.00 61.38 ? 1853 THR A CB  1 
ATOM   477 O OG1 . THR A 1 60  ? -5.264  15.563  8.731   1.00 53.94 ? 1853 THR A OG1 1 
ATOM   478 C CG2 . THR A 1 60  ? -6.433  15.019  10.791  1.00 60.88 ? 1853 THR A CG2 1 
ATOM   479 N N   . SER A 1 61  ? -5.219  11.537  10.624  1.00 57.46 ? 1854 SER A N   1 
ATOM   480 C CA  . SER A 1 61  ? -5.622  10.441  11.492  1.00 57.78 ? 1854 SER A CA  1 
ATOM   481 C C   . SER A 1 61  ? -4.956  9.158   11.024  1.00 53.97 ? 1854 SER A C   1 
ATOM   482 O O   . SER A 1 61  ? -4.348  9.098   9.953   1.00 50.67 ? 1854 SER A O   1 
ATOM   483 C CB  . SER A 1 61  ? -7.152  10.258  11.509  1.00 61.51 ? 1854 SER A CB  1 
ATOM   484 O OG  . SER A 1 61  ? -7.673  10.061  10.198  1.00 60.81 ? 1854 SER A OG  1 
ATOM   485 N N   . SER A 1 62  ? -5.076  8.118   11.847  1.00 59.42 ? 1855 SER A N   1 
ATOM   486 C CA  . SER A 1 62  ? -4.646  6.801   11.402  1.00 57.31 ? 1855 SER A CA  1 
ATOM   487 C C   . SER A 1 62  ? -5.528  6.282   10.269  1.00 58.27 ? 1855 SER A C   1 
ATOM   488 O O   . SER A 1 62  ? -5.097  5.401   9.503   1.00 54.85 ? 1855 SER A O   1 
ATOM   489 C CB  . SER A 1 62  ? -4.632  5.830   12.588  1.00 59.08 ? 1855 SER A CB  1 
ATOM   490 O OG  . SER A 1 62  ? -5.935  5.650   13.119  1.00 65.48 ? 1855 SER A OG  1 
ATOM   491 N N   . GLU A 1 63  ? -6.733  6.846   10.114  1.00 56.41 ? 1856 GLU A N   1 
ATOM   492 C CA  . GLU A 1 63  ? -7.693  6.287   9.166   1.00 53.76 ? 1856 GLU A CA  1 
ATOM   493 C C   . GLU A 1 63  ? -7.410  6.746   7.743   1.00 51.24 ? 1856 GLU A C   1 
ATOM   494 O O   . GLU A 1 63  ? -7.718  6.034   6.782   1.00 51.40 ? 1856 GLU A O   1 
ATOM   495 C CB  . GLU A 1 63  ? -9.116  6.653   9.579   1.00 59.16 ? 1856 GLU A CB  1 
ATOM   496 C CG  . GLU A 1 63  ? -9.762  5.615   10.500  1.00 64.07 ? 1856 GLU A CG  1 
ATOM   497 C CD  . GLU A 1 63  ? -9.556  5.917   11.983  1.00 74.31 ? 1856 GLU A CD  1 
ATOM   498 O OE1 . GLU A 1 63  ? -9.288  4.954   12.745  1.00 77.02 ? 1856 GLU A OE1 1 
ATOM   499 O OE2 . GLU A 1 63  ? -9.669  7.106   12.381  1.00 76.38 ? 1856 GLU A OE2 1 
ATOM   500 N N   . GLU A 1 64  ? -6.826  7.930   7.574   1.00 49.33 ? 1857 GLU A N   1 
ATOM   501 C CA  . GLU A 1 64  ? -6.415  8.349   6.233   1.00 49.96 ? 1857 GLU A CA  1 
ATOM   502 C C   . GLU A 1 64  ? -5.238  7.514   5.753   1.00 45.82 ? 1857 GLU A C   1 
ATOM   503 O O   . GLU A 1 64  ? -5.136  7.172   4.561   1.00 42.37 ? 1857 GLU A O   1 
ATOM   504 C CB  . GLU A 1 64  ? -6.039  9.838   6.226   1.00 51.39 ? 1857 GLU A CB  1 
ATOM   505 C CG  . GLU A 1 64  ? -7.065  10.768  6.838   1.00 53.96 ? 1857 GLU A CG  1 
ATOM   506 C CD  . GLU A 1 64  ? -6.677  12.213  6.629   1.00 61.03 ? 1857 GLU A CD  1 
ATOM   507 O OE1 . GLU A 1 64  ? -7.504  13.108  6.924   1.00 67.54 ? 1857 GLU A OE1 1 
ATOM   508 O OE2 . GLU A 1 64  ? -5.528  12.447  6.177   1.00 60.95 ? 1857 GLU A OE2 1 
ATOM   509 N N   . PHE A 1 65  ? -4.331  7.195   6.677   1.00 41.69 ? 1858 PHE A N   1 
ATOM   510 C CA  . PHE A 1 65  ? -3.263  6.262   6.382   1.00 39.20 ? 1858 PHE A CA  1 
ATOM   511 C C   . PHE A 1 65  ? -3.839  4.925   5.926   1.00 38.96 ? 1858 PHE A C   1 
ATOM   512 O O   . PHE A 1 65  ? -3.479  4.405   4.855   1.00 37.55 ? 1858 PHE A O   1 
ATOM   513 C CB  . PHE A 1 65  ? -2.390  6.095   7.625   1.00 42.67 ? 1858 PHE A CB  1 
ATOM   514 C CG  . PHE A 1 65  ? -1.326  5.076   7.469   1.00 36.02 ? 1858 PHE A CG  1 
ATOM   515 C CD1 . PHE A 1 65  ? -1.524  3.786   7.911   1.00 32.85 ? 1858 PHE A CD1 1 
ATOM   516 C CD2 . PHE A 1 65  ? -0.130  5.404   6.861   1.00 34.33 ? 1858 PHE A CD2 1 
ATOM   517 C CE1 . PHE A 1 65  ? -0.544  2.847   7.754   1.00 35.68 ? 1858 PHE A CE1 1 
ATOM   518 C CE2 . PHE A 1 65  ? 0.859   4.465   6.707   1.00 33.29 ? 1858 PHE A CE2 1 
ATOM   519 C CZ  . PHE A 1 65  ? 0.655   3.189   7.155   1.00 34.80 ? 1858 PHE A CZ  1 
ATOM   520 N N   . ALA A 1 66  ? -4.757  4.361   6.727   1.00 39.94 ? 1859 ALA A N   1 
ATOM   521 C CA  . ALA A 1 66  ? -5.363  3.080   6.361   1.00 38.59 ? 1859 ALA A CA  1 
ATOM   522 C C   . ALA A 1 66  ? -6.081  3.155   5.018   1.00 37.97 ? 1859 ALA A C   1 
ATOM   523 O O   . ALA A 1 66  ? -6.097  2.167   4.271   1.00 35.76 ? 1859 ALA A O   1 
ATOM   524 C CB  . ALA A 1 66  ? -6.327  2.605   7.452   1.00 39.92 ? 1859 ALA A CB  1 
ATOM   525 N N   . ALA A 1 67  ? -6.641  4.323   4.671   1.00 35.35 ? 1860 ALA A N   1 
ATOM   526 C CA  . ALA A 1 67  ? -7.279  4.464   3.365   1.00 37.63 ? 1860 ALA A CA  1 
ATOM   527 C C   . ALA A 1 67  ? -6.249  4.413   2.245   1.00 36.66 ? 1860 ALA A C   1 
ATOM   528 O O   . ALA A 1 67  ? -6.537  3.898   1.155   1.00 35.52 ? 1860 ALA A O   1 
ATOM   529 C CB  . ALA A 1 67  ? -8.085  5.766   3.289   1.00 34.12 ? 1860 ALA A CB  1 
ATOM   530 N N   . ASP A 1 68  ? -5.042  4.936   2.483   1.00 36.20 ? 1861 ASP A N   1 
ATOM   531 C CA  . ASP A 1 68  ? -4.026  4.858   1.431   1.00 34.13 ? 1861 ASP A CA  1 
ATOM   532 C C   . ASP A 1 68  ? -3.520  3.426   1.258   1.00 33.63 ? 1861 ASP A C   1 
ATOM   533 O O   . ASP A 1 68  ? -3.308  2.963   0.124   1.00 29.23 ? 1861 ASP A O   1 
ATOM   534 C CB  . ASP A 1 68  ? -2.882  5.826   1.733   1.00 34.08 ? 1861 ASP A CB  1 
ATOM   535 C CG  . ASP A 1 68  ? -3.104  7.204   1.101   1.00 40.05 ? 1861 ASP A CG  1 
ATOM   536 O OD1 . ASP A 1 68  ? -3.979  7.346   0.209   1.00 39.32 ? 1861 ASP A OD1 1 
ATOM   537 O OD2 . ASP A 1 68  ? -2.416  8.159   1.511   1.00 45.73 ? 1861 ASP A OD2 1 
ATOM   538 N N   . ALA A 1 69  ? -3.354  2.695   2.366   1.00 32.65 ? 1862 ALA A N   1 
ATOM   539 C CA  . ALA A 1 69  ? -2.923  1.303   2.255   1.00 33.06 ? 1862 ALA A CA  1 
ATOM   540 C C   . ALA A 1 69  ? -3.975  0.471   1.527   1.00 32.23 ? 1862 ALA A C   1 
ATOM   541 O O   . ALA A 1 69  ? -3.666  -0.300  0.593   1.00 31.59 ? 1862 ALA A O   1 
ATOM   542 C CB  . ALA A 1 69  ? -2.642  0.736   3.648   1.00 35.55 ? 1862 ALA A CB  1 
ATOM   543 N N   . LEU A 1 70  ? -5.238  0.636   1.926   1.00 34.58 ? 1863 LEU A N   1 
ATOM   544 C CA  . LEU A 1 70  ? -6.305  -0.102  1.260   1.00 34.31 ? 1863 LEU A CA  1 
ATOM   545 C C   . LEU A 1 70  ? -6.357  0.271   -0.210  1.00 29.22 ? 1863 LEU A C   1 
ATOM   546 O O   . LEU A 1 70  ? -6.609  -0.579  -1.063  1.00 29.17 ? 1863 LEU A O   1 
ATOM   547 C CB  . LEU A 1 70  ? -7.656  0.148   1.944   1.00 30.89 ? 1863 LEU A CB  1 
ATOM   548 C CG  . LEU A 1 70  ? -7.726  -0.330  3.400   1.00 32.05 ? 1863 LEU A CG  1 
ATOM   549 C CD1 . LEU A 1 70  ? -9.159  -0.287  3.902   1.00 36.85 ? 1863 LEU A CD1 1 
ATOM   550 C CD2 . LEU A 1 70  ? -7.111  -1.709  3.600   1.00 32.58 ? 1863 LEU A CD2 1 
ATOM   551 N N   . LEU A 1 71  ? -6.069  1.530   -0.532  1.00 31.00 ? 1864 LEU A N   1 
ATOM   552 C CA  . LEU A 1 71  ? -6.024  1.929   -1.938  1.00 33.39 ? 1864 LEU A CA  1 
ATOM   553 C C   . LEU A 1 71  ? -4.928  1.174   -2.699  1.00 34.03 ? 1864 LEU A C   1 
ATOM   554 O O   . LEU A 1 71  ? -5.145  0.725   -3.842  1.00 26.77 ? 1864 LEU A O   1 
ATOM   555 C CB  . LEU A 1 71  ? -5.829  3.443   -2.036  1.00 31.04 ? 1864 LEU A CB  1 
ATOM   556 C CG  . LEU A 1 71  ? -5.715  4.040   -3.430  1.00 33.52 ? 1864 LEU A CG  1 
ATOM   557 C CD1 . LEU A 1 71  ? -6.974  3.740   -4.256  1.00 30.73 ? 1864 LEU A CD1 1 
ATOM   558 C CD2 . LEU A 1 71  ? -5.491  5.545   -3.295  1.00 29.11 ? 1864 LEU A CD2 1 
ATOM   559 N N   . VAL A 1 72  ? -3.748  1.007   -2.080  1.00 27.00 ? 1865 VAL A N   1 
ATOM   560 C CA  . VAL A 1 72  ? -2.705  0.203   -2.719  1.00 30.24 ? 1865 VAL A CA  1 
ATOM   561 C C   . VAL A 1 72  ? -3.261  -1.165  -3.114  1.00 28.79 ? 1865 VAL A C   1 
ATOM   562 O O   . VAL A 1 72  ? -3.096  -1.629  -4.260  1.00 27.01 ? 1865 VAL A O   1 
ATOM   563 C CB  . VAL A 1 72  ? -1.477  0.068   -1.796  1.00 30.15 ? 1865 VAL A CB  1 
ATOM   564 C CG1 . VAL A 1 72  ? -0.476  -0.888  -2.402  1.00 26.11 ? 1865 VAL A CG1 1 
ATOM   565 C CG2 . VAL A 1 72  ? -0.820  1.419   -1.570  1.00 29.68 ? 1865 VAL A CG2 1 
ATOM   566 N N   . PHE A 1 73  ? -3.964  -1.818  -2.182  1.00 26.70 ? 1866 PHE A N   1 
ATOM   567 C CA  . PHE A 1 73  ? -4.370  -3.199  -2.464  1.00 26.87 ? 1866 PHE A CA  1 
ATOM   568 C C   . PHE A 1 73  ? -5.619  -3.277  -3.347  1.00 27.00 ? 1866 PHE A C   1 
ATOM   569 O O   . PHE A 1 73  ? -5.752  -4.216  -4.148  1.00 26.39 ? 1866 PHE A O   1 
ATOM   570 C CB  . PHE A 1 73  ? -4.539  -3.956  -1.142  1.00 27.55 ? 1866 PHE A CB  1 
ATOM   571 C CG  . PHE A 1 73  ? -3.335  -3.818  -0.242  1.00 27.08 ? 1866 PHE A CG  1 
ATOM   572 C CD1 . PHE A 1 73  ? -2.070  -4.087  -0.732  1.00 25.29 ? 1866 PHE A CD1 1 
ATOM   573 C CD2 . PHE A 1 73  ? -3.456  -3.350  1.057   1.00 29.82 ? 1866 PHE A CD2 1 
ATOM   574 C CE1 . PHE A 1 73  ? -0.958  -3.935  0.053   1.00 22.35 ? 1866 PHE A CE1 1 
ATOM   575 C CE2 . PHE A 1 73  ? -2.330  -3.192  1.863   1.00 28.46 ? 1866 PHE A CE2 1 
ATOM   576 C CZ  . PHE A 1 73  ? -1.082  -3.487  1.355   1.00 24.76 ? 1866 PHE A CZ  1 
ATOM   577 N N   . ASP A 1 74  ? -6.515  -2.293  -3.261  1.00 27.84 ? 1867 ASP A N   1 
ATOM   578 C CA  . ASP A 1 74  ? -7.635  -2.245  -4.191  1.00 30.13 ? 1867 ASP A CA  1 
ATOM   579 C C   . ASP A 1 74  ? -7.143  -2.033  -5.621  1.00 27.81 ? 1867 ASP A C   1 
ATOM   580 O O   . ASP A 1 74  ? -7.603  -2.706  -6.548  1.00 29.63 ? 1867 ASP A O   1 
ATOM   581 C CB  . ASP A 1 74  ? -8.634  -1.155  -3.779  1.00 29.85 ? 1867 ASP A CB  1 
ATOM   582 C CG  . ASP A 1 74  ? -9.401  -1.503  -2.490  1.00 33.25 ? 1867 ASP A CG  1 
ATOM   583 O OD1 . ASP A 1 74  ? -9.358  -2.676  -2.018  1.00 31.61 ? 1867 ASP A OD1 1 
ATOM   584 O OD2 . ASP A 1 74  ? -10.058 -0.588  -1.946  1.00 30.30 ? 1867 ASP A OD2 1 
ATOM   585 N N   . ASN A 1 75  ? -6.201  -1.109  -5.820  1.00 27.51 ? 1868 ASN A N   1 
ATOM   586 C CA  . ASN A 1 75  ? -5.616  -0.945  -7.149  1.00 27.06 ? 1868 ASN A CA  1 
ATOM   587 C C   . ASN A 1 75  ? -4.988  -2.248  -7.628  1.00 25.98 ? 1868 ASN A C   1 
ATOM   588 O O   . ASN A 1 75  ? -5.158  -2.640  -8.791  1.00 25.33 ? 1868 ASN A O   1 
ATOM   589 C CB  . ASN A 1 75  ? -4.556  0.167   -7.144  1.00 28.61 ? 1868 ASN A CB  1 
ATOM   590 C CG  . ASN A 1 75  ? -5.142  1.559   -6.964  1.00 30.97 ? 1868 ASN A CG  1 
ATOM   591 O OD1 . ASN A 1 75  ? -6.316  1.803   -7.244  1.00 30.61 ? 1868 ASN A OD1 1 
ATOM   592 N ND2 . ASN A 1 75  ? -4.310  2.488   -6.515  1.00 31.85 ? 1868 ASN A ND2 1 
ATOM   593 N N   . CYS A 1 76  ? -4.239  -2.921  -6.747  1.00 27.10 ? 1869 CYS A N   1 
ATOM   594 C CA  . CYS A 1 76  ? -3.613  -4.188  -7.124  1.00 25.06 ? 1869 CYS A CA  1 
ATOM   595 C C   . CYS A 1 76  ? -4.638  -5.195  -7.625  1.00 25.86 ? 1869 CYS A C   1 
ATOM   596 O O   . CYS A 1 76  ? -4.489  -5.762  -8.718  1.00 24.44 ? 1869 CYS A O   1 
ATOM   597 C CB  . CYS A 1 76  ? -2.852  -4.764  -5.936  1.00 24.08 ? 1869 CYS A CB  1 
ATOM   598 S SG  . CYS A 1 76  ? -1.915  -6.251  -6.351  1.00 26.68 ? 1869 CYS A SG  1 
ATOM   599 N N   . GLN A 1 77  ? -5.692  -5.432  -6.830  1.00 28.16 ? 1870 GLN A N   1 
ATOM   600 C CA  . GLN A 1 77  ? -6.744  -6.368  -7.234  1.00 29.23 ? 1870 GLN A CA  1 
ATOM   601 C C   . GLN A 1 77  ? -7.497  -5.902  -8.472  1.00 25.94 ? 1870 GLN A C   1 
ATOM   602 O O   . GLN A 1 77  ? -7.965  -6.734  -9.257  1.00 27.06 ? 1870 GLN A O   1 
ATOM   603 C CB  . GLN A 1 77  ? -7.720  -6.601  -6.079  1.00 25.23 ? 1870 GLN A CB  1 
ATOM   604 C CG  . GLN A 1 77  ? -7.064  -7.344  -4.932  1.00 25.14 ? 1870 GLN A CG  1 
ATOM   605 C CD  . GLN A 1 77  ? -7.953  -7.417  -3.735  1.00 24.71 ? 1870 GLN A CD  1 
ATOM   606 O OE1 . GLN A 1 77  ? -8.659  -8.407  -3.540  1.00 32.49 ? 1870 GLN A OE1 1 
ATOM   607 N NE2 . GLN A 1 77  ? -7.940  -6.374  -2.921  1.00 23.09 ? 1870 GLN A NE2 1 
ATOM   608 N N   . THR A 1 78  ? -7.624  -4.588  -8.673  1.00 25.79 ? 1871 THR A N   1 
ATOM   609 C CA  . THR A 1 78  ? -8.306  -4.097  -9.868  1.00 26.03 ? 1871 THR A CA  1 
ATOM   610 C C   . THR A 1 78  ? -7.478  -4.370  -11.114 1.00 26.48 ? 1871 THR A C   1 
ATOM   611 O O   . THR A 1 78  ? -8.009  -4.808  -12.140 1.00 27.99 ? 1871 THR A O   1 
ATOM   612 C CB  . THR A 1 78  ? -8.615  -2.605  -9.732  1.00 27.94 ? 1871 THR A CB  1 
ATOM   613 O OG1 . THR A 1 78  ? -9.481  -2.399  -8.605  1.00 28.40 ? 1871 THR A OG1 1 
ATOM   614 C CG2 . THR A 1 78  ? -9.301  -2.086  -10.993 1.00 24.08 ? 1871 THR A CG2 1 
ATOM   615 N N   . PHE A 1 79  ? -6.163  -4.179  -11.037 1.00 26.20 ? 1872 PHE A N   1 
ATOM   616 C CA  . PHE A 1 79  ? -5.367  -4.337  -12.247 1.00 30.68 ? 1872 PHE A CA  1 
ATOM   617 C C   . PHE A 1 79  ? -4.844  -5.752  -12.472 1.00 28.73 ? 1872 PHE A C   1 
ATOM   618 O O   . PHE A 1 79  ? -4.661  -6.156  -13.633 1.00 29.25 ? 1872 PHE A O   1 
ATOM   619 C CB  . PHE A 1 79  ? -4.178  -3.365  -12.251 1.00 28.17 ? 1872 PHE A CB  1 
ATOM   620 C CG  . PHE A 1 79  ? -3.494  -3.289  -13.583 1.00 27.33 ? 1872 PHE A CG  1 
ATOM   621 C CD1 . PHE A 1 79  ? -3.962  -2.426  -14.559 1.00 29.83 ? 1872 PHE A CD1 1 
ATOM   622 C CD2 . PHE A 1 79  ? -2.399  -4.107  -13.870 1.00 28.97 ? 1872 PHE A CD2 1 
ATOM   623 C CE1 . PHE A 1 79  ? -3.353  -2.369  -15.813 1.00 31.39 ? 1872 PHE A CE1 1 
ATOM   624 C CE2 . PHE A 1 79  ? -1.778  -4.057  -15.111 1.00 29.09 ? 1872 PHE A CE2 1 
ATOM   625 C CZ  . PHE A 1 79  ? -2.259  -3.182  -16.089 1.00 30.89 ? 1872 PHE A CZ  1 
ATOM   626 N N   . ASN A 1 80  ? -4.575  -6.512  -11.416 1.00 28.36 ? 1873 ASN A N   1 
ATOM   627 C CA  . ASN A 1 80  ? -3.863  -7.779  -11.553 1.00 30.06 ? 1873 ASN A CA  1 
ATOM   628 C C   . ASN A 1 80  ? -4.779  -8.956  -11.261 1.00 27.41 ? 1873 ASN A C   1 
ATOM   629 O O   . ASN A 1 80  ? -5.539  -8.934  -10.289 1.00 31.07 ? 1873 ASN A O   1 
ATOM   630 C CB  . ASN A 1 80  ? -2.649  -7.815  -10.614 1.00 30.11 ? 1873 ASN A CB  1 
ATOM   631 C CG  . ASN A 1 80  ? -1.710  -6.645  -10.856 1.00 32.66 ? 1873 ASN A CG  1 
ATOM   632 O OD1 . ASN A 1 80  ? -0.763  -6.738  -11.650 1.00 33.03 ? 1873 ASN A OD1 1 
ATOM   633 N ND2 . ASN A 1 80  ? -2.008  -5.514  -10.223 1.00 25.22 ? 1873 ASN A ND2 1 
ATOM   634 N N   . GLU A 1 81  ? -4.703  -9.979  -12.111 1.00 30.48 ? 1874 GLU A N   1 
ATOM   635 C CA  . GLU A 1 81  ? -5.366  -11.241 -11.814 1.00 34.88 ? 1874 GLU A CA  1 
ATOM   636 C C   . GLU A 1 81  ? -4.864  -11.803 -10.487 1.00 31.47 ? 1874 GLU A C   1 
ATOM   637 O O   . GLU A 1 81  ? -3.680  -11.694 -10.150 1.00 28.00 ? 1874 GLU A O   1 
ATOM   638 C CB  . GLU A 1 81  ? -5.116  -12.267 -12.918 1.00 33.65 ? 1874 GLU A CB  1 
ATOM   639 C CG  . GLU A 1 81  ? -5.541  -11.845 -14.294 1.00 39.31 ? 1874 GLU A CG  1 
ATOM   640 C CD  . GLU A 1 81  ? -6.658  -12.704 -14.816 1.00 55.41 ? 1874 GLU A CD  1 
ATOM   641 O OE1 . GLU A 1 81  ? -6.586  -13.131 -15.991 1.00 56.03 ? 1874 GLU A OE1 1 
ATOM   642 O OE2 . GLU A 1 81  ? -7.620  -12.935 -14.048 1.00 60.01 ? 1874 GLU A OE2 1 
ATOM   643 N N   . ASP A 1 82  ? -5.790  -12.413 -9.740  1.00 27.69 ? 1875 ASP A N   1 
ATOM   644 C CA  . ASP A 1 82  ? -5.471  -12.991 -8.443  1.00 28.48 ? 1875 ASP A CA  1 
ATOM   645 C C   . ASP A 1 82  ? -4.351  -14.027 -8.525  1.00 29.96 ? 1875 ASP A C   1 
ATOM   646 O O   . ASP A 1 82  ? -3.649  -14.223 -7.528  1.00 26.22 ? 1875 ASP A O   1 
ATOM   647 C CB  . ASP A 1 82  ? -6.727  -13.620 -7.832  1.00 25.10 ? 1875 ASP A CB  1 
ATOM   648 C CG  . ASP A 1 82  ? -7.788  -12.591 -7.514  1.00 30.25 ? 1875 ASP A CG  1 
ATOM   649 O OD1 . ASP A 1 82  ? -7.453  -11.559 -6.867  1.00 27.57 ? 1875 ASP A OD1 1 
ATOM   650 O OD2 . ASP A 1 82  ? -8.956  -12.799 -7.938  1.00 27.69 ? 1875 ASP A OD2 1 
ATOM   651 N N   . ASP A 1 83  ? -4.142  -14.669 -9.686  1.00 30.13 ? 1876 ASP A N   1 
ATOM   652 C CA  . ASP A 1 83  ? -3.075  -15.669 -9.813  1.00 33.32 ? 1876 ASP A CA  1 
ATOM   653 C C   . ASP A 1 83  ? -1.844  -15.154 -10.553 1.00 34.59 ? 1876 ASP A C   1 
ATOM   654 O O   . ASP A 1 83  ? -0.887  -15.916 -10.736 1.00 30.87 ? 1876 ASP A O   1 
ATOM   655 C CB  . ASP A 1 83  ? -3.574  -16.965 -10.486 1.00 27.24 ? 1876 ASP A CB  1 
ATOM   656 C CG  . ASP A 1 83  ? -4.166  -16.754 -11.865 1.00 31.22 ? 1876 ASP A CG  1 
ATOM   657 O OD1 . ASP A 1 83  ? -4.196  -15.613 -12.354 1.00 35.61 ? 1876 ASP A OD1 1 
ATOM   658 O OD2 . ASP A 1 83  ? -4.604  -17.755 -12.473 1.00 36.81 ? 1876 ASP A OD2 1 
ATOM   659 N N   . SER A 1 84  ? -1.843  -13.888 -10.972 1.00 31.73 ? 1877 SER A N   1 
ATOM   660 C CA  . SER A 1 84  ? -0.618  -13.230 -11.424 1.00 30.92 ? 1877 SER A CA  1 
ATOM   661 C C   . SER A 1 84  ? 0.348   -13.080 -10.255 1.00 31.91 ? 1877 SER A C   1 
ATOM   662 O O   . SER A 1 84  ? -0.035  -13.202 -9.090  1.00 32.13 ? 1877 SER A O   1 
ATOM   663 C CB  . SER A 1 84  ? -0.915  -11.848 -12.006 1.00 29.39 ? 1877 SER A CB  1 
ATOM   664 O OG  . SER A 1 84  ? -1.127  -10.897 -10.963 1.00 28.49 ? 1877 SER A OG  1 
ATOM   665 N N   . GLU A 1 85  ? 1.617   -12.798 -10.572 1.00 32.85 ? 1878 GLU A N   1 
ATOM   666 C CA  . GLU A 1 85  ? 2.632   -12.698 -9.526  1.00 29.44 ? 1878 GLU A CA  1 
ATOM   667 C C   . GLU A 1 85  ? 2.404   -11.464 -8.664  1.00 28.73 ? 1878 GLU A C   1 
ATOM   668 O O   . GLU A 1 85  ? 2.546   -11.515 -7.432  1.00 25.16 ? 1878 GLU A O   1 
ATOM   669 C CB  . GLU A 1 85  ? 4.027   -12.663 -10.150 1.00 36.19 ? 1878 GLU A CB  1 
ATOM   670 C CG  . GLU A 1 85  ? 4.327   -13.878 -11.015 1.00 42.73 ? 1878 GLU A CG  1 
ATOM   671 C CD  . GLU A 1 85  ? 4.454   -15.143 -10.191 1.00 46.41 ? 1878 GLU A CD  1 
ATOM   672 O OE1 . GLU A 1 85  ? 5.199   -15.123 -9.185  1.00 45.07 ? 1878 GLU A OE1 1 
ATOM   673 O OE2 . GLU A 1 85  ? 3.781   -16.146 -10.528 1.00 51.00 ? 1878 GLU A OE2 1 
ATOM   674 N N   . VAL A 1 86  ? 2.074   -10.334 -9.305  1.00 27.05 ? 1879 VAL A N   1 
ATOM   675 C CA  . VAL A 1 86  ? 1.777   -9.119  -8.556  1.00 25.81 ? 1879 VAL A CA  1 
ATOM   676 C C   . VAL A 1 86  ? 0.527   -9.325  -7.717  1.00 25.36 ? 1879 VAL A C   1 
ATOM   677 O O   . VAL A 1 86  ? 0.438   -8.854  -6.580  1.00 23.25 ? 1879 VAL A O   1 
ATOM   678 C CB  . VAL A 1 86  ? 1.631   -7.909  -9.507  1.00 30.83 ? 1879 VAL A CB  1 
ATOM   679 C CG1 . VAL A 1 86  ? 1.124   -6.681  -8.742  1.00 25.12 ? 1879 VAL A CG1 1 
ATOM   680 C CG2 . VAL A 1 86  ? 2.959   -7.617  -10.213 1.00 29.98 ? 1879 VAL A CG2 1 
ATOM   681 N N   . GLY A 1 87  ? -0.454  -10.042 -8.262  1.00 28.66 ? 1880 GLY A N   1 
ATOM   682 C CA  . GLY A 1 87  ? -1.677  -10.281 -7.516  1.00 25.15 ? 1880 GLY A CA  1 
ATOM   683 C C   . GLY A 1 87  ? -1.433  -11.140 -6.294  1.00 26.11 ? 1880 GLY A C   1 
ATOM   684 O O   . GLY A 1 87  ? -1.948  -10.855 -5.210  1.00 27.19 ? 1880 GLY A O   1 
ATOM   685 N N   . LYS A 1 88  ? -0.637  -12.207 -6.451  1.00 27.51 ? 1881 LYS A N   1 
ATOM   686 C CA  . LYS A 1 88  ? -0.303  -13.063 -5.317  1.00 29.78 ? 1881 LYS A CA  1 
ATOM   687 C C   . LYS A 1 88  ? 0.438   -12.267 -4.247  1.00 27.61 ? 1881 LYS A C   1 
ATOM   688 O O   . LYS A 1 88  ? 0.112   -12.354 -3.045  1.00 29.16 ? 1881 LYS A O   1 
ATOM   689 C CB  . LYS A 1 88  ? 0.528   -14.266 -5.797  1.00 27.92 ? 1881 LYS A CB  1 
ATOM   690 C CG  . LYS A 1 88  ? -0.247  -15.227 -6.698  1.00 28.57 ? 1881 LYS A CG  1 
ATOM   691 C CD  . LYS A 1 88  ? 0.501   -16.524 -6.957  1.00 32.44 ? 1881 LYS A CD  1 
ATOM   692 C CE  . LYS A 1 88  ? 1.530   -16.340 -8.069  1.00 43.93 ? 1881 LYS A CE  1 
ATOM   693 N NZ  . LYS A 1 88  ? 2.167   -17.637 -8.478  1.00 45.96 ? 1881 LYS A NZ  1 
ATOM   694 N N   . ALA A 1 89  ? 1.407   -11.448 -4.676  1.00 22.49 ? 1882 ALA A N   1 
ATOM   695 C CA  . ALA A 1 89  ? 2.120   -10.599 -3.734  1.00 23.69 ? 1882 ALA A CA  1 
ATOM   696 C C   . ALA A 1 89  ? 1.158   -9.651  -3.036  1.00 26.36 ? 1882 ALA A C   1 
ATOM   697 O O   . ALA A 1 89  ? 1.256   -9.425  -1.820  1.00 25.99 ? 1882 ALA A O   1 
ATOM   698 C CB  . ALA A 1 89  ? 3.227   -9.827  -4.456  1.00 20.56 ? 1882 ALA A CB  1 
ATOM   699 N N   . GLY A 1 90  ? 0.195   -9.117  -3.792  1.00 27.59 ? 1883 GLY A N   1 
ATOM   700 C CA  . GLY A 1 90  ? -0.727  -8.148  -3.241  1.00 25.90 ? 1883 GLY A CA  1 
ATOM   701 C C   . GLY A 1 90  ? -1.657  -8.764  -2.218  1.00 27.66 ? 1883 GLY A C   1 
ATOM   702 O O   . GLY A 1 90  ? -1.998  -8.130  -1.222  1.00 27.20 ? 1883 GLY A O   1 
ATOM   703 N N   . HIS A 1 91  ? -2.080  -10.007 -2.447  1.00 26.22 ? 1884 HIS A N   1 
ATOM   704 C CA  . HIS A 1 91  ? -2.909  -10.677 -1.446  1.00 28.60 ? 1884 HIS A CA  1 
ATOM   705 C C   . HIS A 1 91  ? -2.135  -10.910 -0.149  1.00 29.41 ? 1884 HIS A C   1 
ATOM   706 O O   . HIS A 1 91  ? -2.674  -10.672 0.949   1.00 25.73 ? 1884 HIS A O   1 
ATOM   707 C CB  . HIS A 1 91  ? -3.451  -11.984 -2.013  1.00 24.19 ? 1884 HIS A CB  1 
ATOM   708 C CG  . HIS A 1 91  ? -4.515  -11.774 -3.038  1.00 25.90 ? 1884 HIS A CG  1 
ATOM   709 N ND1 . HIS A 1 91  ? -5.626  -10.997 -2.794  1.00 25.79 ? 1884 HIS A ND1 1 
ATOM   710 C CD2 . HIS A 1 91  ? -4.633  -12.217 -4.312  1.00 26.89 ? 1884 HIS A CD2 1 
ATOM   711 C CE1 . HIS A 1 91  ? -6.393  -10.981 -3.871  1.00 24.33 ? 1884 HIS A CE1 1 
ATOM   712 N NE2 . HIS A 1 91  ? -5.807  -11.708 -4.808  1.00 26.46 ? 1884 HIS A NE2 1 
ATOM   713 N N   . ILE A 1 92  ? -0.861  -11.346 -0.256  1.00 30.39 ? 1885 ILE A N   1 
ATOM   714 C CA  . ILE A 1 92  ? -0.040  -11.499 0.953   1.00 25.96 ? 1885 ILE A CA  1 
ATOM   715 C C   . ILE A 1 92  ? 0.109   -10.164 1.672   1.00 27.46 ? 1885 ILE A C   1 
ATOM   716 O O   . ILE A 1 92  ? 0.014   -10.091 2.906   1.00 29.46 ? 1885 ILE A O   1 
ATOM   717 C CB  . ILE A 1 92  ? 1.335   -12.105 0.609   1.00 29.16 ? 1885 ILE A CB  1 
ATOM   718 C CG1 . ILE A 1 92  ? 1.174   -13.508 0.010   1.00 27.53 ? 1885 ILE A CG1 1 
ATOM   719 C CG2 . ILE A 1 92  ? 2.217   -12.179 1.841   1.00 26.95 ? 1885 ILE A CG2 1 
ATOM   720 C CD1 . ILE A 1 92  ? 2.463   -14.091 -0.583  1.00 19.02 ? 1885 ILE A CD1 1 
ATOM   721 N N   . MET A 1 93  ? 0.312   -9.071  0.915   1.00 27.67 ? 1886 MET A N   1 
ATOM   722 C CA  . MET A 1 93  ? 0.522   -7.786  1.578   1.00 24.96 ? 1886 MET A CA  1 
ATOM   723 C C   . MET A 1 93  ? -0.763  -7.269  2.206   1.00 27.60 ? 1886 MET A C   1 
ATOM   724 O O   . MET A 1 93  ? -0.735  -6.694  3.300   1.00 31.35 ? 1886 MET A O   1 
ATOM   725 C CB  . MET A 1 93  ? 1.095   -6.756  0.611   1.00 24.85 ? 1886 MET A CB  1 
ATOM   726 C CG  . MET A 1 93  ? 2.534   -7.021  0.204   1.00 27.12 ? 1886 MET A CG  1 
ATOM   727 S SD  . MET A 1 93  ? 3.596   -7.336  1.629   1.00 29.05 ? 1886 MET A SD  1 
ATOM   728 C CE  . MET A 1 93  ? 3.354   -5.854  2.650   1.00 26.20 ? 1886 MET A CE  1 
ATOM   729 N N   . ARG A 1 94  ? -1.892  -7.443  1.522   1.00 26.21 ? 1887 ARG A N   1 
ATOM   730 C CA  . ARG A 1 94  ? -3.170  -6.990  2.056   1.00 28.55 ? 1887 ARG A CA  1 
ATOM   731 C C   . ARG A 1 94  ? -3.522  -7.738  3.340   1.00 29.50 ? 1887 ARG A C   1 
ATOM   732 O O   . ARG A 1 94  ? -3.897  -7.113  4.343   1.00 27.56 ? 1887 ARG A O   1 
ATOM   733 C CB  . ARG A 1 94  ? -4.264  -7.156  0.992   1.00 25.17 ? 1887 ARG A CB  1 
ATOM   734 C CG  . ARG A 1 94  ? -5.630  -6.607  1.382   1.00 27.06 ? 1887 ARG A CG  1 
ATOM   735 C CD  . ARG A 1 94  ? -6.711  -6.990  0.342   1.00 25.71 ? 1887 ARG A CD  1 
ATOM   736 N NE  . ARG A 1 94  ? -6.512  -8.343  -0.183  1.00 23.73 ? 1887 ARG A NE  1 
ATOM   737 C CZ  . ARG A 1 94  ? -6.898  -9.457  0.439   1.00 25.41 ? 1887 ARG A CZ  1 
ATOM   738 N NH1 . ARG A 1 94  ? -7.523  -9.398  1.620   1.00 24.14 ? 1887 ARG A NH1 1 
ATOM   739 N NH2 . ARG A 1 94  ? -6.664  -10.641 -0.121  1.00 25.37 ? 1887 ARG A NH2 1 
ATOM   740 N N   . ARG A 1 95  ? -3.388  -9.078  3.335   1.00 26.35 ? 1888 ARG A N   1 
ATOM   741 C CA  . ARG A 1 95  ? -3.658  -9.848  4.548   1.00 28.30 ? 1888 ARG A CA  1 
ATOM   742 C C   . ARG A 1 95  ? -2.708  -9.457  5.674   1.00 29.61 ? 1888 ARG A C   1 
ATOM   743 O O   . ARG A 1 95  ? -3.124  -9.366  6.835   1.00 30.51 ? 1888 ARG A O   1 
ATOM   744 C CB  . ARG A 1 95  ? -3.572  -11.354 4.260   1.00 27.16 ? 1888 ARG A CB  1 
ATOM   745 C CG  . ARG A 1 95  ? -4.842  -11.901 3.615   1.00 26.37 ? 1888 ARG A CG  1 
ATOM   746 C CD  . ARG A 1 95  ? -4.819  -13.408 3.570   1.00 26.58 ? 1888 ARG A CD  1 
ATOM   747 N NE  . ARG A 1 95  ? -3.673  -13.916 2.818   1.00 25.21 ? 1888 ARG A NE  1 
ATOM   748 C CZ  . ARG A 1 95  ? -3.698  -14.233 1.533   1.00 22.59 ? 1888 ARG A CZ  1 
ATOM   749 N NH1 . ARG A 1 95  ? -4.815  -14.078 0.835   1.00 28.59 ? 1888 ARG A NH1 1 
ATOM   750 N NH2 . ARG A 1 95  ? -2.606  -14.690 0.933   1.00 24.13 ? 1888 ARG A NH2 1 
ATOM   751 N N   . PHE A 1 96  ? -1.431  -9.201  5.347   1.00 32.82 ? 1889 PHE A N   1 
ATOM   752 C CA  . PHE A 1 96  ? -0.498  -8.722  6.363   1.00 31.67 ? 1889 PHE A CA  1 
ATOM   753 C C   . PHE A 1 96  ? -0.934  -7.376  6.926   1.00 35.17 ? 1889 PHE A C   1 
ATOM   754 O O   . PHE A 1 96  ? -0.815  -7.131  8.134   1.00 38.54 ? 1889 PHE A O   1 
ATOM   755 C CB  . PHE A 1 96  ? 0.912   -8.623  5.787   1.00 35.96 ? 1889 PHE A CB  1 
ATOM   756 C CG  . PHE A 1 96  ? 1.920   -8.013  6.743   1.00 35.56 ? 1889 PHE A CG  1 
ATOM   757 C CD1 . PHE A 1 96  ? 2.556   -8.805  7.710   1.00 34.13 ? 1889 PHE A CD1 1 
ATOM   758 C CD2 . PHE A 1 96  ? 2.238   -6.658  6.666   1.00 32.43 ? 1889 PHE A CD2 1 
ATOM   759 C CE1 . PHE A 1 96  ? 3.483   -8.257  8.590   1.00 32.65 ? 1889 PHE A CE1 1 
ATOM   760 C CE2 . PHE A 1 96  ? 3.164   -6.091  7.541   1.00 34.29 ? 1889 PHE A CE2 1 
ATOM   761 C CZ  . PHE A 1 96  ? 3.786   -6.893  8.512   1.00 39.59 ? 1889 PHE A CZ  1 
ATOM   762 N N   . PHE A 1 97  ? -1.442  -6.484  6.073   1.00 34.17 ? 1890 PHE A N   1 
ATOM   763 C CA  . PHE A 1 97  ? -1.820  -5.163  6.557   1.00 32.91 ? 1890 PHE A CA  1 
ATOM   764 C C   . PHE A 1 97  ? -3.051  -5.225  7.449   1.00 36.59 ? 1890 PHE A C   1 
ATOM   765 O O   . PHE A 1 97  ? -3.106  -4.558  8.486   1.00 39.54 ? 1890 PHE A O   1 
ATOM   766 C CB  . PHE A 1 97  ? -2.078  -4.190  5.408   1.00 28.44 ? 1890 PHE A CB  1 
ATOM   767 C CG  . PHE A 1 97  ? -2.775  -2.942  5.871   1.00 34.18 ? 1890 PHE A CG  1 
ATOM   768 C CD1 . PHE A 1 97  ? -2.095  -2.020  6.665   1.00 32.08 ? 1890 PHE A CD1 1 
ATOM   769 C CD2 . PHE A 1 97  ? -4.118  -2.716  5.591   1.00 35.60 ? 1890 PHE A CD2 1 
ATOM   770 C CE1 . PHE A 1 97  ? -2.731  -0.888  7.153   1.00 35.73 ? 1890 PHE A CE1 1 
ATOM   771 C CE2 . PHE A 1 97  ? -4.764  -1.568  6.085   1.00 37.05 ? 1890 PHE A CE2 1 
ATOM   772 C CZ  . PHE A 1 97  ? -4.065  -0.657  6.855   1.00 34.23 ? 1890 PHE A CZ  1 
ATOM   773 N N   . GLU A 1 98  ? -4.085  -5.965  7.032   1.00 39.12 ? 1891 GLU A N   1 
ATOM   774 C CA  . GLU A 1 98  ? -5.281  -6.062  7.866   1.00 39.72 ? 1891 GLU A CA  1 
ATOM   775 C C   . GLU A 1 98  ? -4.952  -6.754  9.171   1.00 37.63 ? 1891 GLU A C   1 
ATOM   776 O O   . GLU A 1 98  ? -5.414  -6.346  10.241  1.00 47.30 ? 1891 GLU A O   1 
ATOM   777 C CB  . GLU A 1 98  ? -6.389  -6.808  7.124   1.00 39.31 ? 1891 GLU A CB  1 
ATOM   778 C CG  . GLU A 1 98  ? -6.906  -6.050  5.929   1.00 43.31 ? 1891 GLU A CG  1 
ATOM   779 C CD  . GLU A 1 98  ? -8.368  -5.700  6.039   1.00 60.22 ? 1891 GLU A CD  1 
ATOM   780 O OE1 . GLU A 1 98  ? -8.677  -4.598  6.573   1.00 64.17 ? 1891 GLU A OE1 1 
ATOM   781 O OE2 . GLU A 1 98  ? -9.193  -6.523  5.564   1.00 65.19 ? 1891 GLU A OE2 1 
ATOM   782 N N   . SER A 1 99  ? -4.132  -7.797  9.099   1.00 37.45 ? 1892 SER A N   1 
ATOM   783 C CA  . SER A 1 99  ? -3.686  -8.494  10.293  1.00 43.56 ? 1892 SER A CA  1 
ATOM   784 C C   . SER A 1 99  ? -3.015  -7.533  11.276  1.00 49.65 ? 1892 SER A C   1 
ATOM   785 O O   . SER A 1 99  ? -3.483  -7.359  12.407  1.00 56.31 ? 1892 SER A O   1 
ATOM   786 C CB  . SER A 1 99  ? -2.749  -9.631  9.880   1.00 39.12 ? 1892 SER A CB  1 
ATOM   787 O OG  . SER A 1 99  ? -2.400  -10.425 10.994  1.00 53.55 ? 1892 SER A OG  1 
ATOM   788 N N   . ARG A 1 100 ? -1.920  -6.880  10.850  1.00 46.92 ? 1893 ARG A N   1 
ATOM   789 C CA  . ARG A 1 100 ? -1.214  -5.951  11.735  1.00 47.05 ? 1893 ARG A CA  1 
ATOM   790 C C   . ARG A 1 100 ? -2.129  -4.833  12.206  1.00 51.49 ? 1893 ARG A C   1 
ATOM   791 O O   . ARG A 1 100 ? -2.097  -4.438  13.377  1.00 60.52 ? 1893 ARG A O   1 
ATOM   792 C CB  . ARG A 1 100 ? 0.011   -5.348  11.033  1.00 43.22 ? 1893 ARG A CB  1 
ATOM   793 C CG  . ARG A 1 100 ? 1.210   -6.283  10.911  1.00 53.04 ? 1893 ARG A CG  1 
ATOM   794 C CD  . ARG A 1 100 ? 1.712   -6.800  12.287  1.00 56.34 ? 1893 ARG A CD  1 
ATOM   795 N NE  . ARG A 1 100 ? 2.759   -5.968  12.889  1.00 49.49 ? 1893 ARG A NE  1 
ATOM   796 C CZ  . ARG A 1 100 ? 2.742   -5.517  14.140  1.00 53.55 ? 1893 ARG A CZ  1 
ATOM   797 N NH1 . ARG A 1 100 ? 1.729   -5.817  14.943  1.00 63.93 ? 1893 ARG A NH1 1 
ATOM   798 N NH2 . ARG A 1 100 ? 3.739   -4.768  14.597  1.00 50.31 ? 1893 ARG A NH2 1 
ATOM   799 N N   . TRP A 1 101 ? -2.948  -4.306  11.307  1.00 43.11 ? 1894 TRP A N   1 
ATOM   800 C CA  . TRP A 1 101 ? -3.784  -3.171  11.655  1.00 51.92 ? 1894 TRP A CA  1 
ATOM   801 C C   . TRP A 1 101 ? -4.772  -3.528  12.759  1.00 55.91 ? 1894 TRP A C   1 
ATOM   802 O O   . TRP A 1 101 ? -5.042  -2.715  13.650  1.00 56.15 ? 1894 TRP A O   1 
ATOM   803 C CB  . TRP A 1 101 ? -4.507  -2.673  10.404  1.00 44.44 ? 1894 TRP A CB  1 
ATOM   804 C CG  . TRP A 1 101 ? -5.367  -1.489  10.660  1.00 48.08 ? 1894 TRP A CG  1 
ATOM   805 C CD1 . TRP A 1 101 ? -6.701  -1.495  10.947  1.00 50.22 ? 1894 TRP A CD1 1 
ATOM   806 C CD2 . TRP A 1 101 ? -4.963  -0.112  10.667  1.00 51.38 ? 1894 TRP A CD2 1 
ATOM   807 N NE1 . TRP A 1 101 ? -7.158  -0.207  11.121  1.00 52.42 ? 1894 TRP A NE1 1 
ATOM   808 C CE2 . TRP A 1 101 ? -6.111  0.660   10.958  1.00 51.77 ? 1894 TRP A CE2 1 
ATOM   809 C CE3 . TRP A 1 101 ? -3.743  0.543   10.462  1.00 49.52 ? 1894 TRP A CE3 1 
ATOM   810 C CZ2 . TRP A 1 101 ? -6.076  2.046   11.047  1.00 49.39 ? 1894 TRP A CZ2 1 
ATOM   811 C CZ3 . TRP A 1 101 ? -3.714  1.925   10.545  1.00 50.31 ? 1894 TRP A CZ3 1 
ATOM   812 C CH2 . TRP A 1 101 ? -4.873  2.658   10.836  1.00 53.18 ? 1894 TRP A CH2 1 
ATOM   813 N N   . GLU A 1 102 ? -5.321  -4.743  12.722  1.00 57.87 ? 1895 GLU A N   1 
ATOM   814 C CA  . GLU A 1 102 ? -6.359  -5.085  13.689  1.00 61.87 ? 1895 GLU A CA  1 
ATOM   815 C C   . GLU A 1 102 ? -5.767  -5.401  15.058  1.00 65.90 ? 1895 GLU A C   1 
ATOM   816 O O   . GLU A 1 102 ? -6.402  -5.125  16.084  1.00 71.24 ? 1895 GLU A O   1 
ATOM   817 C CB  . GLU A 1 102 ? -7.216  -6.242  13.157  1.00 59.22 ? 1895 GLU A CB  1 
ATOM   818 C CG  . GLU A 1 102 ? -6.924  -7.629  13.721  1.00 65.75 ? 1895 GLU A CG  1 
ATOM   819 C CD  . GLU A 1 102 ? -8.057  -8.621  13.427  1.00 73.31 ? 1895 GLU A CD  1 
ATOM   820 O OE1 . GLU A 1 102 ? -9.083  -8.586  14.150  1.00 78.98 ? 1895 GLU A OE1 1 
ATOM   821 O OE2 . GLU A 1 102 ? -7.918  -9.431  12.476  1.00 66.19 ? 1895 GLU A OE2 1 
ATOM   822 N N   . GLU A 1 103 ? -4.537  -5.933  15.106  1.00 63.55 ? 1896 GLU A N   1 
ATOM   823 C CA  . GLU A 1 103 ? -3.968  -6.247  16.424  1.00 70.81 ? 1896 GLU A CA  1 
ATOM   824 C C   . GLU A 1 103 ? -3.322  -5.040  17.093  1.00 72.76 ? 1896 GLU A C   1 
ATOM   825 O O   . GLU A 1 103 ? -2.529  -5.194  18.030  1.00 78.05 ? 1896 GLU A O   1 
ATOM   826 C CB  . GLU A 1 103 ? -2.969  -7.405  16.324  1.00 77.00 ? 1896 GLU A CB  1 
ATOM   827 C CG  . GLU A 1 103 ? -1.635  -7.080  15.676  1.00 69.91 ? 1896 GLU A CG  1 
ATOM   828 C CD  . GLU A 1 103 ? -0.775  -8.328  15.506  1.00 75.06 ? 1896 GLU A CD  1 
ATOM   829 O OE1 . GLU A 1 103 ? -0.258  -8.840  16.526  1.00 77.65 ? 1896 GLU A OE1 1 
ATOM   830 O OE2 . GLU A 1 103 ? -0.638  -8.815  14.356  1.00 73.81 ? 1896 GLU A OE2 1 
ATOM   831 N N   . PHE A 1 104 ? -3.707  -3.880  16.566  1.00 73.50 ? 1897 PHE A N   1 
ATOM   832 C CA  . PHE A 1 104 ? -3.485  -2.588  17.199  1.00 76.39 ? 1897 PHE A CA  1 
ATOM   833 C C   . PHE A 1 104 ? -4.797  -1.950  17.640  1.00 81.50 ? 1897 PHE A C   1 
ATOM   834 O O   . PHE A 1 104 ? -4.967  -1.609  18.815  1.00 81.18 ? 1897 PHE A O   1 
ATOM   835 C CB  . PHE A 1 104 ? -2.759  -1.658  16.233  1.00 73.62 ? 1897 PHE A CB  1 
ATOM   836 C CG  . PHE A 1 104 ? -1.283  -1.861  16.214  1.00 85.07 ? 1897 PHE A CG  1 
ATOM   837 C CD1 . PHE A 1 104 ? -0.628  -2.302  17.351  1.00 89.91 ? 1897 PHE A CD1 1 
ATOM   838 C CD2 . PHE A 1 104 ? -0.549  -1.633  15.065  1.00 87.26 ? 1897 PHE A CD2 1 
ATOM   839 C CE1 . PHE A 1 104 ? 0.737   -2.501  17.349  1.00 92.06 ? 1897 PHE A CE1 1 
ATOM   840 C CE2 . PHE A 1 104 ? 0.816   -1.836  15.056  1.00 89.50 ? 1897 PHE A CE2 1 
ATOM   841 C CZ  . PHE A 1 104 ? 1.459   -2.270  16.196  1.00 91.44 ? 1897 PHE A CZ  1 
ATOM   842 N N   . TYR A 1 105 ? -5.741  -1.799  16.713  1.00 77.47 ? 1898 TYR A N   1 
ATOM   843 C CA  . TYR A 1 105 ? -7.041  -1.179  16.975  1.00 79.40 ? 1898 TYR A CA  1 
ATOM   844 C C   . TYR A 1 105 ? -8.171  -2.224  17.032  1.00 73.13 ? 1898 TYR A C   1 
ATOM   845 O O   . TYR A 1 105 ? -8.317  -2.959  18.013  1.00 68.97 ? 1898 TYR A O   1 
ATOM   846 C CB  . TYR A 1 105 ? -7.349  -0.134  15.895  1.00 73.09 ? 1898 TYR A CB  1 
ATOM   847 C CG  . TYR A 1 105 ? -6.202  0.826   15.612  1.00 74.57 ? 1898 TYR A CG  1 
ATOM   848 C CD1 . TYR A 1 105 ? -6.071  2.020   16.315  1.00 77.80 ? 1898 TYR A CD1 1 
ATOM   849 C CD2 . TYR A 1 105 ? -5.245  0.532   14.643  1.00 70.10 ? 1898 TYR A CD2 1 
ATOM   850 C CE1 . TYR A 1 105 ? -5.019  2.902   16.054  1.00 76.67 ? 1898 TYR A CE1 1 
ATOM   851 C CE2 . TYR A 1 105 ? -4.188  1.405   14.377  1.00 69.00 ? 1898 TYR A CE2 1 
ATOM   852 C CZ  . TYR A 1 105 ? -4.082  2.587   15.082  1.00 72.79 ? 1898 TYR A CZ  1 
ATOM   853 O OH  . TYR A 1 105 ? -3.039  3.452   14.819  1.00 67.10 ? 1898 TYR A OH  1 
HETATM 854 C C01 . JR4 B 2 .   ? 1.794   -2.660  -8.181  1.00 34.40 ? 1901 JR4 A C01 1 
HETATM 855 C C03 . JR4 B 2 .   ? 0.921   -3.359  -10.517 1.00 34.47 ? 1901 JR4 A C03 1 
HETATM 856 C C06 . JR4 B 2 .   ? 0.916   -4.238  -12.969 1.00 30.28 ? 1901 JR4 A C06 1 
HETATM 857 C C07 . JR4 B 2 .   ? 2.989   -3.979  -11.454 1.00 43.56 ? 1901 JR4 A C07 1 
HETATM 858 C C08 . JR4 B 2 .   ? 4.051   -4.418  -12.267 1.00 45.12 ? 1901 JR4 A C08 1 
HETATM 859 C C09 . JR4 B 2 .   ? 5.361   -4.435  -11.759 1.00 46.99 ? 1901 JR4 A C09 1 
HETATM 860 C C10 . JR4 B 2 .   ? 5.633   -3.995  -10.440 1.00 40.73 ? 1901 JR4 A C10 1 
HETATM 861 C C11 . JR4 B 2 .   ? 7.071   -3.999  -9.897  1.00 35.66 ? 1901 JR4 A C11 1 
HETATM 862 C C12 . JR4 B 2 .   ? 4.568   -3.555  -9.636  1.00 38.42 ? 1901 JR4 A C12 1 
HETATM 863 C C13 . JR4 B 2 .   ? 3.248   -3.554  -10.135 1.00 36.96 ? 1901 JR4 A C13 1 
HETATM 864 C C18 . JR4 B 2 .   ? 7.191   -2.962  -14.541 1.00 47.38 ? 1901 JR4 A C18 1 
HETATM 865 C C19 . JR4 B 2 .   ? 7.874   -3.576  -15.771 1.00 50.15 ? 1901 JR4 A C19 1 
HETATM 866 C C20 . JR4 B 2 .   ? 7.116   -3.976  -16.869 1.00 47.75 ? 1901 JR4 A C20 1 
HETATM 867 C C21 . JR4 B 2 .   ? 7.746   -4.513  -17.986 1.00 49.27 ? 1901 JR4 A C21 1 
HETATM 868 C C22 . JR4 B 2 .   ? 9.130   -4.660  -18.002 1.00 51.31 ? 1901 JR4 A C22 1 
HETATM 869 C C24 . JR4 B 2 .   ? 9.889   -4.270  -16.904 1.00 50.15 ? 1901 JR4 A C24 1 
HETATM 870 C C25 . JR4 B 2 .   ? 9.262   -3.729  -15.789 1.00 50.49 ? 1901 JR4 A C25 1 
HETATM 871 F F23 . JR4 B 2 .   ? 9.751   -5.198  -19.095 1.00 59.37 ? 1901 JR4 A F23 1 
HETATM 872 N N02 . JR4 B 2 .   ? 1.960   -3.161  -9.534  1.00 35.88 ? 1901 JR4 A N02 1 
HETATM 873 N N05 . JR4 B 2 .   ? 1.541   -3.873  -11.714 1.00 33.80 ? 1901 JR4 A N05 1 
HETATM 874 N N17 . JR4 B 2 .   ? 7.601   -3.628  -13.319 1.00 49.74 ? 1901 JR4 A N17 1 
HETATM 875 O O04 . JR4 B 2 .   ? -0.237  -3.142  -10.347 1.00 33.11 ? 1901 JR4 A O04 1 
HETATM 876 O O15 . JR4 B 2 .   ? 7.504   -6.071  -12.227 1.00 56.54 ? 1901 JR4 A O15 1 
HETATM 877 O O16 . JR4 B 2 .   ? 6.151   -5.652  -14.064 1.00 55.17 ? 1901 JR4 A O16 1 
HETATM 878 S S14 . JR4 B 2 .   ? 6.698   -5.001  -12.857 1.00 64.80 ? 1901 JR4 A S14 1 
HETATM 879 O O   . HOH C 3 .   ? 10.663  2.905   10.636  1.00 44.04 ? 2001 HOH A O   1 
HETATM 880 O O   . HOH C 3 .   ? 1.925   -3.703  -20.451 1.00 57.88 ? 2002 HOH A O   1 
HETATM 881 O O   . HOH C 3 .   ? 7.199   8.299   10.921  1.00 44.85 ? 2003 HOH A O   1 
HETATM 882 O O   . HOH C 3 .   ? -7.702  -3.649  -0.449  1.00 31.45 ? 2004 HOH A O   1 
HETATM 883 O O   . HOH C 3 .   ? -1.743  -1.829  -8.867  1.00 26.12 ? 2005 HOH A O   1 
HETATM 884 O O   . HOH C 3 .   ? -1.096  2.086   -7.598  1.00 31.08 ? 2006 HOH A O   1 
HETATM 885 O O   . HOH C 3 .   ? -6.535  8.323   2.821   1.00 58.42 ? 2007 HOH A O   1 
HETATM 886 O O   . HOH C 3 .   ? 10.762  -5.078  1.044   1.00 32.57 ? 2008 HOH A O   1 
HETATM 887 O O   . HOH C 3 .   ? 8.982   3.823   1.115   1.00 39.42 ? 2009 HOH A O   1 
HETATM 888 O O   . HOH C 3 .   ? -8.611  -2.379  7.849   1.00 38.69 ? 2010 HOH A O   1 
HETATM 889 O O   . HOH C 3 .   ? 3.766   0.024   -6.911  1.00 30.00 ? 2011 HOH A O   1 
HETATM 890 O O   . HOH C 3 .   ? 6.448   -0.017  -8.868  1.00 33.81 ? 2012 HOH A O   1 
HETATM 891 O O   . HOH C 3 .   ? -1.198  -1.649  -6.077  1.00 26.64 ? 2013 HOH A O   1 
HETATM 892 O O   . HOH C 3 .   ? 1.595   5.503   -6.747  1.00 27.03 ? 2014 HOH A O   1 
HETATM 893 O O   . HOH C 3 .   ? -9.268  3.185   -10.655 1.00 45.38 ? 2015 HOH A O   1 
HETATM 894 O O   . HOH C 3 .   ? -0.295  2.577   -18.930 1.00 41.80 ? 2016 HOH A O   1 
HETATM 895 O O   . HOH C 3 .   ? -7.578  3.913   -8.278  1.00 29.18 ? 2017 HOH A O   1 
HETATM 896 O O   . HOH C 3 .   ? 0.932   0.332   -6.248  1.00 26.09 ? 2018 HOH A O   1 
HETATM 897 O O   . HOH C 3 .   ? -2.593  -14.740 -14.472 1.00 39.19 ? 2019 HOH A O   1 
HETATM 898 O O   . HOH C 3 .   ? -9.073  3.775   -0.020  1.00 34.36 ? 2020 HOH A O   1 
HETATM 899 O O   . HOH C 3 .   ? 0.156   -12.226 4.718   1.00 28.74 ? 2021 HOH A O   1 
HETATM 900 O O   . HOH C 3 .   ? 1.483   3.386   -8.420  1.00 23.13 ? 2022 HOH A O   1 
HETATM 901 O O   . HOH C 3 .   ? 12.449  -8.426  2.751   1.00 44.54 ? 2023 HOH A O   1 
HETATM 902 O O   . HOH C 3 .   ? 0.233   -8.756  -13.393 1.00 27.70 ? 2024 HOH A O   1 
HETATM 903 O O   . HOH C 3 .   ? -8.856  -10.755 3.751   1.00 24.94 ? 2025 HOH A O   1 
HETATM 904 O O   . HOH C 3 .   ? 7.614   -1.186  -6.649  1.00 30.27 ? 2026 HOH A O   1 
HETATM 905 O O   . HOH C 3 .   ? -5.498  -9.512  -7.467  1.00 25.47 ? 2027 HOH A O   1 
HETATM 906 O O   . HOH C 3 .   ? 2.953   -12.033 6.189   1.00 32.13 ? 2028 HOH A O   1 
HETATM 907 O O   . HOH C 3 .   ? -10.172 -15.055 -9.296  1.00 35.74 ? 2029 HOH A O   1 
HETATM 908 O O   . HOH C 3 .   ? -8.407  -12.342 -11.007 1.00 42.14 ? 2030 HOH A O   1 
HETATM 909 O O   . HOH C 3 .   ? -2.519  -9.953  -14.096 1.00 27.15 ? 2031 HOH A O   1 
HETATM 910 O O   . HOH C 3 .   ? -3.981  -8.700  -5.094  1.00 22.07 ? 2032 HOH A O   1 
HETATM 911 O O   . HOH C 3 .   ? -10.236 -11.534 -13.875 1.00 43.83 ? 2033 HOH A O   1 
HETATM 912 O O   . HOH C 3 .   ? 10.357  14.281  8.604   1.00 51.81 ? 2034 HOH A O   1 
HETATM 913 O O   . HOH C 3 .   ? -9.138  0.791   -7.162  1.00 39.28 ? 2035 HOH A O   1 
HETATM 914 O O   . HOH C 3 .   ? 1.651   5.111   -10.429 1.00 32.74 ? 2036 HOH A O   1 
HETATM 915 O O   . HOH C 3 .   ? 8.250   -7.393  7.715   1.00 39.58 ? 2037 HOH A O   1 
HETATM 916 O O   . HOH C 3 .   ? -4.737  -7.914  -2.595  1.00 26.41 ? 2038 HOH A O   1 
HETATM 917 O O   . HOH C 3 .   ? 4.718   8.862   12.348  1.00 43.94 ? 2039 HOH A O   1 
HETATM 918 O O   . HOH C 3 .   ? 12.365  -1.264  1.253   1.00 38.73 ? 2040 HOH A O   1 
HETATM 919 O O   . HOH C 3 .   ? -5.945  -5.302  -16.335 1.00 53.22 ? 2041 HOH A O   1 
HETATM 920 O O   . HOH C 3 .   ? -3.139  3.178   -20.139 1.00 36.48 ? 2042 HOH A O   1 
HETATM 921 O O   . HOH C 3 .   ? 2.222   -10.124 -12.455 1.00 27.15 ? 2043 HOH A O   1 
HETATM 922 O O   . HOH C 3 .   ? -9.542  0.195   8.342   1.00 50.89 ? 2044 HOH A O   1 
HETATM 923 O O   . HOH C 3 .   ? -3.578  5.555   -20.933 1.00 41.95 ? 2045 HOH A O   1 
HETATM 924 O O   . HOH C 3 .   ? 1.256   8.480   -7.125  1.00 36.49 ? 2046 HOH A O   1 
HETATM 925 O O   . HOH C 3 .   ? -11.548 -9.544  4.130   1.00 36.76 ? 2047 HOH A O   1 
HETATM 926 O O   . HOH C 3 .   ? 14.063  -6.205  1.747   1.00 49.03 ? 2048 HOH A O   1 
HETATM 927 O O   . HOH C 3 .   ? -5.122  -5.147  -18.976 1.00 49.51 ? 2049 HOH A O   1 
# 
